data_9DL5
#
_entry.id   9DL5
#
_cell.length_a   100.538
_cell.length_b   101.077
_cell.length_c   125.757
_cell.angle_alpha   90.00
_cell.angle_beta   106.31
_cell.angle_gamma   90.00
#
_symmetry.space_group_name_H-M   'P 1 21 1'
#
loop_
_entity.id
_entity.type
_entity.pdbx_description
1 polymer 'Bifunctional protein PutA'
2 non-polymer 'FLAVIN-ADENINE DINUCLEOTIDE'
3 non-polymer 'TRIETHYLENE GLYCOL'
4 non-polymer 'FORMIC ACID'
5 non-polymer DI(HYDROXYETHYL)ETHER
6 non-polymer 'TETRAETHYLENE GLYCOL'
7 non-polymer 5-chloro-2,3-dihydro-1H-inden-1-one
8 non-polymer 'SULFATE ION'
9 water water
#
_entity_poly.entity_id   1
_entity_poly.type   'polypeptide(L)'
_entity_poly.pdbx_seq_one_letter_code
;SMMSPNPLQKPAIDAAPAPFADFAPPVRPQSTLRRAITAAYRRPETECLPPLVEAATQSKEIRDAAASTARKLIEALRGK
HSGSGVEGLVQEYSLSSQEGVALMCLAEALLRIPDTATRDALIRDKIADGNWKSHLGGSRSLFVNAATWGLVVTGKLTST
VNDRSLAAALTRLISRCGEPVIRRGVDMAMRMMGEQFVTGETIREALKRSKELEEKGFSYSYDMLGEAATTAADAERYYR
DYESAIHAIGKASAGRGIYEGPGISIKLSALHPRYSRAQAARVMGELLPRVKALALLAKNYDIGLNIDAEEADRLELSLD
LLEVLCLDGDLSGWNGMGFVVQAYGKRCPFVLDFIIDLARRSGRRIMVRLVKGAYWDAEIKRAQLDGLADFPVFTRKIHT
DVSYIACAAKLLAATDVVFPQFATHNAQTLAAIYHMAGKDFHVGKYEFQCLHGMGEPLYEEVVGRGKLDRPCRIYAPVGT
HETLLAYLVRRLLENGANSSFVHRINDPKVSIDELIADPVEVVRAMPVVGAKHDRIALPAELFGDARTNSAGLDLSNEET
LASLTEALRESAAMKWTALPQLATGPAAGETRTVLNPGDHRDVVGSVTETSEEDARRAVRLAADAAPDWAAVPPSERAAC
LDRAAELMQARMPTLLGLIIREAGKSALNAIAEVREAIDFLRYYAEQTRRTLGPGHGPLGPIVCISPWNFPLAIFTGQIA
AALVAGNPVLAKPAEETPLIAAEGVRILREAGIPASALQLLPGDGRVGAALVAAAETAGVMFTGSTEVARLIQAQLADRL
SPAGRPIPLIAETGGQNAMIVDSSALAEQVVGDVITSAFDSAGQRCSALRVLCLQEDVADRILTMLKGALHELHIGRTDR
LSVDVGPVITSEAKDNIEKHIERMRGLGRKVEQIGLASETGVGTFVPPTIIELEKLSDLQREVFGPVLHVIRYRRDDLDR
LVDDVNATGYGLTFGLHTRLDETIAHVTSRIKAGNLYINRNIIGAVVGVQPFGGRGLSGTGPKAGGPLYLGRLVTTAPVP
PQHSSVHTDPVLLDFAKWLDGKGARAEAEAARNAGSSSALGLDLELPGPVGERNLYTLHARGRILLVPATESGLYHQLAA
ALATGNSVAIDAASGLQASLKNLPQTVGLRVSWSKDWAADGPFAGALVEGDAERIRAVNKAIAALPGPLLLVQAASSGEI
ARNPDAYCLNWLVEEVSASINTAAAGGNASLMAIG
;
_entity_poly.pdbx_strand_id   A,B
#
loop_
_chem_comp.id
_chem_comp.type
_chem_comp.name
_chem_comp.formula
A1BDA non-polymer 5-chloro-2,3-dihydro-1H-inden-1-one 'C9 H7 Cl O'
FAD non-polymer 'FLAVIN-ADENINE DINUCLEOTIDE' 'C27 H33 N9 O15 P2'
FMT non-polymer 'FORMIC ACID' 'C H2 O2'
PEG non-polymer DI(HYDROXYETHYL)ETHER 'C4 H10 O3'
PG4 non-polymer 'TETRAETHYLENE GLYCOL' 'C8 H18 O5'
PGE non-polymer 'TRIETHYLENE GLYCOL' 'C6 H14 O4'
SO4 non-polymer 'SULFATE ION' 'O4 S -2'
#
# COMPACT_ATOMS: atom_id res chain seq x y z
N ALA A 16 -6.56 15.53 -58.20
CA ALA A 16 -5.96 15.51 -56.87
C ALA A 16 -6.70 16.45 -55.93
N PRO A 17 -7.41 15.90 -54.94
CA PRO A 17 -8.14 16.75 -54.01
C PRO A 17 -7.18 17.62 -53.21
N ALA A 18 -7.56 18.88 -53.03
CA ALA A 18 -6.72 19.82 -52.31
C ALA A 18 -6.54 19.33 -50.87
N PRO A 19 -5.33 19.36 -50.33
CA PRO A 19 -5.12 18.79 -48.99
C PRO A 19 -5.96 19.52 -47.96
N PHE A 20 -6.66 18.74 -47.14
CA PHE A 20 -7.45 19.22 -46.00
C PHE A 20 -8.66 20.02 -46.41
N ALA A 21 -9.01 20.04 -47.70
CA ALA A 21 -10.18 20.80 -48.12
C ALA A 21 -11.47 20.18 -47.57
N ASP A 22 -11.44 18.92 -47.18
CA ASP A 22 -12.60 18.24 -46.63
C ASP A 22 -12.26 17.59 -45.30
N PHE A 23 -11.46 18.29 -44.49
CA PHE A 23 -10.90 17.68 -43.28
C PHE A 23 -12.01 17.27 -42.31
N ALA A 24 -12.85 18.21 -41.91
CA ALA A 24 -13.90 17.92 -40.93
C ALA A 24 -15.04 18.92 -41.04
N PRO A 25 -15.68 19.02 -42.19
CA PRO A 25 -16.80 19.95 -42.34
C PRO A 25 -17.91 19.59 -41.36
N PRO A 26 -18.51 20.56 -40.69
CA PRO A 26 -19.57 20.26 -39.73
C PRO A 26 -20.82 19.77 -40.44
N VAL A 27 -21.67 19.09 -39.68
CA VAL A 27 -22.92 18.57 -40.24
C VAL A 27 -23.78 19.71 -40.77
N ARG A 28 -23.75 20.85 -40.09
CA ARG A 28 -24.47 22.03 -40.56
C ARG A 28 -23.74 23.27 -40.05
N PRO A 29 -23.98 24.43 -40.67
CA PRO A 29 -23.44 25.68 -40.11
C PRO A 29 -23.91 25.84 -38.67
N GLN A 30 -22.99 26.28 -37.83
CA GLN A 30 -23.23 26.37 -36.39
C GLN A 30 -24.00 27.65 -36.10
N SER A 31 -25.24 27.50 -35.64
CA SER A 31 -26.05 28.64 -35.24
C SER A 31 -25.46 29.32 -34.01
N THR A 32 -25.96 30.52 -33.73
CA THR A 32 -25.57 31.21 -32.50
C THR A 32 -25.76 30.32 -31.29
N LEU A 33 -26.90 29.64 -31.21
CA LEU A 33 -27.17 28.78 -30.07
C LEU A 33 -26.22 27.60 -30.03
N ARG A 34 -25.89 27.03 -31.19
CA ARG A 34 -24.93 25.93 -31.22
C ARG A 34 -23.53 26.41 -30.82
N ARG A 35 -23.13 27.61 -31.27
CA ARG A 35 -21.80 28.09 -30.90
C ARG A 35 -21.71 28.37 -29.41
N ALA A 36 -22.82 28.76 -28.78
CA ALA A 36 -22.79 29.02 -27.35
C ALA A 36 -22.59 27.73 -26.57
N ILE A 37 -23.14 26.62 -27.09
CA ILE A 37 -22.86 25.32 -26.52
C ILE A 37 -21.36 25.02 -26.59
N THR A 38 -20.80 25.11 -27.80
CA THR A 38 -19.40 24.74 -27.99
C THR A 38 -18.48 25.61 -27.15
N ALA A 39 -18.81 26.90 -27.02
CA ALA A 39 -17.97 27.81 -26.23
C ALA A 39 -17.87 27.37 -24.77
N ALA A 40 -18.91 26.70 -24.25
CA ALA A 40 -18.97 26.27 -22.85
C ALA A 40 -18.29 24.94 -22.60
N TYR A 41 -17.90 24.22 -23.66
CA TYR A 41 -17.42 22.84 -23.57
C TYR A 41 -16.48 22.62 -22.38
N ARG A 42 -15.42 23.43 -22.28
CA ARG A 42 -14.42 23.26 -21.24
C ARG A 42 -14.22 24.56 -20.47
N ARG A 43 -15.28 25.32 -20.32
CA ARG A 43 -15.20 26.59 -19.60
C ARG A 43 -14.74 26.35 -18.18
N PRO A 44 -13.83 27.17 -17.66
CA PRO A 44 -13.36 26.99 -16.27
C PRO A 44 -14.52 26.91 -15.30
N GLU A 45 -14.34 26.08 -14.28
CA GLU A 45 -15.43 25.82 -13.34
C GLU A 45 -15.83 27.07 -12.59
N THR A 46 -14.85 27.94 -12.26
CA THR A 46 -15.14 29.19 -11.57
C THR A 46 -15.98 30.14 -12.41
N GLU A 47 -15.96 29.99 -13.72
CA GLU A 47 -16.80 30.80 -14.59
C GLU A 47 -18.16 30.19 -14.82
N CYS A 48 -18.28 28.85 -14.76
CA CYS A 48 -19.58 28.21 -14.95
C CYS A 48 -20.50 28.44 -13.76
N LEU A 49 -19.95 28.40 -12.54
CA LEU A 49 -20.81 28.27 -11.39
C LEU A 49 -21.60 29.53 -11.01
N PRO A 50 -21.05 30.74 -11.08
CA PRO A 50 -21.82 31.92 -10.63
C PRO A 50 -23.17 32.05 -11.33
N PRO A 51 -23.24 31.96 -12.67
CA PRO A 51 -24.58 32.05 -13.29
C PRO A 51 -25.50 30.91 -12.90
N LEU A 52 -24.97 29.73 -12.59
CA LEU A 52 -25.82 28.64 -12.12
C LEU A 52 -26.33 28.92 -10.71
N VAL A 53 -25.45 29.37 -9.82
CA VAL A 53 -25.89 29.83 -8.50
C VAL A 53 -27.03 30.84 -8.66
N GLU A 54 -26.85 31.83 -9.53
CA GLU A 54 -27.88 32.87 -9.65
C GLU A 54 -29.19 32.27 -10.18
N ALA A 55 -29.10 31.35 -11.15
CA ALA A 55 -30.29 30.77 -11.73
C ALA A 55 -31.01 29.84 -10.76
N ALA A 56 -30.26 29.19 -9.87
CA ALA A 56 -30.81 28.22 -8.94
C ALA A 56 -31.29 28.86 -7.64
N THR A 57 -31.11 30.17 -7.49
CA THR A 57 -31.47 30.85 -6.25
C THR A 57 -32.99 30.89 -6.09
N GLN A 58 -33.46 30.55 -4.90
CA GLN A 58 -34.88 30.62 -4.58
C GLN A 58 -35.06 31.40 -3.28
N SER A 59 -36.29 31.82 -3.03
CA SER A 59 -36.60 32.65 -1.88
C SER A 59 -36.31 31.90 -0.57
N LYS A 60 -36.17 32.67 0.51
CA LYS A 60 -36.02 32.05 1.83
C LYS A 60 -37.20 31.16 2.14
N GLU A 61 -38.42 31.62 1.85
CA GLU A 61 -39.61 30.83 2.12
C GLU A 61 -39.58 29.51 1.36
N ILE A 62 -39.25 29.54 0.08
CA ILE A 62 -39.18 28.31 -0.70
C ILE A 62 -38.06 27.41 -0.19
N ARG A 63 -36.92 27.99 0.18
CA ARG A 63 -35.82 27.19 0.68
C ARG A 63 -36.19 26.48 1.98
N ASP A 64 -36.93 27.17 2.85
CA ASP A 64 -37.43 26.53 4.07
C ASP A 64 -38.45 25.45 3.74
N ALA A 65 -39.38 25.74 2.83
CA ALA A 65 -40.36 24.74 2.45
C ALA A 65 -39.70 23.51 1.83
N ALA A 66 -38.67 23.73 1.02
CA ALA A 66 -37.96 22.62 0.37
C ALA A 66 -37.20 21.78 1.39
N ALA A 67 -36.50 22.44 2.33
CA ALA A 67 -35.79 21.70 3.36
C ALA A 67 -36.76 20.86 4.20
N SER A 68 -37.96 21.37 4.43
CA SER A 68 -38.96 20.63 5.20
C SER A 68 -39.48 19.43 4.42
N THR A 69 -39.77 19.62 3.13
CA THR A 69 -40.21 18.50 2.30
C THR A 69 -39.11 17.46 2.17
N ALA A 70 -37.86 17.89 1.98
CA ALA A 70 -36.76 16.94 1.87
C ALA A 70 -36.56 16.16 3.17
N ARG A 71 -36.69 16.86 4.30
CA ARG A 71 -36.63 16.17 5.59
C ARG A 71 -37.72 15.12 5.68
N LYS A 72 -38.96 15.48 5.32
CA LYS A 72 -40.07 14.54 5.39
C LYS A 72 -39.83 13.33 4.51
N LEU A 73 -39.31 13.55 3.29
CA LEU A 73 -39.02 12.43 2.40
C LEU A 73 -37.93 11.53 2.98
N ILE A 74 -36.88 12.14 3.52
CA ILE A 74 -35.75 11.35 4.02
C ILE A 74 -36.13 10.60 5.28
N GLU A 75 -36.96 11.22 6.14
CA GLU A 75 -37.47 10.53 7.31
C GLU A 75 -38.29 9.31 6.90
N ALA A 76 -39.15 9.46 5.88
CA ALA A 76 -39.86 8.32 5.33
C ALA A 76 -38.89 7.25 4.83
N LEU A 77 -37.88 7.66 4.07
CA LEU A 77 -36.94 6.71 3.48
C LEU A 77 -36.22 5.91 4.57
N ARG A 78 -35.69 6.59 5.57
CA ARG A 78 -34.93 5.93 6.61
C ARG A 78 -35.81 5.14 7.57
N GLY A 79 -37.12 5.35 7.53
CA GLY A 79 -38.03 4.60 8.37
C GLY A 79 -38.66 3.43 7.65
N LYS A 80 -38.07 3.04 6.53
CA LYS A 80 -38.52 1.85 5.81
C LYS A 80 -37.32 1.13 5.22
N GLY A 85 -31.43 -7.35 2.28
CA GLY A 85 -31.46 -8.47 1.35
C GLY A 85 -30.18 -9.29 1.44
N VAL A 86 -29.18 -8.93 0.64
CA VAL A 86 -27.87 -9.59 0.72
C VAL A 86 -27.31 -9.47 2.12
N GLU A 87 -27.58 -8.35 2.80
CA GLU A 87 -27.03 -8.15 4.14
C GLU A 87 -27.64 -9.11 5.14
N GLY A 88 -28.92 -9.44 4.99
CA GLY A 88 -29.51 -10.42 5.87
C GLY A 88 -28.96 -11.81 5.65
N LEU A 89 -28.61 -12.13 4.40
CA LEU A 89 -27.99 -13.41 4.10
C LEU A 89 -26.61 -13.51 4.75
N VAL A 90 -25.79 -12.48 4.57
CA VAL A 90 -24.48 -12.41 5.19
C VAL A 90 -24.59 -12.57 6.71
N GLN A 91 -25.58 -11.91 7.31
CA GLN A 91 -25.78 -12.02 8.75
C GLN A 91 -26.23 -13.42 9.15
N GLU A 92 -27.21 -13.98 8.42
CA GLU A 92 -27.77 -15.26 8.83
C GLU A 92 -26.73 -16.38 8.81
N TYR A 93 -25.80 -16.33 7.85
CA TYR A 93 -24.79 -17.37 7.73
C TYR A 93 -23.41 -16.91 8.15
N SER A 94 -23.31 -15.74 8.78
CA SER A 94 -22.03 -15.23 9.31
C SER A 94 -20.96 -15.20 8.21
N LEU A 95 -21.37 -14.75 7.03
CA LEU A 95 -20.46 -14.72 5.89
C LEU A 95 -19.51 -13.54 6.01
N SER A 96 -18.25 -13.78 5.67
CA SER A 96 -17.35 -12.68 5.40
C SER A 96 -17.77 -12.02 4.09
N SER A 97 -17.21 -10.84 3.84
CA SER A 97 -17.47 -10.15 2.57
C SER A 97 -17.06 -11.01 1.39
N GLN A 98 -15.88 -11.64 1.45
CA GLN A 98 -15.45 -12.45 0.32
C GLN A 98 -16.37 -13.65 0.13
N GLU A 99 -16.83 -14.24 1.23
CA GLU A 99 -17.79 -15.34 1.14
C GLU A 99 -19.09 -14.89 0.51
N GLY A 100 -19.59 -13.71 0.89
CA GLY A 100 -20.80 -13.22 0.27
C GLY A 100 -20.66 -13.02 -1.23
N VAL A 101 -19.53 -12.42 -1.65
CA VAL A 101 -19.26 -12.24 -3.08
C VAL A 101 -19.15 -13.60 -3.76
N ALA A 102 -18.39 -14.52 -3.16
CA ALA A 102 -18.19 -15.83 -3.78
C ALA A 102 -19.50 -16.59 -3.90
N LEU A 103 -20.34 -16.50 -2.87
CA LEU A 103 -21.66 -17.12 -2.90
C LEU A 103 -22.50 -16.56 -4.04
N MET A 104 -22.50 -15.23 -4.22
CA MET A 104 -23.30 -14.65 -5.29
C MET A 104 -22.76 -15.07 -6.65
N CYS A 105 -21.43 -15.20 -6.79
CA CYS A 105 -20.87 -15.70 -8.05
C CYS A 105 -21.30 -17.13 -8.31
N LEU A 106 -21.28 -17.97 -7.26
CA LEU A 106 -21.78 -19.33 -7.40
C LEU A 106 -23.24 -19.32 -7.82
N ALA A 107 -24.06 -18.49 -7.17
CA ALA A 107 -25.48 -18.46 -7.46
C ALA A 107 -25.73 -18.03 -8.90
N GLU A 108 -25.00 -17.00 -9.37
CA GLU A 108 -25.09 -16.58 -10.77
C GLU A 108 -24.76 -17.75 -11.71
N ALA A 109 -23.70 -18.48 -11.42
CA ALA A 109 -23.33 -19.62 -12.26
C ALA A 109 -24.41 -20.69 -12.26
N LEU A 110 -24.92 -21.02 -11.07
CA LEU A 110 -26.01 -21.99 -10.96
C LEU A 110 -27.26 -21.55 -11.71
N LEU A 111 -27.49 -20.24 -11.79
CA LEU A 111 -28.63 -19.74 -12.54
C LEU A 111 -28.42 -19.79 -14.05
N ARG A 112 -27.17 -19.97 -14.50
CA ARG A 112 -26.97 -20.25 -15.92
C ARG A 112 -27.45 -21.65 -16.31
N ILE A 113 -27.86 -22.46 -15.34
CA ILE A 113 -28.49 -23.75 -15.59
C ILE A 113 -30.00 -23.50 -15.74
N PRO A 114 -30.58 -23.74 -16.92
CA PRO A 114 -31.99 -23.35 -17.12
C PRO A 114 -32.98 -24.22 -16.37
N ASP A 115 -32.77 -25.53 -16.31
CA ASP A 115 -33.76 -26.45 -15.75
C ASP A 115 -33.63 -26.50 -14.23
N THR A 116 -34.67 -26.05 -13.53
CA THR A 116 -34.61 -25.93 -12.07
C THR A 116 -34.29 -27.27 -11.41
N ALA A 117 -34.99 -28.33 -11.80
CA ALA A 117 -34.69 -29.64 -11.23
C ALA A 117 -33.24 -30.05 -11.49
N THR A 118 -32.72 -29.70 -12.67
CA THR A 118 -31.32 -30.00 -12.98
C THR A 118 -30.38 -29.22 -12.06
N ARG A 119 -30.70 -27.96 -11.82
CA ARG A 119 -29.89 -27.12 -10.93
C ARG A 119 -29.99 -27.60 -9.49
N ASP A 120 -31.21 -27.92 -9.03
CA ASP A 120 -31.40 -28.36 -7.65
C ASP A 120 -30.70 -29.69 -7.42
N ALA A 121 -30.66 -30.56 -8.43
CA ALA A 121 -29.93 -31.81 -8.31
C ALA A 121 -28.43 -31.56 -8.22
N LEU A 122 -27.93 -30.60 -8.99
CA LEU A 122 -26.50 -30.28 -8.93
C LEU A 122 -26.12 -29.76 -7.55
N ILE A 123 -26.95 -28.89 -6.98
CA ILE A 123 -26.67 -28.32 -5.66
C ILE A 123 -26.63 -29.43 -4.62
N ARG A 124 -27.68 -30.25 -4.55
CA ARG A 124 -27.79 -31.27 -3.51
C ARG A 124 -26.70 -32.33 -3.66
N ASP A 125 -26.37 -32.72 -4.90
CA ASP A 125 -25.53 -33.88 -5.13
C ASP A 125 -24.07 -33.53 -5.40
N LYS A 126 -23.77 -32.33 -5.88
CA LYS A 126 -22.38 -32.02 -6.23
C LYS A 126 -21.88 -30.75 -5.56
N ILE A 127 -22.65 -29.67 -5.61
CA ILE A 127 -22.17 -28.39 -5.10
C ILE A 127 -22.07 -28.42 -3.59
N ALA A 128 -23.14 -28.84 -2.91
CA ALA A 128 -23.16 -28.86 -1.46
C ALA A 128 -22.12 -29.80 -0.86
N ASP A 129 -21.53 -30.67 -1.67
CA ASP A 129 -20.49 -31.59 -1.22
C ASP A 129 -19.09 -31.07 -1.52
N GLY A 130 -18.96 -29.81 -1.93
CA GLY A 130 -17.67 -29.18 -2.17
C GLY A 130 -17.21 -29.22 -3.61
N ASN A 131 -17.76 -30.12 -4.43
CA ASN A 131 -17.36 -30.24 -5.83
C ASN A 131 -18.15 -29.21 -6.63
N TRP A 132 -17.62 -27.98 -6.64
CA TRP A 132 -18.26 -26.90 -7.37
C TRP A 132 -17.46 -26.43 -8.58
N LYS A 133 -16.15 -26.68 -8.62
CA LYS A 133 -15.35 -26.26 -9.76
C LYS A 133 -15.51 -27.20 -10.94
N SER A 134 -15.67 -28.50 -10.67
CA SER A 134 -15.78 -29.49 -11.73
C SER A 134 -17.08 -29.40 -12.52
N HIS A 135 -18.11 -28.76 -11.94
CA HIS A 135 -19.43 -28.73 -12.55
C HIS A 135 -19.78 -27.39 -13.19
N LEU A 136 -18.98 -26.35 -12.98
CA LEU A 136 -19.34 -25.01 -13.47
C LEU A 136 -18.14 -24.25 -14.06
N ARG A 140 -14.49 -21.06 -17.91
CA ARG A 140 -14.60 -19.71 -17.36
C ARG A 140 -14.67 -19.72 -15.83
N SER A 141 -13.91 -18.83 -15.21
CA SER A 141 -13.92 -18.70 -13.76
C SER A 141 -15.33 -18.43 -13.24
N LEU A 142 -15.68 -19.04 -12.11
CA LEU A 142 -16.91 -18.70 -11.43
C LEU A 142 -17.00 -17.21 -11.10
N PHE A 143 -15.87 -16.53 -11.01
CA PHE A 143 -15.80 -15.21 -10.41
C PHE A 143 -15.57 -14.11 -11.44
N VAL A 144 -15.91 -14.36 -12.71
CA VAL A 144 -15.68 -13.34 -13.74
C VAL A 144 -16.42 -12.05 -13.42
N ASN A 145 -17.58 -12.13 -12.78
CA ASN A 145 -18.36 -10.94 -12.47
C ASN A 145 -18.28 -10.55 -11.00
N ALA A 146 -17.25 -11.05 -10.30
CA ALA A 146 -17.14 -10.80 -8.87
C ALA A 146 -17.01 -9.32 -8.54
N ALA A 147 -16.45 -8.50 -9.47
CA ALA A 147 -16.35 -7.07 -9.22
C ALA A 147 -17.73 -6.47 -9.02
N THR A 148 -18.70 -6.91 -9.80
CA THR A 148 -20.08 -6.45 -9.66
C THR A 148 -20.67 -6.91 -8.34
N TRP A 149 -20.54 -8.20 -8.03
CA TRP A 149 -21.05 -8.71 -6.76
C TRP A 149 -20.33 -8.08 -5.59
N GLY A 150 -19.04 -7.80 -5.73
CA GLY A 150 -18.33 -7.08 -4.68
C GLY A 150 -18.97 -5.73 -4.40
N LEU A 151 -19.33 -5.01 -5.47
CA LEU A 151 -20.03 -3.74 -5.29
C LEU A 151 -21.35 -3.95 -4.57
N VAL A 152 -22.09 -4.99 -4.98
CA VAL A 152 -23.36 -5.31 -4.33
C VAL A 152 -23.15 -5.61 -2.85
N VAL A 153 -22.15 -6.44 -2.53
CA VAL A 153 -22.01 -6.93 -1.16
C VAL A 153 -21.33 -5.89 -0.28
N THR A 154 -20.30 -5.23 -0.78
CA THR A 154 -19.47 -4.36 0.04
C THR A 154 -19.62 -2.88 -0.26
N GLY A 155 -20.26 -2.52 -1.37
CA GLY A 155 -20.27 -1.12 -1.78
C GLY A 155 -18.95 -0.61 -2.32
N LYS A 156 -17.96 -1.48 -2.49
CA LYS A 156 -16.67 -1.09 -3.02
C LYS A 156 -16.44 -1.75 -4.36
N LEU A 157 -15.74 -1.04 -5.23
CA LEU A 157 -15.45 -1.52 -6.58
C LEU A 157 -13.96 -1.80 -6.69
N THR A 158 -13.62 -2.95 -7.28
CA THR A 158 -12.26 -3.24 -7.71
C THR A 158 -12.31 -3.46 -9.21
N SER A 159 -11.21 -3.16 -9.90
CA SER A 159 -11.19 -3.43 -11.33
C SER A 159 -11.00 -4.92 -11.60
N THR A 160 -10.23 -5.59 -10.75
CA THR A 160 -9.95 -7.00 -10.91
C THR A 160 -10.31 -7.74 -9.63
N VAL A 161 -10.31 -9.06 -9.76
CA VAL A 161 -10.97 -9.97 -8.85
C VAL A 161 -9.89 -10.86 -8.25
N ASN A 162 -9.85 -10.97 -6.92
CA ASN A 162 -8.93 -11.93 -6.31
C ASN A 162 -9.63 -13.28 -6.33
N ASP A 163 -9.44 -14.01 -7.43
CA ASP A 163 -10.15 -15.27 -7.60
C ASP A 163 -9.65 -16.35 -6.65
N ARG A 164 -8.40 -16.26 -6.15
CA ARG A 164 -7.94 -17.25 -5.20
C ARG A 164 -8.59 -17.04 -3.84
N SER A 165 -8.71 -15.78 -3.42
CA SER A 165 -9.45 -15.46 -2.20
C SER A 165 -10.91 -15.90 -2.30
N LEU A 166 -11.55 -15.63 -3.43
CA LEU A 166 -12.95 -16.02 -3.61
C LEU A 166 -13.11 -17.53 -3.64
N ALA A 167 -12.17 -18.23 -4.28
CA ALA A 167 -12.24 -19.69 -4.30
C ALA A 167 -12.06 -20.26 -2.90
N ALA A 168 -11.12 -19.72 -2.14
CA ALA A 168 -10.98 -20.16 -0.75
C ALA A 168 -12.25 -19.90 0.02
N ALA A 169 -12.85 -18.72 -0.18
CA ALA A 169 -14.03 -18.34 0.58
C ALA A 169 -15.21 -19.23 0.21
N LEU A 170 -15.35 -19.58 -1.07
CA LEU A 170 -16.47 -20.41 -1.47
C LEU A 170 -16.33 -21.82 -0.90
N THR A 171 -15.14 -22.39 -1.00
CA THR A 171 -14.88 -23.68 -0.35
C THR A 171 -15.20 -23.60 1.13
N ARG A 172 -14.74 -22.53 1.78
CA ARG A 172 -14.94 -22.40 3.22
C ARG A 172 -16.43 -22.34 3.56
N LEU A 173 -17.19 -21.53 2.81
CA LEU A 173 -18.59 -21.34 3.19
C LEU A 173 -19.40 -22.58 2.87
N ILE A 174 -19.09 -23.28 1.77
CA ILE A 174 -19.83 -24.49 1.47
C ILE A 174 -19.53 -25.58 2.49
N SER A 175 -18.26 -25.73 2.87
CA SER A 175 -17.92 -26.76 3.84
C SER A 175 -18.50 -26.45 5.21
N ARG A 176 -18.69 -25.17 5.53
CA ARG A 176 -19.22 -24.77 6.84
C ARG A 176 -20.74 -24.80 6.88
N CYS A 177 -21.40 -24.34 5.80
CA CYS A 177 -22.84 -24.16 5.80
C CYS A 177 -23.60 -25.09 4.86
N GLY A 178 -22.96 -25.61 3.81
CA GLY A 178 -23.62 -26.62 3.00
C GLY A 178 -24.76 -26.10 2.13
N GLU A 179 -25.64 -27.03 1.77
CA GLU A 179 -26.73 -26.72 0.84
C GLU A 179 -27.59 -25.53 1.24
N PRO A 180 -27.97 -25.33 2.51
CA PRO A 180 -28.87 -24.22 2.82
C PRO A 180 -28.35 -22.86 2.40
N VAL A 181 -27.05 -22.58 2.56
CA VAL A 181 -26.53 -21.28 2.16
C VAL A 181 -26.53 -21.16 0.65
N ILE A 182 -26.31 -22.27 -0.07
CA ILE A 182 -26.33 -22.23 -1.53
C ILE A 182 -27.74 -21.91 -2.02
N ARG A 183 -28.72 -22.61 -1.45
CA ARG A 183 -30.11 -22.36 -1.84
C ARG A 183 -30.50 -20.92 -1.56
N ARG A 184 -30.14 -20.39 -0.39
CA ARG A 184 -30.42 -19.00 -0.08
C ARG A 184 -29.70 -18.05 -1.05
N GLY A 185 -28.45 -18.36 -1.39
CA GLY A 185 -27.75 -17.54 -2.36
C GLY A 185 -28.41 -17.56 -3.72
N VAL A 186 -28.81 -18.76 -4.18
CA VAL A 186 -29.46 -18.88 -5.48
C VAL A 186 -30.75 -18.08 -5.51
N ASP A 187 -31.55 -18.18 -4.45
CA ASP A 187 -32.81 -17.44 -4.43
C ASP A 187 -32.56 -15.93 -4.39
N MET A 188 -31.53 -15.50 -3.66
CA MET A 188 -31.20 -14.09 -3.60
C MET A 188 -30.75 -13.57 -4.96
N ALA A 189 -29.84 -14.30 -5.62
CA ALA A 189 -29.35 -13.84 -6.92
C ALA A 189 -30.46 -13.82 -7.95
N MET A 190 -31.33 -14.83 -7.91
CA MET A 190 -32.43 -14.89 -8.87
C MET A 190 -33.36 -13.69 -8.74
N ARG A 191 -33.68 -13.31 -7.49
CA ARG A 191 -34.51 -12.13 -7.27
C ARG A 191 -33.79 -10.86 -7.69
N MET A 192 -32.48 -10.75 -7.40
CA MET A 192 -31.76 -9.53 -7.72
C MET A 192 -31.59 -9.37 -9.24
N MET A 193 -31.17 -10.43 -9.91
CA MET A 193 -30.88 -10.32 -11.33
C MET A 193 -32.15 -10.34 -12.19
N GLY A 194 -33.22 -10.97 -11.69
CA GLY A 194 -34.43 -11.09 -12.47
C GLY A 194 -35.47 -10.02 -12.18
N GLU A 195 -35.40 -9.40 -10.99
CA GLU A 195 -36.45 -8.50 -10.54
C GLU A 195 -35.98 -7.15 -10.01
N GLN A 196 -34.73 -7.03 -9.56
CA GLN A 196 -34.19 -5.80 -8.97
C GLN A 196 -33.23 -5.06 -9.88
N PHE A 197 -32.31 -5.77 -10.53
CA PHE A 197 -31.43 -5.11 -11.50
C PHE A 197 -32.20 -4.78 -12.77
N VAL A 198 -33.16 -5.61 -13.13
CA VAL A 198 -33.96 -5.41 -14.31
C VAL A 198 -35.42 -5.48 -13.92
N THR A 199 -36.25 -4.76 -14.64
CA THR A 199 -37.68 -4.92 -14.46
C THR A 199 -38.13 -6.27 -15.00
N GLY A 200 -37.50 -6.73 -16.07
CA GLY A 200 -37.82 -8.04 -16.61
C GLY A 200 -36.70 -8.52 -17.51
N GLU A 201 -36.68 -9.82 -17.77
CA GLU A 201 -35.67 -10.37 -18.67
C GLU A 201 -36.01 -10.10 -20.12
N THR A 202 -37.30 -9.96 -20.41
CA THR A 202 -37.80 -9.64 -21.74
C THR A 202 -38.76 -8.48 -21.61
N ILE A 203 -39.03 -7.80 -22.72
CA ILE A 203 -39.98 -6.68 -22.66
C ILE A 203 -41.35 -7.18 -22.26
N ARG A 204 -41.75 -8.37 -22.72
CA ARG A 204 -43.04 -8.90 -22.33
C ARG A 204 -43.13 -9.07 -20.82
N GLU A 205 -42.07 -9.62 -20.21
CA GLU A 205 -42.05 -9.78 -18.77
C GLU A 205 -42.00 -8.44 -18.06
N ALA A 206 -41.19 -7.51 -18.56
CA ALA A 206 -41.12 -6.19 -17.93
C ALA A 206 -42.47 -5.50 -17.95
N LEU A 207 -43.17 -5.59 -19.09
CA LEU A 207 -44.51 -4.99 -19.19
C LEU A 207 -45.48 -5.61 -18.21
N LYS A 208 -45.46 -6.94 -18.08
CA LYS A 208 -46.32 -7.60 -17.11
C LYS A 208 -46.07 -7.08 -15.70
N ARG A 209 -44.80 -6.89 -15.34
CA ARG A 209 -44.49 -6.47 -13.99
C ARG A 209 -44.68 -4.97 -13.76
N SER A 210 -44.96 -4.20 -14.80
CA SER A 210 -45.15 -2.77 -14.65
C SER A 210 -46.57 -2.40 -14.23
N LYS A 211 -47.52 -3.33 -14.39
CA LYS A 211 -48.92 -3.02 -14.10
C LYS A 211 -49.10 -2.54 -12.66
N GLU A 212 -48.36 -3.13 -11.72
CA GLU A 212 -48.57 -2.83 -10.31
C GLU A 212 -48.33 -1.35 -10.01
N LEU A 213 -47.16 -0.83 -10.40
CA LEU A 213 -46.86 0.56 -10.11
C LEU A 213 -47.54 1.52 -11.06
N GLU A 214 -47.93 1.08 -12.25
CA GLU A 214 -48.74 1.95 -13.09
C GLU A 214 -50.11 2.19 -12.46
N GLU A 215 -50.65 1.19 -11.76
CA GLU A 215 -51.93 1.40 -11.10
C GLU A 215 -51.80 2.38 -9.93
N LYS A 216 -50.60 2.51 -9.36
CA LYS A 216 -50.35 3.46 -8.28
C LYS A 216 -49.91 4.83 -8.78
N GLY A 217 -49.84 5.04 -10.09
CA GLY A 217 -49.57 6.35 -10.66
C GLY A 217 -48.19 6.53 -11.26
N PHE A 218 -47.36 5.49 -11.30
CA PHE A 218 -46.09 5.58 -11.98
C PHE A 218 -46.28 5.35 -13.48
N SER A 219 -45.30 5.79 -14.24
CA SER A 219 -45.17 5.39 -15.63
C SER A 219 -43.81 4.77 -15.82
N TYR A 220 -43.53 4.32 -17.05
CA TYR A 220 -42.32 3.56 -17.33
C TYR A 220 -41.65 4.06 -18.60
N SER A 221 -40.31 3.96 -18.61
CA SER A 221 -39.51 4.07 -19.82
C SER A 221 -38.58 2.87 -19.86
N TYR A 222 -38.71 2.02 -20.87
CA TYR A 222 -37.98 0.77 -20.91
C TYR A 222 -36.64 0.95 -21.61
N ASP A 223 -35.61 0.40 -21.01
CA ASP A 223 -34.25 0.45 -21.51
C ASP A 223 -33.88 -0.96 -21.89
N MET A 224 -33.88 -1.25 -23.18
CA MET A 224 -33.34 -2.50 -23.69
C MET A 224 -31.83 -2.43 -23.58
N LEU A 225 -31.27 -3.16 -22.64
CA LEU A 225 -29.86 -3.02 -22.31
C LEU A 225 -29.03 -3.21 -23.57
N GLY A 226 -28.42 -2.12 -24.01
CA GLY A 226 -27.79 -2.05 -25.30
C GLY A 226 -27.03 -0.73 -25.44
N GLU A 227 -25.75 -0.83 -25.76
CA GLU A 227 -24.94 0.35 -26.00
C GLU A 227 -23.63 -0.08 -26.61
N ALA A 228 -22.92 0.90 -27.16
CA ALA A 228 -21.56 0.71 -27.64
C ALA A 228 -21.47 -0.47 -28.60
N ALA A 229 -22.28 -0.44 -29.65
CA ALA A 229 -22.17 -1.46 -30.68
C ALA A 229 -20.75 -1.47 -31.23
N THR A 230 -20.21 -2.67 -31.39
CA THR A 230 -18.86 -2.85 -31.92
C THR A 230 -18.87 -3.18 -33.40
N THR A 231 -19.93 -3.81 -33.88
CA THR A 231 -20.00 -4.27 -35.26
C THR A 231 -21.35 -3.89 -35.85
N ALA A 232 -21.42 -3.94 -37.18
CA ALA A 232 -22.71 -3.76 -37.83
C ALA A 232 -23.74 -4.76 -37.31
N ALA A 233 -23.32 -6.01 -37.11
CA ALA A 233 -24.27 -7.01 -36.65
C ALA A 233 -24.80 -6.68 -35.26
N ASP A 234 -23.94 -6.15 -34.39
CA ASP A 234 -24.39 -5.78 -33.06
C ASP A 234 -25.33 -4.60 -33.13
N ALA A 235 -25.04 -3.64 -34.00
CA ALA A 235 -25.94 -2.50 -34.16
C ALA A 235 -27.30 -2.94 -34.68
N GLU A 236 -27.29 -3.88 -35.63
CA GLU A 236 -28.55 -4.41 -36.16
C GLU A 236 -29.32 -5.18 -35.10
N ARG A 237 -28.61 -5.92 -34.23
CA ARG A 237 -29.26 -6.64 -33.15
C ARG A 237 -29.92 -5.68 -32.16
N TYR A 238 -29.22 -4.62 -31.78
CA TYR A 238 -29.82 -3.63 -30.90
C TYR A 238 -30.99 -2.93 -31.59
N TYR A 239 -30.87 -2.68 -32.89
CA TYR A 239 -31.99 -2.10 -33.62
C TYR A 239 -33.22 -2.97 -33.53
N ARG A 240 -33.08 -4.26 -33.84
CA ARG A 240 -34.28 -5.07 -33.83
C ARG A 240 -34.80 -5.30 -32.40
N ASP A 241 -33.93 -5.24 -31.40
CA ASP A 241 -34.40 -5.24 -30.01
C ASP A 241 -35.25 -4.01 -29.71
N TYR A 242 -34.78 -2.83 -30.13
CA TYR A 242 -35.57 -1.62 -29.94
C TYR A 242 -36.88 -1.68 -30.70
N GLU A 243 -36.82 -2.11 -31.96
CA GLU A 243 -38.02 -2.13 -32.79
C GLU A 243 -39.06 -3.06 -32.20
N SER A 244 -38.62 -4.27 -31.80
CA SER A 244 -39.56 -5.23 -31.21
C SER A 244 -40.11 -4.70 -29.89
N ALA A 245 -39.27 -4.02 -29.10
CA ALA A 245 -39.74 -3.43 -27.85
C ALA A 245 -40.75 -2.32 -28.10
N ILE A 246 -40.53 -1.48 -29.11
CA ILE A 246 -41.49 -0.41 -29.38
C ILE A 246 -42.86 -1.01 -29.68
N HIS A 247 -42.89 -2.09 -30.46
CA HIS A 247 -44.18 -2.73 -30.73
C HIS A 247 -44.81 -3.24 -29.43
N ALA A 248 -44.02 -3.88 -28.57
CA ALA A 248 -44.59 -4.44 -27.35
C ALA A 248 -45.08 -3.34 -26.41
N ILE A 249 -44.28 -2.29 -26.24
CA ILE A 249 -44.66 -1.16 -25.40
C ILE A 249 -45.86 -0.43 -25.99
N GLY A 250 -45.88 -0.24 -27.31
CA GLY A 250 -46.99 0.45 -27.93
C GLY A 250 -48.27 -0.34 -27.85
N LYS A 251 -48.18 -1.67 -28.05
CA LYS A 251 -49.32 -2.54 -27.85
C LYS A 251 -49.87 -2.44 -26.42
N ALA A 252 -48.96 -2.47 -25.45
CA ALA A 252 -49.36 -2.35 -24.04
C ALA A 252 -49.86 -0.95 -23.73
N SER A 253 -49.23 0.07 -24.32
CA SER A 253 -49.67 1.44 -24.04
C SER A 253 -51.15 1.61 -24.35
N ALA A 254 -51.59 1.04 -25.46
CA ALA A 254 -53.01 0.97 -25.80
C ALA A 254 -53.64 2.36 -25.83
N GLY A 255 -52.95 3.31 -26.44
CA GLY A 255 -53.51 4.65 -26.59
C GLY A 255 -53.43 5.53 -25.37
N ARG A 256 -52.65 5.15 -24.35
CA ARG A 256 -52.51 6.00 -23.17
C ARG A 256 -51.72 7.27 -23.46
N GLY A 257 -51.02 7.35 -24.57
CA GLY A 257 -50.30 8.56 -24.94
C GLY A 257 -48.94 8.66 -24.26
N ILE A 258 -48.27 9.78 -24.51
CA ILE A 258 -46.85 9.85 -24.17
C ILE A 258 -46.61 10.18 -22.71
N TYR A 259 -47.58 10.74 -21.99
CA TYR A 259 -47.35 11.11 -20.61
C TYR A 259 -47.84 10.05 -19.64
N GLU A 260 -49.07 9.57 -19.81
CA GLU A 260 -49.60 8.54 -18.94
C GLU A 260 -49.09 7.15 -19.31
N GLY A 261 -48.78 6.92 -20.58
CA GLY A 261 -48.38 5.61 -21.04
C GLY A 261 -46.87 5.45 -21.08
N PRO A 262 -46.43 4.20 -21.26
CA PRO A 262 -45.00 3.90 -21.20
C PRO A 262 -44.29 4.35 -22.46
N GLY A 263 -42.97 4.51 -22.32
CA GLY A 263 -42.13 4.87 -23.43
C GLY A 263 -40.88 4.00 -23.48
N ILE A 264 -39.95 4.34 -24.38
CA ILE A 264 -38.72 3.60 -24.57
C ILE A 264 -37.57 4.59 -24.52
N SER A 265 -36.41 4.10 -24.07
CA SER A 265 -35.18 4.89 -24.09
C SER A 265 -34.16 4.14 -24.93
N ILE A 266 -33.44 4.88 -25.79
CA ILE A 266 -32.45 4.28 -26.67
C ILE A 266 -31.12 4.99 -26.49
N LYS A 267 -30.05 4.30 -26.84
CA LYS A 267 -28.73 4.86 -26.86
C LYS A 267 -28.24 4.87 -28.31
N LEU A 268 -27.82 6.04 -28.78
CA LEU A 268 -27.38 6.13 -30.15
C LEU A 268 -26.16 5.26 -30.41
N SER A 269 -25.30 5.09 -29.40
CA SER A 269 -24.13 4.25 -29.57
C SER A 269 -24.50 2.79 -29.81
N ALA A 270 -25.72 2.38 -29.46
CA ALA A 270 -26.17 1.01 -29.74
C ALA A 270 -26.51 0.80 -31.20
N LEU A 271 -26.76 1.87 -31.94
CA LEU A 271 -27.36 1.78 -33.26
C LEU A 271 -26.36 1.97 -34.38
N HIS A 272 -25.11 2.25 -34.06
CA HIS A 272 -24.11 2.35 -35.09
C HIS A 272 -22.78 2.06 -34.43
N PRO A 273 -21.91 1.24 -35.05
CA PRO A 273 -20.63 0.94 -34.41
C PRO A 273 -19.61 2.05 -34.50
N ARG A 274 -19.86 3.10 -35.29
CA ARG A 274 -18.94 4.22 -35.39
C ARG A 274 -19.65 5.51 -35.08
N TYR A 275 -20.26 5.59 -33.90
CA TYR A 275 -21.01 6.78 -33.49
C TYR A 275 -20.02 7.76 -32.88
N SER A 276 -19.50 8.68 -33.70
CA SER A 276 -18.54 9.67 -33.21
C SER A 276 -18.53 10.85 -34.17
N ARG A 277 -18.03 11.99 -33.65
CA ARG A 277 -17.88 13.17 -34.48
C ARG A 277 -16.98 12.90 -35.69
N ALA A 278 -15.91 12.13 -35.49
CA ALA A 278 -15.01 11.86 -36.61
C ALA A 278 -15.73 11.16 -37.74
N GLN A 279 -16.78 10.39 -37.41
CA GLN A 279 -17.56 9.65 -38.40
C GLN A 279 -18.92 10.30 -38.64
N ALA A 280 -18.97 11.63 -38.59
CA ALA A 280 -20.25 12.31 -38.56
C ALA A 280 -21.04 12.04 -39.84
N ALA A 281 -20.35 11.93 -40.98
CA ALA A 281 -21.04 11.67 -42.24
C ALA A 281 -21.74 10.32 -42.20
N ARG A 282 -21.05 9.29 -41.68
CA ARG A 282 -21.71 7.99 -41.56
C ARG A 282 -22.83 8.03 -40.54
N VAL A 283 -22.65 8.81 -39.48
CA VAL A 283 -23.70 8.92 -38.46
C VAL A 283 -24.96 9.53 -39.05
N MET A 284 -24.82 10.64 -39.78
CA MET A 284 -25.99 11.25 -40.39
C MET A 284 -26.59 10.40 -41.51
N GLY A 285 -25.74 9.69 -42.25
CA GLY A 285 -26.21 8.90 -43.36
C GLY A 285 -26.76 7.54 -42.98
N GLU A 286 -26.28 6.97 -41.88
CA GLU A 286 -26.64 5.58 -41.56
C GLU A 286 -27.33 5.42 -40.23
N LEU A 287 -26.89 6.16 -39.22
CA LEU A 287 -27.51 6.09 -37.90
C LEU A 287 -28.84 6.86 -37.88
N LEU A 288 -28.85 8.09 -38.39
CA LEU A 288 -30.05 8.90 -38.36
C LEU A 288 -31.26 8.21 -39.00
N PRO A 289 -31.16 7.58 -40.18
CA PRO A 289 -32.35 6.89 -40.71
C PRO A 289 -32.85 5.80 -39.78
N ARG A 290 -31.96 5.16 -39.04
CA ARG A 290 -32.41 4.12 -38.12
C ARG A 290 -33.17 4.73 -36.96
N VAL A 291 -32.67 5.84 -36.40
CA VAL A 291 -33.43 6.50 -35.34
C VAL A 291 -34.77 6.98 -35.86
N LYS A 292 -34.78 7.55 -37.07
CA LYS A 292 -36.05 7.97 -37.66
C LYS A 292 -37.03 6.81 -37.77
N ALA A 293 -36.56 5.63 -38.20
CA ALA A 293 -37.47 4.50 -38.34
C ALA A 293 -38.06 4.11 -37.00
N LEU A 294 -37.24 4.09 -35.95
CA LEU A 294 -37.77 3.76 -34.63
C LEU A 294 -38.73 4.85 -34.14
N ALA A 295 -38.38 6.12 -34.37
CA ALA A 295 -39.27 7.20 -33.98
C ALA A 295 -40.60 7.13 -34.73
N LEU A 296 -40.56 6.77 -36.02
CA LEU A 296 -41.82 6.62 -36.76
C LEU A 296 -42.71 5.57 -36.14
N LEU A 297 -42.11 4.47 -35.64
CA LEU A 297 -42.89 3.45 -34.98
C LEU A 297 -43.42 3.95 -33.64
N ALA A 298 -42.60 4.69 -32.88
CA ALA A 298 -43.09 5.24 -31.62
C ALA A 298 -44.20 6.23 -31.88
N LYS A 299 -44.08 7.02 -32.94
CA LYS A 299 -45.15 7.93 -33.34
C LYS A 299 -46.45 7.17 -33.59
N ASN A 300 -46.38 6.06 -34.32
CA ASN A 300 -47.60 5.33 -34.66
CA ASN A 300 -47.64 5.41 -34.65
C ASN A 300 -48.32 4.83 -33.42
N TYR A 301 -47.58 4.43 -32.39
CA TYR A 301 -48.19 4.00 -31.15
C TYR A 301 -48.40 5.14 -30.16
N ASP A 302 -47.88 6.32 -30.47
CA ASP A 302 -47.91 7.48 -29.58
C ASP A 302 -47.32 7.16 -28.21
N ILE A 303 -46.09 6.66 -28.23
CA ILE A 303 -45.33 6.44 -27.00
C ILE A 303 -44.11 7.36 -27.02
N GLY A 304 -43.51 7.53 -25.85
CA GLY A 304 -42.29 8.31 -25.77
C GLY A 304 -41.10 7.52 -26.30
N LEU A 305 -40.20 8.23 -26.96
CA LEU A 305 -38.93 7.68 -27.40
C LEU A 305 -37.85 8.65 -26.98
N ASN A 306 -37.05 8.25 -25.98
CA ASN A 306 -36.05 9.14 -25.39
C ASN A 306 -34.66 8.73 -25.87
N ILE A 307 -33.88 9.73 -26.26
CA ILE A 307 -32.46 9.50 -26.59
C ILE A 307 -31.63 9.72 -25.33
N ASP A 308 -31.06 8.64 -24.81
CA ASP A 308 -30.19 8.71 -23.64
C ASP A 308 -28.92 9.50 -23.97
N ALA A 309 -28.36 10.15 -22.95
CA ALA A 309 -27.13 10.94 -23.13
C ALA A 309 -25.93 10.11 -22.72
N GLU A 310 -24.86 10.19 -23.51
CA GLU A 310 -23.71 9.33 -23.26
C GLU A 310 -22.48 10.18 -23.02
N GLU A 311 -21.35 9.86 -23.67
CA GLU A 311 -20.12 10.58 -23.35
C GLU A 311 -20.18 12.02 -23.82
N ALA A 312 -19.38 12.88 -23.18
CA ALA A 312 -19.40 14.29 -23.51
C ALA A 312 -19.04 14.55 -24.97
N ASP A 313 -18.19 13.71 -25.57
CA ASP A 313 -17.79 13.97 -26.96
C ASP A 313 -18.84 13.55 -27.96
N ARG A 314 -19.99 13.04 -27.49
CA ARG A 314 -21.12 12.74 -28.35
C ARG A 314 -22.28 13.71 -28.17
N LEU A 315 -22.23 14.58 -27.17
CA LEU A 315 -23.34 15.52 -26.93
C LEU A 315 -23.71 16.29 -28.19
N GLU A 316 -22.77 17.08 -28.72
CA GLU A 316 -23.18 17.99 -29.78
C GLU A 316 -23.53 17.24 -31.06
N LEU A 317 -22.84 16.12 -31.35
CA LEU A 317 -23.25 15.28 -32.46
C LEU A 317 -24.71 14.82 -32.32
N SER A 318 -25.12 14.44 -31.11
CA SER A 318 -26.49 13.97 -30.91
C SER A 318 -27.48 15.10 -31.16
N LEU A 319 -27.06 16.35 -30.94
CA LEU A 319 -27.95 17.49 -31.23
C LEU A 319 -28.25 17.58 -32.72
N ASP A 320 -27.29 17.22 -33.57
CA ASP A 320 -27.56 17.25 -35.00
C ASP A 320 -28.63 16.23 -35.36
N LEU A 321 -28.60 15.06 -34.72
CA LEU A 321 -29.65 14.08 -34.96
C LEU A 321 -30.98 14.58 -34.43
N LEU A 322 -30.97 15.11 -33.21
CA LEU A 322 -32.19 15.67 -32.63
C LEU A 322 -32.79 16.72 -33.55
N GLU A 323 -31.97 17.60 -34.09
CA GLU A 323 -32.48 18.70 -34.93
CA GLU A 323 -32.51 18.68 -34.90
C GLU A 323 -33.13 18.15 -36.19
N VAL A 324 -32.44 17.23 -36.89
CA VAL A 324 -33.02 16.67 -38.11
C VAL A 324 -34.35 15.99 -37.79
N LEU A 325 -34.37 15.17 -36.72
CA LEU A 325 -35.58 14.43 -36.38
C LEU A 325 -36.74 15.39 -36.08
N CYS A 326 -36.48 16.43 -35.27
CA CYS A 326 -37.57 17.32 -34.89
C CYS A 326 -38.08 18.17 -36.05
N LEU A 327 -37.26 18.36 -37.08
CA LEU A 327 -37.67 19.11 -38.26
C LEU A 327 -38.19 18.22 -39.38
N ASP A 328 -38.13 16.90 -39.20
CA ASP A 328 -38.57 15.95 -40.23
C ASP A 328 -40.10 15.86 -40.20
N GLY A 329 -40.73 16.29 -41.28
CA GLY A 329 -42.19 16.30 -41.33
C GLY A 329 -42.84 14.94 -41.20
N ASP A 330 -42.12 13.87 -41.54
CA ASP A 330 -42.67 12.53 -41.37
C ASP A 330 -42.99 12.21 -39.92
N LEU A 331 -42.34 12.90 -38.99
CA LEU A 331 -42.53 12.68 -37.56
C LEU A 331 -43.52 13.68 -36.95
N SER A 332 -44.18 14.48 -37.79
CA SER A 332 -45.05 15.53 -37.26
C SER A 332 -46.26 14.92 -36.57
N GLY A 333 -46.83 15.66 -35.62
CA GLY A 333 -48.03 15.23 -34.93
C GLY A 333 -47.76 14.35 -33.72
N TRP A 334 -46.50 14.12 -33.41
CA TRP A 334 -46.10 13.30 -32.28
C TRP A 334 -45.16 14.11 -31.41
N ASN A 335 -45.43 14.16 -30.11
CA ASN A 335 -44.60 14.90 -29.17
C ASN A 335 -43.80 13.96 -28.27
N GLY A 336 -43.64 12.70 -28.69
CA GLY A 336 -42.99 11.72 -27.85
C GLY A 336 -41.47 11.69 -27.93
N MET A 337 -40.86 12.46 -28.83
CA MET A 337 -39.40 12.48 -28.91
CA MET A 337 -39.40 12.47 -28.91
C MET A 337 -38.81 13.10 -27.65
N GLY A 338 -37.87 12.39 -27.03
CA GLY A 338 -37.26 12.85 -25.80
C GLY A 338 -35.74 12.87 -25.93
N PHE A 339 -35.13 13.61 -25.01
CA PHE A 339 -33.69 13.87 -25.10
C PHE A 339 -33.15 14.18 -23.72
N VAL A 340 -32.08 13.49 -23.34
CA VAL A 340 -31.44 13.65 -22.05
C VAL A 340 -30.40 14.76 -22.14
N VAL A 341 -30.35 15.61 -21.11
CA VAL A 341 -29.24 16.54 -20.94
C VAL A 341 -28.66 16.32 -19.54
N GLN A 342 -27.35 16.37 -19.44
CA GLN A 342 -26.64 15.98 -18.23
C GLN A 342 -26.17 17.23 -17.52
N ALA A 343 -26.73 17.45 -16.32
CA ALA A 343 -26.40 18.65 -15.56
C ALA A 343 -24.99 18.62 -15.01
N TYR A 344 -24.30 17.47 -15.01
CA TYR A 344 -22.91 17.56 -14.62
C TYR A 344 -22.04 18.14 -15.72
N GLY A 345 -22.61 18.44 -16.89
CA GLY A 345 -21.85 18.96 -18.01
C GLY A 345 -21.95 20.48 -18.07
N LYS A 346 -20.82 21.11 -18.38
CA LYS A 346 -20.73 22.57 -18.41
C LYS A 346 -21.59 23.18 -19.50
N ARG A 347 -21.98 22.41 -20.50
CA ARG A 347 -22.78 22.93 -21.61
C ARG A 347 -24.28 22.85 -21.34
N CYS A 348 -24.68 22.20 -20.25
CA CYS A 348 -26.09 21.86 -20.03
C CYS A 348 -27.06 23.03 -20.23
N PRO A 349 -26.86 24.20 -19.62
CA PRO A 349 -27.85 25.26 -19.83
C PRO A 349 -27.90 25.76 -21.26
N PHE A 350 -26.77 25.77 -21.95
CA PHE A 350 -26.74 26.18 -23.34
C PHE A 350 -27.35 25.12 -24.24
N VAL A 351 -27.16 23.85 -23.91
CA VAL A 351 -27.89 22.80 -24.60
C VAL A 351 -29.38 22.98 -24.42
N LEU A 352 -29.80 23.30 -23.20
CA LEU A 352 -31.23 23.49 -22.97
C LEU A 352 -31.76 24.68 -23.76
N ASP A 353 -31.02 25.78 -23.81
CA ASP A 353 -31.42 26.90 -24.67
C ASP A 353 -31.64 26.43 -26.10
N PHE A 354 -30.72 25.62 -26.61
CA PHE A 354 -30.84 25.15 -27.99
C PHE A 354 -32.06 24.26 -28.17
N ILE A 355 -32.28 23.32 -27.24
CA ILE A 355 -33.42 22.41 -27.33
C ILE A 355 -34.74 23.16 -27.23
N ILE A 356 -34.84 24.08 -26.28
CA ILE A 356 -36.08 24.86 -26.14
C ILE A 356 -36.36 25.64 -27.41
N ASP A 357 -35.34 26.25 -28.00
CA ASP A 357 -35.53 26.94 -29.27
C ASP A 357 -35.93 25.97 -30.37
N LEU A 358 -35.31 24.78 -30.38
CA LEU A 358 -35.69 23.79 -31.38
C LEU A 358 -37.14 23.36 -31.20
N ALA A 359 -37.57 23.18 -29.95
CA ALA A 359 -38.98 22.89 -29.71
C ALA A 359 -39.88 23.99 -30.26
N ARG A 360 -39.50 25.25 -30.06
CA ARG A 360 -40.30 26.36 -30.59
C ARG A 360 -40.35 26.34 -32.11
N ARG A 361 -39.20 26.17 -32.76
CA ARG A 361 -39.13 26.18 -34.21
C ARG A 361 -39.91 25.02 -34.81
N SER A 362 -39.74 23.83 -34.25
CA SER A 362 -40.36 22.64 -34.80
C SER A 362 -41.81 22.52 -34.40
N GLY A 363 -42.23 23.21 -33.34
CA GLY A 363 -43.54 22.99 -32.79
C GLY A 363 -43.71 21.67 -32.08
N ARG A 364 -42.60 20.96 -31.80
CA ARG A 364 -42.65 19.70 -31.09
C ARG A 364 -42.35 19.96 -29.62
N ARG A 365 -43.18 19.41 -28.75
CA ARG A 365 -42.97 19.58 -27.32
C ARG A 365 -41.96 18.52 -26.89
N ILE A 366 -40.68 18.88 -27.00
CA ILE A 366 -39.62 17.91 -26.76
C ILE A 366 -39.61 17.49 -25.31
N MET A 367 -39.53 16.18 -25.07
CA MET A 367 -39.43 15.66 -23.71
C MET A 367 -37.97 15.75 -23.30
N VAL A 368 -37.68 16.50 -22.25
CA VAL A 368 -36.30 16.75 -21.86
C VAL A 368 -36.08 16.09 -20.52
N ARG A 369 -35.28 15.02 -20.50
CA ARG A 369 -34.92 14.37 -19.25
C ARG A 369 -33.67 15.04 -18.71
N LEU A 370 -33.80 15.72 -17.58
CA LEU A 370 -32.66 16.33 -16.91
C LEU A 370 -32.07 15.30 -15.96
N VAL A 371 -30.80 14.97 -16.16
CA VAL A 371 -30.09 14.04 -15.30
C VAL A 371 -28.84 14.74 -14.81
N LYS A 372 -28.19 14.15 -13.81
CA LYS A 372 -26.88 14.67 -13.45
C LYS A 372 -25.82 14.13 -14.41
N GLY A 373 -25.60 12.83 -14.43
CA GLY A 373 -24.78 12.22 -15.47
C GLY A 373 -24.10 10.96 -14.97
N ALA A 374 -23.92 10.00 -15.89
CA ALA A 374 -23.50 8.66 -15.51
C ALA A 374 -22.05 8.34 -15.84
N TYR A 375 -21.32 9.24 -16.48
CA TYR A 375 -20.00 8.89 -17.00
C TYR A 375 -18.88 9.69 -16.34
N TRP A 376 -19.07 10.11 -15.09
CA TRP A 376 -18.18 11.12 -14.52
C TRP A 376 -16.73 10.66 -14.49
N ASP A 377 -16.47 9.47 -13.92
CA ASP A 377 -15.11 8.94 -13.83
C ASP A 377 -14.46 8.87 -15.19
N ALA A 378 -15.20 8.41 -16.19
CA ALA A 378 -14.64 8.24 -17.52
C ALA A 378 -14.30 9.59 -18.12
N GLU A 379 -15.11 10.62 -17.85
CA GLU A 379 -14.84 11.94 -18.42
C GLU A 379 -13.58 12.54 -17.81
N ILE A 380 -13.39 12.36 -16.50
CA ILE A 380 -12.17 12.88 -15.87
C ILE A 380 -10.95 12.23 -16.50
N LYS A 381 -10.97 10.90 -16.61
CA LYS A 381 -9.83 10.18 -17.15
C LYS A 381 -9.56 10.58 -18.59
N ARG A 382 -10.62 10.69 -19.38
CA ARG A 382 -10.44 10.97 -20.80
C ARG A 382 -9.80 12.33 -21.02
N ALA A 383 -10.29 13.34 -20.30
CA ALA A 383 -9.73 14.69 -20.47
C ALA A 383 -8.28 14.74 -20.04
N GLN A 384 -7.92 13.99 -18.99
CA GLN A 384 -6.52 13.94 -18.57
C GLN A 384 -5.67 13.26 -19.63
N LEU A 385 -6.13 12.10 -20.13
CA LEU A 385 -5.37 11.40 -21.17
C LEU A 385 -5.17 12.29 -22.39
N ASP A 386 -6.18 13.05 -22.77
CA ASP A 386 -6.13 13.83 -24.00
C ASP A 386 -5.46 15.18 -23.82
N GLY A 387 -5.01 15.51 -22.61
CA GLY A 387 -4.32 16.77 -22.39
C GLY A 387 -5.15 17.99 -22.75
N LEU A 388 -6.44 17.97 -22.44
CA LEU A 388 -7.32 19.05 -22.87
C LEU A 388 -7.36 20.14 -21.82
N ALA A 389 -7.92 21.29 -22.21
CA ALA A 389 -7.78 22.49 -21.40
C ALA A 389 -8.45 22.32 -20.03
N ASP A 390 -9.52 21.56 -19.97
CA ASP A 390 -10.31 21.45 -18.76
C ASP A 390 -11.26 20.28 -18.98
N PHE A 391 -12.04 19.99 -17.99
CA PHE A 391 -13.01 18.92 -18.08
C PHE A 391 -14.30 19.44 -18.69
N PRO A 392 -15.05 18.56 -19.35
CA PRO A 392 -16.38 18.91 -19.86
C PRO A 392 -17.47 18.66 -18.83
N VAL A 393 -17.09 18.26 -17.63
CA VAL A 393 -18.00 18.06 -16.52
C VAL A 393 -17.44 18.79 -15.31
N PHE A 394 -18.30 19.04 -14.35
CA PHE A 394 -17.84 19.62 -13.09
C PHE A 394 -17.01 18.58 -12.34
N THR A 395 -16.19 19.05 -11.40
CA THR A 395 -15.37 18.15 -10.61
C THR A 395 -15.75 18.10 -9.14
N ARG A 396 -16.66 18.95 -8.70
CA ARG A 396 -17.26 18.85 -7.37
C ARG A 396 -18.71 18.47 -7.51
N LYS A 397 -19.13 17.44 -6.77
CA LYS A 397 -20.50 16.96 -6.86
C LYS A 397 -21.51 18.07 -6.59
N ILE A 398 -21.20 18.95 -5.64
CA ILE A 398 -22.13 20.01 -5.29
C ILE A 398 -22.34 20.95 -6.48
N HIS A 399 -21.35 21.06 -7.36
CA HIS A 399 -21.50 21.88 -8.56
C HIS A 399 -22.54 21.28 -9.49
N THR A 400 -22.50 19.96 -9.68
CA THR A 400 -23.53 19.28 -10.46
C THR A 400 -24.90 19.51 -9.85
N ASP A 401 -25.02 19.48 -8.52
CA ASP A 401 -26.32 19.72 -7.90
C ASP A 401 -26.83 21.13 -8.20
N VAL A 402 -25.95 22.13 -8.10
CA VAL A 402 -26.37 23.50 -8.42
C VAL A 402 -26.73 23.60 -9.89
N SER A 403 -25.90 23.01 -10.74
CA SER A 403 -26.19 23.01 -12.17
C SER A 403 -27.56 22.42 -12.43
N TYR A 404 -27.85 21.27 -11.79
CA TYR A 404 -29.13 20.61 -11.98
C TYR A 404 -30.29 21.53 -11.62
N ILE A 405 -30.21 22.17 -10.44
CA ILE A 405 -31.29 23.03 -10.00
C ILE A 405 -31.42 24.24 -10.91
N ALA A 406 -30.28 24.79 -11.35
CA ALA A 406 -30.30 25.91 -12.27
C ALA A 406 -30.97 25.53 -13.59
N CYS A 407 -30.67 24.34 -14.09
CA CYS A 407 -31.26 23.93 -15.36
C CYS A 407 -32.73 23.56 -15.19
N ALA A 408 -33.11 23.07 -14.01
CA ALA A 408 -34.52 22.84 -13.73
C ALA A 408 -35.30 24.14 -13.79
N ALA A 409 -34.71 25.23 -13.27
CA ALA A 409 -35.38 26.53 -13.35
C ALA A 409 -35.60 26.95 -14.79
N LYS A 410 -34.62 26.70 -15.67
CA LYS A 410 -34.78 27.03 -17.07
C LYS A 410 -35.89 26.20 -17.70
N LEU A 411 -35.91 24.91 -17.39
CA LEU A 411 -36.93 24.03 -17.92
C LEU A 411 -38.32 24.41 -17.43
N LEU A 412 -38.44 24.71 -16.13
CA LEU A 412 -39.75 25.01 -15.58
C LEU A 412 -40.31 26.30 -16.13
N ALA A 413 -39.46 27.17 -16.66
CA ALA A 413 -39.93 28.37 -17.34
C ALA A 413 -40.36 28.11 -18.77
N ALA A 414 -40.26 26.86 -19.25
CA ALA A 414 -40.53 26.55 -20.65
C ALA A 414 -41.47 25.35 -20.78
N THR A 415 -42.30 25.09 -19.77
CA THR A 415 -43.18 23.92 -19.82
C THR A 415 -44.21 24.03 -20.95
N ASP A 416 -44.44 25.22 -21.50
CA ASP A 416 -45.36 25.28 -22.63
C ASP A 416 -44.75 24.67 -23.89
N VAL A 417 -43.42 24.67 -24.02
CA VAL A 417 -42.80 24.20 -25.25
C VAL A 417 -41.96 22.92 -25.07
N VAL A 418 -41.59 22.56 -23.84
CA VAL A 418 -40.90 21.30 -23.59
C VAL A 418 -41.57 20.62 -22.41
N PHE A 419 -41.33 19.33 -22.29
CA PHE A 419 -41.83 18.54 -21.19
C PHE A 419 -40.67 18.16 -20.29
N PRO A 420 -40.44 18.86 -19.19
CA PRO A 420 -39.30 18.52 -18.32
C PRO A 420 -39.54 17.23 -17.57
N GLN A 421 -38.47 16.44 -17.44
CA GLN A 421 -38.50 15.15 -16.76
C GLN A 421 -37.30 15.14 -15.82
N PHE A 422 -37.57 15.26 -14.54
CA PHE A 422 -36.51 15.47 -13.55
C PHE A 422 -36.13 14.11 -12.98
N ALA A 423 -35.07 13.53 -13.54
CA ALA A 423 -34.57 12.23 -13.11
C ALA A 423 -33.60 12.45 -11.96
N THR A 424 -33.99 12.02 -10.76
CA THR A 424 -33.07 12.10 -9.62
C THR A 424 -33.61 11.24 -8.49
N HIS A 425 -32.69 10.66 -7.73
CA HIS A 425 -32.98 9.95 -6.50
C HIS A 425 -32.66 10.78 -5.27
N ASN A 426 -32.21 12.01 -5.47
CA ASN A 426 -31.76 12.88 -4.39
C ASN A 426 -32.98 13.64 -3.87
N ALA A 427 -33.37 13.36 -2.63
CA ALA A 427 -34.57 13.95 -2.06
C ALA A 427 -34.46 15.46 -1.93
N GLN A 428 -33.24 15.98 -1.74
CA GLN A 428 -33.05 17.43 -1.65
C GLN A 428 -33.28 18.07 -3.02
N THR A 429 -32.64 17.51 -4.05
CA THR A 429 -32.86 17.95 -5.42
C THR A 429 -34.35 17.92 -5.77
N LEU A 430 -34.99 16.78 -5.52
CA LEU A 430 -36.43 16.64 -5.75
C LEU A 430 -37.22 17.74 -5.06
N ALA A 431 -36.99 17.92 -3.75
CA ALA A 431 -37.76 18.90 -2.99
C ALA A 431 -37.56 20.31 -3.53
N ALA A 432 -36.33 20.67 -3.89
CA ALA A 432 -36.05 22.00 -4.43
C ALA A 432 -36.88 22.25 -5.68
N ILE A 433 -36.99 21.24 -6.54
CA ILE A 433 -37.70 21.40 -7.81
C ILE A 433 -39.20 21.34 -7.61
N TYR A 434 -39.66 20.47 -6.70
CA TYR A 434 -41.08 20.41 -6.38
C TYR A 434 -41.59 21.78 -5.94
N HIS A 435 -40.84 22.46 -5.07
CA HIS A 435 -41.29 23.78 -4.62
C HIS A 435 -41.01 24.85 -5.67
N MET A 436 -39.93 24.70 -6.44
CA MET A 436 -39.68 25.62 -7.54
C MET A 436 -40.84 25.58 -8.54
N ALA A 437 -41.42 24.40 -8.75
CA ALA A 437 -42.50 24.26 -9.73
C ALA A 437 -43.78 24.94 -9.28
N GLY A 438 -43.97 25.15 -7.98
CA GLY A 438 -45.14 25.84 -7.49
C GLY A 438 -46.38 24.95 -7.51
N LYS A 439 -47.51 25.60 -7.28
CA LYS A 439 -48.75 24.91 -6.95
C LYS A 439 -49.54 24.42 -8.16
N ASP A 440 -49.42 25.09 -9.30
CA ASP A 440 -50.17 24.71 -10.48
C ASP A 440 -49.54 23.49 -11.12
N PHE A 441 -50.28 22.38 -11.15
CA PHE A 441 -49.78 21.17 -11.79
C PHE A 441 -50.90 20.49 -12.56
N HIS A 442 -50.53 19.87 -13.66
CA HIS A 442 -51.41 18.96 -14.38
C HIS A 442 -50.54 17.90 -15.04
N VAL A 443 -51.09 16.70 -15.20
CA VAL A 443 -50.33 15.64 -15.85
C VAL A 443 -49.96 16.08 -17.26
N GLY A 444 -48.67 16.01 -17.58
CA GLY A 444 -48.13 16.54 -18.82
C GLY A 444 -47.36 17.83 -18.66
N LYS A 445 -47.44 18.48 -17.51
CA LYS A 445 -46.67 19.72 -17.33
C LYS A 445 -45.20 19.42 -17.12
N TYR A 446 -44.90 18.50 -16.20
CA TYR A 446 -43.58 17.92 -16.05
C TYR A 446 -43.75 16.60 -15.28
N GLU A 447 -42.66 15.88 -15.12
CA GLU A 447 -42.71 14.68 -14.30
C GLU A 447 -41.35 14.49 -13.66
N PHE A 448 -41.31 13.65 -12.65
CA PHE A 448 -40.04 13.16 -12.15
C PHE A 448 -39.74 11.82 -12.79
N GLN A 449 -38.49 11.37 -12.64
CA GLN A 449 -38.09 10.05 -13.11
C GLN A 449 -37.14 9.43 -12.09
N CYS A 450 -37.10 8.10 -12.10
CA CYS A 450 -36.23 7.36 -11.20
C CYS A 450 -35.88 6.04 -11.86
N LEU A 451 -34.91 5.34 -11.27
CA LEU A 451 -34.49 4.04 -11.76
C LEU A 451 -35.26 2.93 -11.06
N HIS A 452 -35.66 1.94 -11.84
CA HIS A 452 -36.29 0.74 -11.30
C HIS A 452 -35.43 0.13 -10.21
N GLY A 453 -36.09 -0.35 -9.15
CA GLY A 453 -35.38 -1.04 -8.09
C GLY A 453 -34.41 -0.16 -7.33
N MET A 454 -34.61 1.16 -7.38
CA MET A 454 -33.75 2.08 -6.66
C MET A 454 -34.56 3.28 -6.20
N GLY A 455 -35.35 3.86 -7.10
CA GLY A 455 -36.07 5.07 -6.76
C GLY A 455 -37.48 4.91 -6.23
N GLU A 456 -38.08 3.72 -6.33
CA GLU A 456 -39.45 3.56 -5.87
C GLU A 456 -39.65 3.90 -4.40
N PRO A 457 -38.76 3.54 -3.47
CA PRO A 457 -38.99 3.96 -2.08
C PRO A 457 -39.13 5.45 -1.92
N LEU A 458 -38.30 6.22 -2.63
CA LEU A 458 -38.44 7.68 -2.57
C LEU A 458 -39.73 8.12 -3.24
N TYR A 459 -39.99 7.65 -4.45
CA TYR A 459 -41.12 8.18 -5.20
C TYR A 459 -42.45 7.57 -4.77
N GLU A 460 -42.43 6.50 -3.98
CA GLU A 460 -43.66 6.09 -3.28
C GLU A 460 -44.14 7.18 -2.33
N GLU A 461 -43.25 8.07 -1.90
CA GLU A 461 -43.58 9.22 -1.07
C GLU A 461 -43.92 10.46 -1.88
N VAL A 462 -43.96 10.34 -3.22
CA VAL A 462 -44.19 11.47 -4.11
C VAL A 462 -45.44 11.25 -4.96
N VAL A 463 -45.54 10.10 -5.61
CA VAL A 463 -46.65 9.81 -6.50
C VAL A 463 -47.93 9.67 -5.70
N GLY A 464 -49.02 10.18 -6.24
CA GLY A 464 -50.31 9.90 -5.65
C GLY A 464 -50.86 11.10 -4.88
N ARG A 465 -52.19 11.21 -4.88
CA ARG A 465 -52.86 12.33 -4.24
C ARG A 465 -52.56 12.40 -2.75
N GLY A 466 -52.22 11.28 -2.12
CA GLY A 466 -51.92 11.28 -0.71
C GLY A 466 -50.51 11.69 -0.36
N LYS A 467 -49.69 11.96 -1.36
CA LYS A 467 -48.29 12.31 -1.13
C LYS A 467 -48.09 13.71 -1.72
N LEU A 468 -47.16 13.89 -2.64
CA LEU A 468 -46.95 15.18 -3.31
C LEU A 468 -47.73 15.29 -4.60
N ASP A 469 -48.35 14.20 -5.05
CA ASP A 469 -49.22 14.20 -6.23
C ASP A 469 -48.46 14.66 -7.47
N ARG A 470 -47.25 14.16 -7.63
CA ARG A 470 -46.50 14.37 -8.86
C ARG A 470 -46.10 13.03 -9.45
N PRO A 471 -46.21 12.86 -10.76
CA PRO A 471 -45.95 11.55 -11.36
C PRO A 471 -44.46 11.28 -11.44
N CYS A 472 -44.15 10.00 -11.58
CA CYS A 472 -42.76 9.57 -11.72
C CYS A 472 -42.71 8.49 -12.78
N ARG A 473 -41.80 8.64 -13.73
CA ARG A 473 -41.57 7.62 -14.74
C ARG A 473 -40.38 6.78 -14.32
N ILE A 474 -40.58 5.46 -14.29
CA ILE A 474 -39.54 4.53 -13.88
C ILE A 474 -38.75 4.10 -15.10
N TYR A 475 -37.44 4.34 -15.06
CA TYR A 475 -36.52 3.84 -16.08
C TYR A 475 -36.27 2.35 -15.80
N ALA A 476 -36.69 1.50 -16.72
CA ALA A 476 -36.84 0.07 -16.49
C ALA A 476 -35.88 -0.69 -17.39
N PRO A 477 -34.74 -1.14 -16.87
CA PRO A 477 -33.85 -1.96 -17.66
C PRO A 477 -34.51 -3.29 -17.99
N VAL A 478 -34.25 -3.78 -19.19
CA VAL A 478 -34.83 -5.02 -19.67
C VAL A 478 -33.72 -5.84 -20.32
N GLY A 479 -33.55 -7.06 -19.86
CA GLY A 479 -32.62 -7.94 -20.53
C GLY A 479 -32.12 -9.03 -19.62
N THR A 480 -31.23 -9.85 -20.18
CA THR A 480 -30.62 -10.92 -19.42
C THR A 480 -29.16 -10.58 -19.12
N ALA A 497 -20.28 5.09 -4.78
CA ALA A 497 -19.72 6.42 -4.54
C ALA A 497 -20.20 6.98 -3.22
N ASN A 498 -19.25 7.31 -2.33
CA ASN A 498 -19.61 7.87 -1.04
C ASN A 498 -20.29 9.23 -1.15
N SER A 499 -20.14 9.91 -2.29
CA SER A 499 -20.82 11.18 -2.52
C SER A 499 -22.27 11.03 -2.94
N SER A 500 -22.69 9.81 -3.32
CA SER A 500 -24.03 9.60 -3.86
C SER A 500 -25.09 9.69 -2.77
N PHE A 501 -26.24 10.26 -3.13
CA PHE A 501 -27.36 10.31 -2.19
C PHE A 501 -27.75 8.91 -1.74
N VAL A 502 -27.76 7.95 -2.67
CA VAL A 502 -28.21 6.60 -2.34
C VAL A 502 -27.30 5.96 -1.31
N HIS A 503 -26.01 6.29 -1.35
CA HIS A 503 -25.09 5.79 -0.35
C HIS A 503 -25.26 6.53 0.98
N ARG A 504 -25.36 7.87 0.91
CA ARG A 504 -25.45 8.67 2.12
C ARG A 504 -26.75 8.43 2.87
N ILE A 505 -27.86 8.18 2.15
CA ILE A 505 -29.12 7.92 2.83
C ILE A 505 -29.00 6.69 3.73
N ASN A 506 -28.19 5.72 3.33
CA ASN A 506 -27.98 4.52 4.13
C ASN A 506 -26.83 4.62 5.11
N ASP A 507 -26.09 5.73 5.11
CA ASP A 507 -24.96 5.91 6.00
C ASP A 507 -25.45 6.50 7.31
N PRO A 508 -25.38 5.77 8.42
CA PRO A 508 -25.91 6.31 9.68
C PRO A 508 -25.17 7.55 10.18
N LYS A 509 -23.90 7.70 9.83
CA LYS A 509 -23.15 8.87 10.24
C LYS A 509 -23.53 10.14 9.49
N VAL A 510 -24.40 10.05 8.50
CA VAL A 510 -24.86 11.21 7.74
C VAL A 510 -26.22 11.62 8.28
N SER A 511 -26.30 12.81 8.89
CA SER A 511 -27.56 13.28 9.42
C SER A 511 -28.48 13.72 8.30
N ILE A 512 -29.76 13.89 8.65
CA ILE A 512 -30.71 14.46 7.72
C ILE A 512 -30.34 15.90 7.41
N ASP A 513 -29.88 16.65 8.42
CA ASP A 513 -29.42 18.02 8.22
C ASP A 513 -28.36 18.08 7.13
N GLU A 514 -27.42 17.14 7.13
CA GLU A 514 -26.43 17.09 6.06
C GLU A 514 -27.09 16.80 4.72
N LEU A 515 -28.08 15.92 4.70
CA LEU A 515 -28.70 15.50 3.44
C LEU A 515 -29.61 16.58 2.86
N ILE A 516 -30.15 17.46 3.69
CA ILE A 516 -31.05 18.50 3.22
C ILE A 516 -30.33 19.83 3.07
N ALA A 517 -29.01 19.85 3.20
CA ALA A 517 -28.23 21.05 2.97
C ALA A 517 -28.44 21.55 1.54
N ASP A 518 -28.61 22.84 1.40
CA ASP A 518 -28.89 23.46 0.10
C ASP A 518 -27.60 23.67 -0.67
N PRO A 519 -27.35 22.89 -1.72
CA PRO A 519 -26.07 23.06 -2.45
C PRO A 519 -25.90 24.45 -3.02
N VAL A 520 -26.99 25.11 -3.39
CA VAL A 520 -26.92 26.47 -3.93
C VAL A 520 -26.29 27.42 -2.91
N GLU A 521 -26.79 27.38 -1.67
CA GLU A 521 -26.28 28.28 -0.65
C GLU A 521 -24.94 27.82 -0.08
N VAL A 522 -24.67 26.51 -0.08
CA VAL A 522 -23.33 26.04 0.26
C VAL A 522 -22.31 26.55 -0.74
N VAL A 523 -22.63 26.46 -2.03
CA VAL A 523 -21.70 26.93 -3.06
C VAL A 523 -21.52 28.45 -2.97
N ARG A 524 -22.61 29.18 -2.79
CA ARG A 524 -22.53 30.64 -2.73
C ARG A 524 -21.58 31.10 -1.62
N ALA A 525 -21.51 30.35 -0.52
CA ALA A 525 -20.71 30.73 0.63
C ALA A 525 -19.26 30.27 0.57
N MET A 526 -18.87 29.53 -0.47
CA MET A 526 -17.50 29.05 -0.53
C MET A 526 -16.54 30.21 -0.83
N PRO A 527 -15.27 30.09 -0.40
CA PRO A 527 -14.34 31.20 -0.65
C PRO A 527 -14.15 31.52 -2.12
N VAL A 528 -14.05 30.51 -2.97
CA VAL A 528 -13.97 30.70 -4.42
C VAL A 528 -15.11 29.91 -5.04
N VAL A 529 -16.13 30.61 -5.52
CA VAL A 529 -17.29 29.94 -6.10
C VAL A 529 -16.86 29.20 -7.36
N GLY A 530 -17.13 27.90 -7.39
CA GLY A 530 -16.78 27.11 -8.55
C GLY A 530 -15.35 26.61 -8.59
N ALA A 531 -14.59 26.73 -7.51
CA ALA A 531 -13.25 26.17 -7.49
C ALA A 531 -13.29 24.69 -7.86
N LYS A 532 -12.35 24.29 -8.72
CA LYS A 532 -12.16 22.88 -9.06
C LYS A 532 -11.88 22.06 -7.80
N HIS A 533 -12.26 20.78 -7.85
CA HIS A 533 -11.93 19.88 -6.75
C HIS A 533 -10.42 19.87 -6.51
N ASP A 534 -10.05 19.96 -5.23
CA ASP A 534 -8.65 20.04 -4.82
C ASP A 534 -7.84 18.83 -5.23
N ARG A 535 -8.46 17.65 -5.32
CA ARG A 535 -7.71 16.41 -5.50
C ARG A 535 -7.75 15.90 -6.94
N ILE A 536 -8.28 16.69 -7.87
CA ILE A 536 -8.31 16.28 -9.27
C ILE A 536 -7.44 17.25 -10.06
N ALA A 537 -6.44 16.70 -10.75
CA ALA A 537 -5.53 17.54 -11.52
C ALA A 537 -6.17 17.91 -12.85
N LEU A 538 -6.08 19.20 -13.20
CA LEU A 538 -6.27 19.55 -14.60
C LEU A 538 -5.29 18.75 -15.45
N PRO A 539 -5.66 18.45 -16.69
CA PRO A 539 -4.71 17.70 -17.55
C PRO A 539 -3.33 18.34 -17.61
N ALA A 540 -3.25 19.68 -17.69
CA ALA A 540 -1.94 20.34 -17.77
C ALA A 540 -1.10 20.11 -16.53
N GLU A 541 -1.71 19.77 -15.40
CA GLU A 541 -1.00 19.68 -14.13
C GLU A 541 -0.88 18.23 -13.66
N LEU A 542 -1.02 17.29 -14.61
CA LEU A 542 -0.95 15.86 -14.27
C LEU A 542 0.33 15.51 -13.53
N PHE A 543 1.43 16.19 -13.83
CA PHE A 543 2.73 15.87 -13.26
C PHE A 543 3.16 16.86 -12.19
N GLY A 544 2.26 17.76 -11.77
CA GLY A 544 2.56 18.69 -10.70
C GLY A 544 3.77 19.55 -11.00
N ASP A 545 4.64 19.68 -10.01
CA ASP A 545 5.81 20.55 -10.13
C ASP A 545 6.92 19.96 -10.98
N ALA A 546 6.83 18.68 -11.35
CA ALA A 546 7.90 18.08 -12.13
C ALA A 546 8.01 18.74 -13.49
N ARG A 547 6.90 18.85 -14.20
CA ARG A 547 6.90 19.37 -15.57
C ARG A 547 5.47 19.60 -15.99
N THR A 548 5.33 20.43 -17.02
CA THR A 548 4.03 20.77 -17.57
C THR A 548 3.62 19.73 -18.60
N ASN A 549 2.44 19.15 -18.43
CA ASN A 549 1.95 18.17 -19.39
C ASN A 549 1.75 18.85 -20.74
N SER A 550 2.03 18.13 -21.82
CA SER A 550 1.69 18.67 -23.14
C SER A 550 0.18 18.76 -23.28
N ALA A 551 -0.27 19.69 -24.11
CA ALA A 551 -1.69 19.89 -24.38
C ALA A 551 -2.06 19.31 -25.73
N GLY A 552 -3.21 18.65 -25.78
CA GLY A 552 -3.76 18.15 -27.01
C GLY A 552 -4.76 19.10 -27.61
N LEU A 553 -5.57 18.57 -28.51
CA LEU A 553 -6.61 19.32 -29.20
C LEU A 553 -7.85 18.46 -29.17
N ASP A 554 -9.01 19.09 -29.01
CA ASP A 554 -10.26 18.35 -28.89
C ASP A 554 -10.87 18.24 -30.27
N LEU A 555 -10.74 17.06 -30.89
CA LEU A 555 -11.27 16.89 -32.24
C LEU A 555 -12.78 16.70 -32.26
N SER A 556 -13.46 16.84 -31.13
CA SER A 556 -14.91 16.89 -31.09
C SER A 556 -15.42 18.30 -30.93
N ASN A 557 -14.53 19.27 -30.82
CA ASN A 557 -14.90 20.66 -30.64
C ASN A 557 -14.95 21.34 -32.01
N GLU A 558 -16.13 21.88 -32.39
CA GLU A 558 -16.27 22.46 -33.72
C GLU A 558 -15.39 23.68 -33.91
N GLU A 559 -15.19 24.48 -32.85
CA GLU A 559 -14.29 25.61 -33.01
C GLU A 559 -12.88 25.13 -33.31
N THR A 560 -12.40 24.15 -32.55
CA THR A 560 -11.10 23.55 -32.81
C THR A 560 -11.02 22.99 -34.22
N LEU A 561 -12.04 22.22 -34.64
CA LEU A 561 -12.00 21.63 -35.97
C LEU A 561 -11.93 22.69 -37.04
N ALA A 562 -12.69 23.78 -36.89
CA ALA A 562 -12.69 24.84 -37.89
C ALA A 562 -11.35 25.55 -37.92
N SER A 563 -10.82 25.88 -36.74
CA SER A 563 -9.49 26.49 -36.64
C SER A 563 -8.42 25.56 -37.19
N LEU A 564 -8.49 24.27 -36.84
CA LEU A 564 -7.48 23.33 -37.27
C LEU A 564 -7.54 23.13 -38.79
N THR A 565 -8.75 23.07 -39.34
CA THR A 565 -8.88 22.97 -40.80
C THR A 565 -8.09 24.06 -41.51
N GLU A 566 -8.22 25.30 -41.03
CA GLU A 566 -7.49 26.40 -41.66
C GLU A 566 -5.99 26.25 -41.48
N ALA A 567 -5.55 25.90 -40.27
CA ALA A 567 -4.12 25.73 -40.03
C ALA A 567 -3.55 24.58 -40.85
N LEU A 568 -4.31 23.49 -40.99
CA LEU A 568 -3.84 22.35 -41.76
C LEU A 568 -3.73 22.72 -43.24
N ARG A 569 -4.75 23.37 -43.77
CA ARG A 569 -4.69 23.84 -45.16
C ARG A 569 -3.49 24.76 -45.37
N GLU A 570 -3.25 25.68 -44.44
CA GLU A 570 -2.11 26.57 -44.56
C GLU A 570 -0.80 25.80 -44.55
N SER A 571 -0.71 24.77 -43.70
CA SER A 571 0.50 23.96 -43.65
C SER A 571 0.78 23.28 -44.98
N ALA A 572 -0.27 22.94 -45.73
CA ALA A 572 -0.09 22.27 -47.01
C ALA A 572 0.31 23.22 -48.12
N ALA A 573 0.14 24.53 -47.92
CA ALA A 573 0.63 25.53 -48.85
C ALA A 573 2.07 25.93 -48.58
N MET A 574 2.70 25.38 -47.55
CA MET A 574 4.06 25.76 -47.20
C MET A 574 5.07 24.98 -48.02
N LYS A 575 6.18 25.64 -48.38
CA LYS A 575 7.24 25.01 -49.16
C LYS A 575 8.26 24.40 -48.20
N TRP A 576 7.84 23.30 -47.60
CA TRP A 576 8.70 22.57 -46.66
C TRP A 576 9.96 22.08 -47.34
N THR A 577 11.10 22.26 -46.67
CA THR A 577 12.37 21.74 -47.17
C THR A 577 13.14 21.12 -46.02
N ALA A 578 14.07 20.24 -46.39
CA ALA A 578 15.04 19.70 -45.46
C ALA A 578 16.38 19.76 -46.17
N LEU A 579 17.39 20.28 -45.49
CA LEU A 579 18.71 20.47 -46.05
C LEU A 579 19.74 19.89 -45.11
N PRO A 580 20.91 19.51 -45.62
CA PRO A 580 22.03 19.22 -44.72
C PRO A 580 22.39 20.51 -44.01
N GLN A 581 22.10 20.58 -42.72
CA GLN A 581 22.35 21.78 -41.94
C GLN A 581 23.59 21.51 -41.10
N LEU A 582 24.74 21.86 -41.67
CA LEU A 582 25.99 21.69 -40.95
C LEU A 582 26.24 22.88 -40.05
N ALA A 583 27.23 22.74 -39.16
CA ALA A 583 27.59 23.84 -38.27
C ALA A 583 27.95 25.08 -39.06
N THR A 584 28.50 24.90 -40.25
CA THR A 584 29.01 25.98 -41.10
C THR A 584 27.93 26.56 -42.02
N GLY A 585 26.70 26.05 -41.93
CA GLY A 585 25.62 26.49 -42.78
C GLY A 585 25.03 25.36 -43.61
N PRO A 586 23.97 25.66 -44.37
CA PRO A 586 23.37 24.62 -45.21
C PRO A 586 24.35 24.16 -46.28
N ALA A 587 24.31 22.86 -46.59
CA ALA A 587 25.20 22.29 -47.59
C ALA A 587 24.44 22.00 -48.87
N ALA A 588 25.18 22.01 -49.98
CA ALA A 588 24.61 21.59 -51.24
C ALA A 588 24.50 20.07 -51.28
N GLY A 589 23.57 19.57 -52.08
CA GLY A 589 23.42 18.13 -52.21
C GLY A 589 22.40 17.80 -53.26
N GLU A 590 22.14 16.50 -53.38
CA GLU A 590 21.14 16.03 -54.33
C GLU A 590 19.74 16.21 -53.75
N THR A 591 18.87 16.85 -54.51
CA THR A 591 17.54 17.25 -54.03
C THR A 591 16.48 16.39 -54.69
N ARG A 592 15.55 15.88 -53.89
CA ARG A 592 14.42 15.12 -54.41
C ARG A 592 13.16 15.57 -53.67
N THR A 593 12.01 15.24 -54.25
CA THR A 593 10.75 15.64 -53.67
C THR A 593 10.30 14.61 -52.64
N VAL A 594 9.58 15.10 -51.63
CA VAL A 594 8.98 14.26 -50.59
C VAL A 594 7.49 14.15 -50.88
N LEU A 595 6.98 12.94 -50.96
CA LEU A 595 5.61 12.68 -51.39
C LEU A 595 4.76 12.18 -50.23
N ASN A 596 3.47 12.52 -50.29
CA ASN A 596 2.50 12.00 -49.34
C ASN A 596 2.34 10.50 -49.57
N PRO A 597 2.62 9.64 -48.59
CA PRO A 597 2.43 8.21 -48.82
C PRO A 597 0.99 7.85 -49.14
N GLY A 598 0.03 8.71 -48.77
CA GLY A 598 -1.34 8.40 -49.09
C GLY A 598 -1.78 8.82 -50.46
N ASP A 599 -0.92 9.54 -51.17
CA ASP A 599 -1.25 10.09 -52.48
C ASP A 599 0.01 10.70 -53.06
N HIS A 600 0.71 9.95 -53.90
CA HIS A 600 2.01 10.42 -54.39
C HIS A 600 1.89 11.63 -55.30
N ARG A 601 0.68 11.99 -55.73
CA ARG A 601 0.49 13.24 -56.45
C ARG A 601 0.66 14.45 -55.54
N ASP A 602 0.59 14.24 -54.22
CA ASP A 602 0.64 15.32 -53.25
C ASP A 602 2.09 15.48 -52.81
N VAL A 603 2.76 16.49 -53.37
CA VAL A 603 4.15 16.78 -53.04
C VAL A 603 4.18 17.60 -51.77
N VAL A 604 4.86 17.10 -50.75
CA VAL A 604 4.88 17.77 -49.47
C VAL A 604 6.02 18.77 -49.37
N GLY A 605 7.17 18.45 -49.96
CA GLY A 605 8.31 19.32 -49.85
C GLY A 605 9.49 18.75 -50.60
N SER A 606 10.66 19.30 -50.31
CA SER A 606 11.88 18.90 -50.98
C SER A 606 12.94 18.61 -49.95
N VAL A 607 13.71 17.56 -50.18
CA VAL A 607 14.84 17.24 -49.31
C VAL A 607 16.11 17.27 -50.14
N THR A 608 17.12 17.97 -49.63
CA THR A 608 18.46 17.92 -50.17
C THR A 608 19.25 17.00 -49.26
N GLU A 609 19.84 15.97 -49.85
CA GLU A 609 20.40 14.91 -49.04
C GLU A 609 21.91 15.10 -48.89
N THR A 610 22.42 14.56 -47.78
CA THR A 610 23.80 14.81 -47.35
C THR A 610 24.75 13.88 -48.09
N SER A 611 25.84 14.45 -48.59
CA SER A 611 26.91 13.63 -49.15
C SER A 611 27.64 12.89 -48.02
N GLU A 612 28.22 11.75 -48.37
CA GLU A 612 29.03 11.03 -47.38
C GLU A 612 30.15 11.92 -46.87
N GLU A 613 30.72 12.77 -47.72
CA GLU A 613 31.80 13.65 -47.28
C GLU A 613 31.29 14.66 -46.26
N ASP A 614 30.11 15.25 -46.49
CA ASP A 614 29.59 16.23 -45.55
C ASP A 614 29.15 15.60 -44.23
N ALA A 615 28.63 14.37 -44.28
CA ALA A 615 28.36 13.64 -43.05
C ALA A 615 29.63 13.51 -42.21
N ARG A 616 30.73 13.12 -42.83
CA ARG A 616 31.98 12.99 -42.10
C ARG A 616 32.46 14.35 -41.62
N ARG A 617 32.27 15.39 -42.43
CA ARG A 617 32.63 16.73 -42.01
C ARG A 617 31.78 17.18 -40.83
N ALA A 618 30.48 16.83 -40.85
CA ALA A 618 29.60 17.18 -39.74
C ALA A 618 30.11 16.60 -38.43
N VAL A 619 30.59 15.35 -38.44
CA VAL A 619 31.08 14.77 -37.20
C VAL A 619 32.30 15.55 -36.72
N ARG A 620 33.19 15.92 -37.63
CA ARG A 620 34.38 16.66 -37.21
C ARG A 620 34.01 18.02 -36.65
N LEU A 621 33.01 18.66 -37.25
CA LEU A 621 32.53 19.95 -36.73
C LEU A 621 31.91 19.79 -35.35
N ALA A 622 31.13 18.72 -35.14
CA ALA A 622 30.56 18.45 -33.83
C ALA A 622 31.66 18.20 -32.80
N ALA A 623 32.69 17.44 -33.18
CA ALA A 623 33.80 17.22 -32.26
C ALA A 623 34.45 18.54 -31.87
N ASP A 624 34.64 19.43 -32.84
CA ASP A 624 35.27 20.72 -32.54
C ASP A 624 34.41 21.54 -31.60
N ALA A 625 33.09 21.48 -31.78
CA ALA A 625 32.17 22.26 -30.97
C ALA A 625 31.80 21.59 -29.65
N ALA A 626 32.23 20.36 -29.42
CA ALA A 626 31.79 19.63 -28.23
C ALA A 626 32.15 20.33 -26.93
N PRO A 627 33.37 20.84 -26.72
CA PRO A 627 33.65 21.52 -25.44
C PRO A 627 32.78 22.73 -25.20
N ASP A 628 32.45 23.49 -26.25
CA ASP A 628 31.63 24.68 -26.05
C ASP A 628 30.22 24.32 -25.61
N TRP A 629 29.63 23.28 -26.23
CA TRP A 629 28.30 22.89 -25.81
C TRP A 629 28.32 22.23 -24.44
N ALA A 630 29.35 21.40 -24.17
CA ALA A 630 29.46 20.78 -22.86
C ALA A 630 29.59 21.82 -21.77
N ALA A 631 30.12 23.01 -22.10
CA ALA A 631 30.34 24.05 -21.11
C ALA A 631 29.09 24.85 -20.80
N VAL A 632 28.04 24.74 -21.62
CA VAL A 632 26.76 25.38 -21.31
C VAL A 632 26.19 24.65 -20.09
N PRO A 633 25.87 25.37 -19.02
CA PRO A 633 25.43 24.69 -17.79
C PRO A 633 24.18 23.86 -18.04
N PRO A 634 24.06 22.71 -17.37
CA PRO A 634 22.93 21.82 -17.66
C PRO A 634 21.57 22.49 -17.60
N SER A 635 21.35 23.39 -16.63
CA SER A 635 20.05 24.03 -16.51
C SER A 635 19.75 24.93 -17.70
N GLU A 636 20.78 25.50 -18.32
CA GLU A 636 20.57 26.30 -19.53
C GLU A 636 20.32 25.41 -20.73
N ARG A 637 21.04 24.29 -20.83
CA ARG A 637 20.70 23.30 -21.85
C ARG A 637 19.26 22.84 -21.71
N ALA A 638 18.83 22.57 -20.46
CA ALA A 638 17.44 22.17 -20.22
C ALA A 638 16.48 23.29 -20.59
N ALA A 639 16.86 24.54 -20.33
CA ALA A 639 16.01 25.67 -20.72
C ALA A 639 15.82 25.70 -22.24
N CYS A 640 16.86 25.33 -23.00
CA CYS A 640 16.69 25.21 -24.44
C CYS A 640 15.60 24.20 -24.75
N LEU A 641 15.65 23.04 -24.10
CA LEU A 641 14.62 22.03 -24.31
C LEU A 641 13.25 22.56 -23.98
N ASP A 642 13.12 23.25 -22.84
CA ASP A 642 11.81 23.74 -22.43
C ASP A 642 11.29 24.78 -23.41
N ARG A 643 12.19 25.64 -23.94
CA ARG A 643 11.75 26.63 -24.92
C ARG A 643 11.32 25.95 -26.21
N ALA A 644 12.03 24.90 -26.62
CA ALA A 644 11.61 24.17 -27.81
C ALA A 644 10.25 23.52 -27.59
N ALA A 645 10.00 23.02 -26.37
CA ALA A 645 8.68 22.46 -26.08
C ALA A 645 7.57 23.50 -26.24
N GLU A 646 7.81 24.70 -25.74
CA GLU A 646 6.83 25.77 -25.91
C GLU A 646 6.61 26.08 -27.38
N LEU A 647 7.68 26.12 -28.17
CA LEU A 647 7.56 26.38 -29.60
C LEU A 647 6.78 25.28 -30.30
N MET A 648 7.06 24.02 -29.98
CA MET A 648 6.33 22.93 -30.59
C MET A 648 4.87 22.96 -30.20
N GLN A 649 4.58 23.32 -28.94
CA GLN A 649 3.20 23.38 -28.50
C GLN A 649 2.45 24.47 -29.27
N ALA A 650 3.07 25.63 -29.41
CA ALA A 650 2.45 26.73 -30.15
C ALA A 650 2.26 26.37 -31.62
N ARG A 651 3.20 25.63 -32.19
CA ARG A 651 3.18 25.29 -33.60
C ARG A 651 2.44 23.99 -33.89
N MET A 652 1.82 23.37 -32.88
CA MET A 652 1.24 22.05 -33.05
C MET A 652 0.33 21.93 -34.27
N PRO A 653 -0.60 22.85 -34.52
CA PRO A 653 -1.48 22.68 -35.69
C PRO A 653 -0.72 22.60 -37.00
N THR A 654 0.29 23.45 -37.20
CA THR A 654 1.10 23.35 -38.40
C THR A 654 1.90 22.05 -38.43
N LEU A 655 2.52 21.69 -37.30
CA LEU A 655 3.25 20.43 -37.24
C LEU A 655 2.35 19.25 -37.55
N LEU A 656 1.10 19.28 -37.06
CA LEU A 656 0.15 18.21 -37.37
C LEU A 656 0.00 18.03 -38.87
N GLY A 657 -0.18 19.14 -39.59
CA GLY A 657 -0.43 19.04 -41.01
C GLY A 657 0.75 18.43 -41.74
N LEU A 658 1.97 18.73 -41.28
CA LEU A 658 3.14 18.18 -41.93
C LEU A 658 3.25 16.68 -41.66
N ILE A 659 3.07 16.27 -40.40
CA ILE A 659 3.12 14.86 -40.04
C ILE A 659 2.05 14.07 -40.78
N ILE A 660 0.84 14.64 -40.87
CA ILE A 660 -0.24 13.97 -41.58
C ILE A 660 0.16 13.69 -43.02
N ARG A 661 0.71 14.70 -43.69
CA ARG A 661 0.97 14.54 -45.12
C ARG A 661 2.30 13.86 -45.40
N GLU A 662 3.34 14.12 -44.59
CA GLU A 662 4.65 13.54 -44.86
C GLU A 662 4.73 12.09 -44.39
N ALA A 663 4.14 11.79 -43.24
CA ALA A 663 4.28 10.47 -42.64
C ALA A 663 3.02 9.62 -42.80
N GLY A 664 1.95 10.17 -43.38
CA GLY A 664 0.74 9.39 -43.60
C GLY A 664 -0.05 9.10 -42.34
N LYS A 665 0.07 9.95 -41.32
CA LYS A 665 -0.58 9.72 -40.04
C LYS A 665 -1.94 10.40 -39.99
N SER A 666 -2.83 9.85 -39.16
CA SER A 666 -4.10 10.51 -38.91
C SER A 666 -3.90 11.71 -37.98
N ALA A 667 -4.91 12.58 -37.93
CA ALA A 667 -4.82 13.77 -37.09
C ALA A 667 -4.58 13.38 -35.62
N LEU A 668 -5.35 12.41 -35.12
CA LEU A 668 -5.19 12.03 -33.72
C LEU A 668 -3.80 11.52 -33.43
N ASN A 669 -3.24 10.72 -34.34
CA ASN A 669 -1.89 10.21 -34.12
C ASN A 669 -0.85 11.30 -34.25
N ALA A 670 -1.10 12.29 -35.12
CA ALA A 670 -0.18 13.42 -35.22
C ALA A 670 -0.21 14.25 -33.95
N ILE A 671 -1.39 14.48 -33.37
CA ILE A 671 -1.46 15.15 -32.08
C ILE A 671 -0.62 14.42 -31.04
N ALA A 672 -0.81 13.10 -30.96
CA ALA A 672 -0.09 12.30 -29.99
C ALA A 672 1.40 12.42 -30.22
N GLU A 673 1.81 12.47 -31.48
CA GLU A 673 3.22 12.55 -31.79
C GLU A 673 3.81 13.89 -31.40
N VAL A 674 3.12 14.99 -31.70
CA VAL A 674 3.64 16.28 -31.25
C VAL A 674 3.65 16.35 -29.73
N ARG A 675 2.59 15.83 -29.10
CA ARG A 675 2.56 15.81 -27.63
C ARG A 675 3.74 15.02 -27.08
N GLU A 676 4.07 13.89 -27.70
CA GLU A 676 5.16 13.06 -27.22
C GLU A 676 6.50 13.80 -27.34
N ALA A 677 6.69 14.50 -28.46
CA ALA A 677 7.91 15.29 -28.63
C ALA A 677 8.01 16.37 -27.56
N ILE A 678 6.90 17.07 -27.29
CA ILE A 678 6.87 18.06 -26.22
C ILE A 678 7.21 17.41 -24.88
N ASP A 679 6.59 16.26 -24.61
CA ASP A 679 6.83 15.55 -23.34
C ASP A 679 8.29 15.13 -23.21
N PHE A 680 8.89 14.58 -24.28
CA PHE A 680 10.30 14.25 -24.24
C PHE A 680 11.14 15.45 -23.84
N LEU A 681 10.94 16.57 -24.56
CA LEU A 681 11.69 17.79 -24.30
C LEU A 681 11.57 18.21 -22.84
N ARG A 682 10.34 18.29 -22.33
CA ARG A 682 10.16 18.70 -20.94
C ARG A 682 10.64 17.65 -19.96
N TYR A 683 10.49 16.37 -20.29
CA TYR A 683 10.91 15.33 -19.36
C TYR A 683 12.42 15.29 -19.21
N TYR A 684 13.14 15.28 -20.34
CA TYR A 684 14.59 15.27 -20.26
C TYR A 684 15.13 16.57 -19.69
N ALA A 685 14.43 17.69 -19.90
CA ALA A 685 14.84 18.92 -19.23
C ALA A 685 14.75 18.77 -17.73
N GLU A 686 13.62 18.24 -17.24
CA GLU A 686 13.46 18.07 -15.79
C GLU A 686 14.47 17.07 -15.25
N GLN A 687 14.66 15.95 -15.96
CA GLN A 687 15.61 14.95 -15.50
C GLN A 687 17.02 15.53 -15.42
N THR A 688 17.36 16.40 -16.36
CA THR A 688 18.64 17.11 -16.29
C THR A 688 18.72 17.98 -15.05
N ARG A 689 17.67 18.77 -14.79
CA ARG A 689 17.69 19.63 -13.62
C ARG A 689 17.78 18.82 -12.34
N ARG A 690 17.27 17.59 -12.36
CA ARG A 690 17.36 16.72 -11.20
C ARG A 690 18.73 16.06 -11.04
N THR A 691 19.55 15.97 -12.09
CA THR A 691 20.71 15.08 -11.96
C THR A 691 22.06 15.65 -12.37
N LEU A 692 22.15 16.36 -13.48
CA LEU A 692 23.44 16.52 -14.14
C LEU A 692 24.28 17.63 -13.50
N GLY A 693 25.53 17.31 -13.22
CA GLY A 693 26.48 18.25 -12.68
C GLY A 693 27.75 18.21 -13.49
N PRO A 694 28.82 18.86 -13.02
CA PRO A 694 30.05 18.91 -13.82
C PRO A 694 30.81 17.61 -13.86
N GLY A 695 30.61 16.71 -12.90
CA GLY A 695 31.25 15.41 -12.95
C GLY A 695 30.64 14.45 -13.94
N HIS A 696 29.51 14.81 -14.56
CA HIS A 696 28.82 13.91 -15.50
C HIS A 696 29.16 14.42 -16.89
N GLY A 697 30.37 14.09 -17.33
CA GLY A 697 30.90 14.63 -18.55
C GLY A 697 30.25 14.02 -19.77
N PRO A 698 30.10 14.80 -20.83
CA PRO A 698 29.48 14.28 -22.04
C PRO A 698 30.34 13.22 -22.71
N LEU A 699 29.68 12.39 -23.51
CA LEU A 699 30.39 11.44 -24.35
C LEU A 699 31.15 12.16 -25.47
N GLY A 700 30.53 13.15 -26.07
CA GLY A 700 31.04 13.72 -27.30
C GLY A 700 29.97 13.63 -28.36
N PRO A 701 30.34 13.78 -29.63
CA PRO A 701 29.33 13.80 -30.70
C PRO A 701 28.50 12.52 -30.70
N ILE A 702 27.18 12.68 -30.72
CA ILE A 702 26.26 11.55 -30.69
C ILE A 702 25.51 11.52 -32.01
N VAL A 703 25.48 10.35 -32.64
CA VAL A 703 24.74 10.17 -33.88
C VAL A 703 23.35 9.68 -33.49
N CYS A 704 22.33 10.44 -33.88
CA CYS A 704 20.94 10.09 -33.61
C CYS A 704 20.30 9.71 -34.94
N ILE A 705 19.94 8.44 -35.07
CA ILE A 705 19.28 7.91 -36.26
C ILE A 705 17.86 7.57 -35.86
N SER A 706 16.90 8.22 -36.50
CA SER A 706 15.51 8.16 -36.10
C SER A 706 14.68 7.48 -37.18
N PRO A 707 13.51 6.95 -36.83
CA PRO A 707 12.72 6.18 -37.80
C PRO A 707 11.64 7.02 -38.45
N TRP A 708 11.01 6.47 -39.49
CA TRP A 708 9.98 7.22 -40.19
C TRP A 708 8.63 7.12 -39.50
N ASN A 709 8.45 6.18 -38.58
CA ASN A 709 7.12 5.96 -38.02
C ASN A 709 6.80 6.89 -36.87
N PHE A 710 7.80 7.47 -36.22
CA PHE A 710 7.59 8.57 -35.28
C PHE A 710 8.59 9.66 -35.65
N PRO A 711 8.35 10.32 -36.78
CA PRO A 711 9.39 11.16 -37.38
C PRO A 711 9.63 12.46 -36.66
N LEU A 712 8.75 12.85 -35.74
CA LEU A 712 9.03 13.96 -34.84
C LEU A 712 9.30 13.53 -33.41
N ALA A 713 8.54 12.58 -32.87
CA ALA A 713 8.65 12.32 -31.45
C ALA A 713 9.94 11.57 -31.12
N ILE A 714 10.19 10.46 -31.82
CA ILE A 714 11.41 9.72 -31.52
C ILE A 714 12.63 10.51 -31.97
N PHE A 715 12.50 11.19 -33.12
CA PHE A 715 13.54 12.11 -33.57
C PHE A 715 13.89 13.12 -32.47
N THR A 716 12.88 13.81 -31.94
CA THR A 716 13.13 14.81 -30.91
C THR A 716 13.66 14.17 -29.63
N GLY A 717 13.10 13.04 -29.22
CA GLY A 717 13.50 12.46 -27.94
C GLY A 717 14.96 12.09 -27.92
N GLN A 718 15.44 11.40 -28.95
CA GLN A 718 16.86 11.03 -28.98
C GLN A 718 17.73 12.27 -28.99
N ILE A 719 17.41 13.23 -29.85
CA ILE A 719 18.26 14.41 -29.97
C ILE A 719 18.23 15.23 -28.69
N ALA A 720 17.04 15.40 -28.10
CA ALA A 720 16.92 16.22 -26.90
C ALA A 720 17.73 15.63 -25.76
N ALA A 721 17.64 14.32 -25.58
CA ALA A 721 18.41 13.69 -24.52
C ALA A 721 19.91 13.87 -24.74
N ALA A 722 20.39 13.59 -25.95
CA ALA A 722 21.83 13.71 -26.20
C ALA A 722 22.29 15.14 -25.98
N LEU A 723 21.54 16.10 -26.54
CA LEU A 723 21.88 17.52 -26.37
C LEU A 723 21.89 17.91 -24.90
N VAL A 724 20.85 17.54 -24.16
CA VAL A 724 20.75 18.07 -22.82
C VAL A 724 21.77 17.42 -21.91
N ALA A 725 22.22 16.22 -22.25
CA ALA A 725 23.34 15.56 -21.58
C ALA A 725 24.68 16.23 -21.91
N GLY A 726 24.70 17.25 -22.76
CA GLY A 726 25.93 17.95 -23.05
C GLY A 726 26.65 17.49 -24.30
N ASN A 727 26.01 16.72 -25.16
CA ASN A 727 26.66 16.20 -26.34
C ASN A 727 26.18 16.92 -27.58
N PRO A 728 27.06 17.24 -28.51
CA PRO A 728 26.59 17.72 -29.82
C PRO A 728 26.06 16.55 -30.63
N VAL A 729 25.07 16.85 -31.47
CA VAL A 729 24.27 15.82 -32.11
C VAL A 729 24.36 15.93 -33.63
N LEU A 730 24.53 14.78 -34.26
CA LEU A 730 24.36 14.61 -35.71
C LEU A 730 23.01 13.91 -35.88
N ALA A 731 22.02 14.63 -36.40
CA ALA A 731 20.66 14.11 -36.49
C ALA A 731 20.45 13.56 -37.90
N LYS A 732 20.31 12.24 -37.99
CA LYS A 732 20.06 11.57 -39.27
C LYS A 732 18.63 11.08 -39.28
N PRO A 733 17.70 11.82 -39.89
CA PRO A 733 16.31 11.37 -39.92
C PRO A 733 16.12 10.30 -40.98
N ALA A 734 15.03 9.55 -40.83
CA ALA A 734 14.67 8.57 -41.84
C ALA A 734 14.56 9.23 -43.21
N GLU A 735 15.01 8.50 -44.24
CA GLU A 735 14.94 8.99 -45.61
C GLU A 735 13.52 9.38 -46.00
N GLU A 736 12.52 8.72 -45.41
CA GLU A 736 11.14 8.95 -45.81
C GLU A 736 10.55 10.22 -45.21
N THR A 737 11.11 10.73 -44.10
CA THR A 737 10.44 11.79 -43.32
C THR A 737 11.43 12.87 -42.91
N PRO A 738 12.15 13.48 -43.86
CA PRO A 738 13.12 14.53 -43.48
C PRO A 738 12.50 15.88 -43.15
N LEU A 739 11.29 16.17 -43.65
CA LEU A 739 10.77 17.53 -43.53
C LEU A 739 10.44 17.87 -42.08
N ILE A 740 9.71 16.98 -41.41
CA ILE A 740 9.38 17.26 -40.01
C ILE A 740 10.65 17.24 -39.16
N ALA A 741 11.65 16.44 -39.54
CA ALA A 741 12.93 16.49 -38.84
C ALA A 741 13.59 17.85 -38.97
N ALA A 742 13.61 18.40 -40.20
CA ALA A 742 14.19 19.73 -40.41
C ALA A 742 13.44 20.78 -39.61
N GLU A 743 12.11 20.66 -39.55
CA GLU A 743 11.33 21.58 -38.73
C GLU A 743 11.64 21.41 -37.25
N GLY A 744 11.82 20.17 -36.79
CA GLY A 744 12.24 19.96 -35.41
C GLY A 744 13.59 20.60 -35.11
N VAL A 745 14.55 20.44 -36.02
CA VAL A 745 15.85 21.07 -35.85
C VAL A 745 15.72 22.59 -35.88
N ARG A 746 14.91 23.11 -36.81
CA ARG A 746 14.67 24.55 -36.84
C ARG A 746 14.14 25.04 -35.49
N ILE A 747 13.20 24.30 -34.90
CA ILE A 747 12.62 24.70 -33.62
C ILE A 747 13.66 24.63 -32.50
N LEU A 748 14.42 23.53 -32.45
CA LEU A 748 15.47 23.42 -31.42
C LEU A 748 16.52 24.50 -31.56
N ARG A 749 16.92 24.82 -32.79
CA ARG A 749 17.84 25.93 -32.97
C ARG A 749 17.21 27.26 -32.55
N GLU A 750 15.95 27.47 -32.91
CA GLU A 750 15.29 28.70 -32.48
C GLU A 750 15.25 28.78 -30.95
N ALA A 751 15.08 27.65 -30.29
CA ALA A 751 15.06 27.59 -28.83
C ALA A 751 16.41 27.84 -28.20
N GLY A 752 17.48 27.94 -28.99
CA GLY A 752 18.80 28.24 -28.45
C GLY A 752 19.85 27.17 -28.63
N ILE A 753 19.54 25.99 -29.17
CA ILE A 753 20.59 25.02 -29.49
C ILE A 753 21.47 25.58 -30.59
N PRO A 754 22.77 25.77 -30.36
CA PRO A 754 23.64 26.30 -31.41
C PRO A 754 23.71 25.37 -32.61
N ALA A 755 23.96 25.98 -33.78
CA ALA A 755 24.07 25.20 -35.02
C ALA A 755 25.15 24.13 -34.90
N SER A 756 26.23 24.43 -34.21
CA SER A 756 27.32 23.46 -34.08
C SER A 756 26.93 22.30 -33.16
N ALA A 757 25.96 22.50 -32.28
CA ALA A 757 25.55 21.42 -31.38
C ALA A 757 24.46 20.53 -32.00
N LEU A 758 23.80 20.98 -33.06
CA LEU A 758 22.71 20.21 -33.65
C LEU A 758 22.78 20.36 -35.17
N GLN A 759 23.30 19.34 -35.84
CA GLN A 759 23.42 19.35 -37.28
C GLN A 759 22.45 18.34 -37.86
N LEU A 760 21.79 18.72 -38.94
CA LEU A 760 20.79 17.87 -39.58
C LEU A 760 21.41 17.30 -40.86
N LEU A 761 21.36 15.97 -40.99
CA LEU A 761 21.97 15.26 -42.11
C LEU A 761 20.92 14.37 -42.76
N PRO A 762 20.08 14.92 -43.62
CA PRO A 762 19.10 14.08 -44.32
C PRO A 762 19.79 13.13 -45.28
N GLY A 763 19.15 12.01 -45.55
CA GLY A 763 19.67 11.07 -46.53
C GLY A 763 19.30 9.65 -46.17
N ASP A 764 19.90 8.72 -46.91
CA ASP A 764 19.57 7.31 -46.79
C ASP A 764 20.55 6.65 -45.81
N GLY A 765 20.64 5.32 -45.87
CA GLY A 765 21.48 4.60 -44.93
C GLY A 765 22.96 4.85 -45.13
N ARG A 766 23.36 5.23 -46.35
CA ARG A 766 24.75 5.60 -46.57
C ARG A 766 25.14 6.76 -45.66
N VAL A 767 24.24 7.72 -45.46
CA VAL A 767 24.54 8.81 -44.55
C VAL A 767 24.63 8.31 -43.12
N GLY A 768 23.68 7.46 -42.71
CA GLY A 768 23.74 6.89 -41.37
C GLY A 768 25.01 6.10 -41.14
N ALA A 769 25.41 5.30 -42.13
CA ALA A 769 26.61 4.48 -42.01
C ALA A 769 27.85 5.34 -41.89
N ALA A 770 27.94 6.40 -42.70
CA ALA A 770 29.07 7.31 -42.60
C ALA A 770 29.16 7.94 -41.22
N LEU A 771 28.02 8.32 -40.64
CA LEU A 771 28.02 8.94 -39.32
C LEU A 771 28.49 7.96 -38.27
N VAL A 772 27.94 6.75 -38.28
CA VAL A 772 28.29 5.74 -37.28
C VAL A 772 29.78 5.44 -37.33
N ALA A 773 30.34 5.37 -38.54
CA ALA A 773 31.73 4.99 -38.73
C ALA A 773 32.72 6.12 -38.47
N ALA A 774 32.24 7.34 -38.28
CA ALA A 774 33.17 8.46 -38.13
C ALA A 774 33.95 8.30 -36.83
N ALA A 775 35.26 8.58 -36.92
CA ALA A 775 36.16 8.32 -35.80
C ALA A 775 35.72 9.07 -34.55
N GLU A 776 35.18 10.27 -34.69
CA GLU A 776 34.85 11.06 -33.51
C GLU A 776 33.43 10.82 -33.01
N THR A 777 32.72 9.88 -33.61
CA THR A 777 31.40 9.53 -33.10
C THR A 777 31.54 8.85 -31.74
N ALA A 778 30.94 9.45 -30.73
CA ALA A 778 31.15 8.99 -29.36
C ALA A 778 29.98 8.18 -28.82
N GLY A 779 28.87 8.14 -29.54
CA GLY A 779 27.71 7.42 -29.10
C GLY A 779 26.71 7.39 -30.22
N VAL A 780 25.86 6.37 -30.27
CA VAL A 780 24.84 6.26 -31.30
C VAL A 780 23.52 5.96 -30.61
N MET A 781 22.50 6.71 -30.97
CA MET A 781 21.13 6.43 -30.57
C MET A 781 20.39 6.04 -31.83
N PHE A 782 19.87 4.82 -31.85
CA PHE A 782 19.24 4.28 -33.05
C PHE A 782 17.89 3.73 -32.67
N THR A 783 16.87 4.12 -33.42
CA THR A 783 15.56 3.47 -33.36
C THR A 783 15.21 3.03 -34.76
N GLY A 784 14.97 1.74 -34.93
CA GLY A 784 14.72 1.20 -36.26
C GLY A 784 14.71 -0.32 -36.22
N SER A 785 14.98 -0.92 -37.37
CA SER A 785 14.97 -2.37 -37.46
C SER A 785 16.10 -3.00 -36.65
N THR A 786 15.82 -4.21 -36.14
CA THR A 786 16.84 -4.99 -35.46
C THR A 786 18.04 -5.26 -36.36
N GLU A 787 17.78 -5.48 -37.66
CA GLU A 787 18.87 -5.84 -38.56
C GLU A 787 19.82 -4.67 -38.76
N VAL A 788 19.30 -3.45 -38.87
CA VAL A 788 20.18 -2.31 -39.02
C VAL A 788 20.90 -2.01 -37.71
N ALA A 789 20.20 -2.16 -36.58
CA ALA A 789 20.87 -2.02 -35.29
C ALA A 789 22.05 -2.96 -35.17
N ARG A 790 21.89 -4.19 -35.67
CA ARG A 790 22.96 -5.18 -35.61
C ARG A 790 24.15 -4.75 -36.48
N LEU A 791 23.86 -4.14 -37.64
CA LEU A 791 24.94 -3.60 -38.48
C LEU A 791 25.66 -2.46 -37.78
N ILE A 792 24.91 -1.59 -37.09
CA ILE A 792 25.55 -0.50 -36.36
C ILE A 792 26.42 -1.05 -35.25
N GLN A 793 25.89 -2.01 -34.48
CA GLN A 793 26.65 -2.64 -33.41
C GLN A 793 27.97 -3.19 -33.93
N ALA A 794 27.94 -3.84 -35.09
CA ALA A 794 29.16 -4.42 -35.65
C ALA A 794 30.17 -3.35 -36.04
N GLN A 795 29.69 -2.21 -36.57
CA GLN A 795 30.60 -1.12 -36.88
C GLN A 795 31.20 -0.52 -35.61
N LEU A 796 30.36 -0.31 -34.60
CA LEU A 796 30.87 0.26 -33.35
C LEU A 796 31.83 -0.67 -32.63
N ALA A 797 31.72 -1.98 -32.86
CA ALA A 797 32.56 -2.91 -32.11
C ALA A 797 34.03 -2.76 -32.46
N ASP A 798 34.35 -2.15 -33.59
CA ASP A 798 35.73 -1.93 -34.00
C ASP A 798 36.39 -0.77 -33.27
N ARG A 799 35.62 0.05 -32.55
CA ARG A 799 36.14 1.30 -32.01
C ARG A 799 36.04 1.34 -30.49
N LEU A 800 36.88 2.18 -29.90
CA LEU A 800 36.81 2.49 -28.48
C LEU A 800 36.74 4.00 -28.30
N SER A 801 36.21 4.41 -27.17
CA SER A 801 36.14 5.83 -26.84
C SER A 801 37.55 6.33 -26.54
N PRO A 802 37.73 7.65 -26.42
CA PRO A 802 39.04 8.16 -25.95
C PRO A 802 39.49 7.53 -24.64
N ALA A 803 38.57 7.24 -23.74
CA ALA A 803 38.90 6.59 -22.47
C ALA A 803 39.01 5.07 -22.59
N GLY A 804 38.95 4.52 -23.80
CA GLY A 804 39.12 3.09 -23.99
C GLY A 804 37.90 2.24 -23.66
N ARG A 805 36.71 2.83 -23.69
CA ARG A 805 35.48 2.10 -23.39
C ARG A 805 34.71 1.84 -24.68
N PRO A 806 33.83 0.83 -24.68
CA PRO A 806 32.93 0.65 -25.83
C PRO A 806 32.13 1.91 -26.09
N ILE A 807 31.83 2.16 -27.36
CA ILE A 807 31.00 3.29 -27.77
C ILE A 807 29.57 2.95 -27.41
N PRO A 808 28.89 3.75 -26.58
CA PRO A 808 27.50 3.42 -26.23
C PRO A 808 26.60 3.40 -27.45
N LEU A 809 25.77 2.36 -27.52
CA LEU A 809 24.70 2.26 -28.51
C LEU A 809 23.39 2.08 -27.75
N ILE A 810 22.44 2.99 -27.98
CA ILE A 810 21.08 2.83 -27.51
C ILE A 810 20.27 2.48 -28.73
N ALA A 811 19.78 1.24 -28.80
CA ALA A 811 19.08 0.74 -29.97
C ALA A 811 17.71 0.26 -29.52
N GLU A 812 16.66 0.92 -30.01
CA GLU A 812 15.28 0.50 -29.81
C GLU A 812 14.82 -0.14 -31.12
N THR A 813 14.44 -1.42 -31.05
CA THR A 813 14.18 -2.17 -32.26
C THR A 813 12.78 -2.79 -32.17
N GLY A 814 12.52 -3.79 -32.98
CA GLY A 814 11.17 -4.24 -33.17
C GLY A 814 10.62 -5.00 -31.98
N GLY A 815 9.37 -5.40 -32.12
CA GLY A 815 8.77 -6.33 -31.19
C GLY A 815 7.81 -7.22 -31.94
N GLN A 816 7.64 -8.44 -31.46
CA GLN A 816 6.58 -9.33 -31.92
C GLN A 816 5.53 -9.36 -30.81
N ASN A 817 4.79 -8.27 -30.69
CA ASN A 817 4.05 -7.98 -29.47
C ASN A 817 2.77 -8.79 -29.42
N ALA A 818 2.51 -9.40 -28.27
CA ALA A 818 1.37 -10.27 -28.09
C ALA A 818 0.41 -9.67 -27.08
N MET A 819 -0.84 -10.09 -27.18
CA MET A 819 -1.84 -9.84 -26.17
C MET A 819 -2.52 -11.16 -25.86
N ILE A 820 -2.64 -11.48 -24.58
CA ILE A 820 -3.35 -12.68 -24.15
C ILE A 820 -4.70 -12.27 -23.57
N VAL A 821 -5.75 -12.96 -23.99
CA VAL A 821 -7.11 -12.63 -23.60
C VAL A 821 -7.75 -13.91 -23.07
N ASP A 822 -8.20 -13.89 -21.82
CA ASP A 822 -8.84 -15.09 -21.28
C ASP A 822 -10.36 -14.92 -21.29
N SER A 823 -11.07 -15.97 -20.83
CA SER A 823 -12.52 -15.97 -20.91
C SER A 823 -13.19 -15.02 -19.92
N SER A 824 -12.43 -14.36 -19.04
CA SER A 824 -13.01 -13.38 -18.14
C SER A 824 -13.03 -11.98 -18.73
N ALA A 825 -12.31 -11.75 -19.83
CA ALA A 825 -12.25 -10.43 -20.41
C ALA A 825 -13.59 -10.04 -21.01
N LEU A 826 -13.83 -8.74 -21.09
CA LEU A 826 -15.03 -8.19 -21.73
C LEU A 826 -14.75 -8.04 -23.23
N ALA A 827 -15.48 -8.81 -24.04
CA ALA A 827 -15.18 -8.88 -25.48
C ALA A 827 -15.12 -7.51 -26.12
N GLU A 828 -16.08 -6.63 -25.79
CA GLU A 828 -16.14 -5.31 -26.44
C GLU A 828 -14.91 -4.49 -26.12
N GLN A 829 -14.47 -4.50 -24.86
CA GLN A 829 -13.24 -3.81 -24.50
C GLN A 829 -12.05 -4.41 -25.21
N VAL A 830 -11.99 -5.74 -25.28
CA VAL A 830 -10.91 -6.42 -25.98
C VAL A 830 -10.85 -6.00 -27.44
N VAL A 831 -12.01 -6.00 -28.11
CA VAL A 831 -12.01 -5.74 -29.54
C VAL A 831 -11.55 -4.31 -29.82
N GLY A 832 -12.04 -3.34 -29.05
CA GLY A 832 -11.58 -1.97 -29.20
C GLY A 832 -10.08 -1.86 -28.99
N ASP A 833 -9.56 -2.50 -27.94
CA ASP A 833 -8.13 -2.40 -27.69
C ASP A 833 -7.31 -3.16 -28.74
N VAL A 834 -7.86 -4.24 -29.29
CA VAL A 834 -7.14 -4.98 -30.32
C VAL A 834 -7.12 -4.19 -31.63
N ILE A 835 -8.28 -3.69 -32.05
CA ILE A 835 -8.37 -2.88 -33.27
C ILE A 835 -7.39 -1.71 -33.19
N THR A 836 -7.40 -1.01 -32.08
CA THR A 836 -6.49 0.12 -31.91
C THR A 836 -5.04 -0.36 -31.90
N SER A 837 -4.72 -1.39 -31.09
CA SER A 837 -3.32 -1.78 -30.96
C SER A 837 -2.75 -2.31 -32.26
N ALA A 838 -3.55 -3.03 -33.04
CA ALA A 838 -3.02 -3.67 -34.25
C ALA A 838 -3.01 -2.76 -35.46
N PHE A 839 -3.98 -1.87 -35.59
CA PHE A 839 -4.16 -1.17 -36.85
C PHE A 839 -3.98 0.33 -36.76
N ASP A 840 -3.97 0.90 -35.56
CA ASP A 840 -3.60 2.31 -35.42
C ASP A 840 -2.29 2.56 -36.15
N SER A 841 -2.24 3.67 -36.88
CA SER A 841 -1.04 4.04 -37.64
C SER A 841 -0.65 2.95 -38.63
N ALA A 842 -1.65 2.22 -39.12
CA ALA A 842 -1.43 1.12 -40.07
C ALA A 842 -0.48 0.08 -39.48
N GLY A 843 -0.54 -0.10 -38.16
CA GLY A 843 0.34 -1.06 -37.51
C GLY A 843 1.80 -0.71 -37.58
N GLN A 844 2.13 0.54 -37.91
CA GLN A 844 3.52 0.98 -38.00
C GLN A 844 4.03 1.51 -36.69
N ARG A 845 3.53 0.99 -35.57
CA ARG A 845 4.09 1.28 -34.26
C ARG A 845 4.98 0.12 -33.88
N CYS A 846 6.12 0.41 -33.27
CA CYS A 846 6.94 -0.68 -32.75
CA CYS A 846 6.95 -0.67 -32.74
C CYS A 846 6.18 -1.48 -31.70
N SER A 847 5.28 -0.81 -30.98
CA SER A 847 4.44 -1.41 -29.95
C SER A 847 3.22 -2.13 -30.50
N ALA A 848 3.00 -2.11 -31.82
CA ALA A 848 1.73 -2.56 -32.35
C ALA A 848 1.48 -4.02 -32.02
N LEU A 849 0.21 -4.36 -31.82
CA LEU A 849 -0.16 -5.73 -31.52
C LEU A 849 0.01 -6.60 -32.75
N ARG A 850 0.88 -7.61 -32.66
CA ARG A 850 1.15 -8.51 -33.76
C ARG A 850 0.46 -9.86 -33.59
N VAL A 851 0.32 -10.35 -32.36
CA VAL A 851 -0.23 -11.67 -32.13
C VAL A 851 -1.25 -11.58 -31.00
N LEU A 852 -2.51 -11.87 -31.32
CA LEU A 852 -3.57 -11.91 -30.33
C LEU A 852 -3.78 -13.37 -29.96
N CYS A 853 -3.76 -13.65 -28.65
CA CYS A 853 -3.93 -15.02 -28.15
C CYS A 853 -5.26 -15.09 -27.39
N LEU A 854 -6.19 -15.87 -27.92
CA LEU A 854 -7.56 -15.92 -27.44
C LEU A 854 -7.80 -17.26 -26.75
N GLN A 855 -8.26 -17.22 -25.51
CA GLN A 855 -8.64 -18.47 -24.87
C GLN A 855 -9.73 -19.15 -25.69
N GLU A 856 -9.55 -20.47 -25.90
CA GLU A 856 -10.36 -21.20 -26.86
C GLU A 856 -11.87 -20.99 -26.65
N ASP A 857 -12.31 -20.96 -25.39
CA ASP A 857 -13.75 -20.91 -25.11
C ASP A 857 -14.41 -19.63 -25.61
N VAL A 858 -13.65 -18.54 -25.73
CA VAL A 858 -14.19 -17.26 -26.18
C VAL A 858 -13.63 -16.85 -27.54
N ALA A 859 -12.80 -17.68 -28.17
CA ALA A 859 -12.08 -17.26 -29.37
C ALA A 859 -13.04 -16.94 -30.52
N ASP A 860 -14.05 -17.79 -30.73
CA ASP A 860 -14.93 -17.60 -31.88
C ASP A 860 -15.75 -16.32 -31.75
N ARG A 861 -16.28 -16.06 -30.56
CA ARG A 861 -17.07 -14.86 -30.35
C ARG A 861 -16.23 -13.61 -30.51
N ILE A 862 -15.03 -13.59 -29.93
CA ILE A 862 -14.18 -12.42 -30.06
C ILE A 862 -13.71 -12.25 -31.50
N LEU A 863 -13.36 -13.35 -32.16
CA LEU A 863 -12.94 -13.27 -33.56
C LEU A 863 -14.07 -12.71 -34.43
N THR A 864 -15.31 -13.16 -34.21
CA THR A 864 -16.43 -12.65 -35.00
C THR A 864 -16.59 -11.14 -34.80
N MET A 865 -16.51 -10.70 -33.55
CA MET A 865 -16.61 -9.28 -33.26
CA MET A 865 -16.61 -9.28 -33.26
C MET A 865 -15.42 -8.50 -33.82
N LEU A 866 -14.23 -9.09 -33.75
CA LEU A 866 -13.06 -8.43 -34.28
CA LEU A 866 -13.05 -8.44 -34.30
C LEU A 866 -13.17 -8.25 -35.79
N LYS A 867 -13.59 -9.28 -36.52
CA LYS A 867 -13.76 -9.14 -37.95
C LYS A 867 -14.82 -8.09 -38.26
N GLY A 868 -15.90 -8.07 -37.49
CA GLY A 868 -16.92 -7.08 -37.71
C GLY A 868 -16.40 -5.67 -37.50
N ALA A 869 -15.58 -5.49 -36.47
CA ALA A 869 -15.02 -4.17 -36.18
C ALA A 869 -14.00 -3.77 -37.23
N LEU A 870 -13.25 -4.74 -37.75
CA LEU A 870 -12.30 -4.48 -38.82
C LEU A 870 -12.96 -3.79 -40.00
N HIS A 871 -14.14 -4.25 -40.39
CA HIS A 871 -14.80 -3.73 -41.56
C HIS A 871 -15.46 -2.37 -41.34
N GLU A 872 -15.42 -1.84 -40.12
CA GLU A 872 -15.90 -0.49 -39.88
C GLU A 872 -14.81 0.55 -39.99
N LEU A 873 -13.58 0.15 -40.31
CA LEU A 873 -12.48 1.10 -40.41
C LEU A 873 -12.46 1.78 -41.76
N HIS A 874 -12.15 3.07 -41.74
CA HIS A 874 -12.04 3.87 -42.95
C HIS A 874 -10.56 4.05 -43.27
N ILE A 875 -10.14 3.53 -44.41
CA ILE A 875 -8.75 3.63 -44.85
C ILE A 875 -8.69 4.64 -45.99
N GLY A 876 -7.75 5.58 -45.92
CA GLY A 876 -7.61 6.54 -47.00
C GLY A 876 -6.54 7.56 -46.68
N ARG A 877 -6.41 8.53 -47.57
CA ARG A 877 -5.50 9.64 -47.33
C ARG A 877 -5.91 10.36 -46.05
N THR A 878 -4.93 10.68 -45.22
CA THR A 878 -5.21 11.03 -43.83
C THR A 878 -5.54 12.49 -43.61
N ASP A 879 -5.72 13.27 -44.67
CA ASP A 879 -6.13 14.65 -44.47
C ASP A 879 -7.64 14.74 -44.34
N ARG A 880 -8.27 13.69 -43.78
CA ARG A 880 -9.69 13.67 -43.47
C ARG A 880 -9.85 13.12 -42.07
N LEU A 881 -10.63 13.81 -41.23
CA LEU A 881 -10.84 13.34 -39.87
C LEU A 881 -11.50 11.96 -39.84
N SER A 882 -12.29 11.66 -40.86
CA SER A 882 -12.98 10.38 -40.90
C SER A 882 -12.04 9.20 -41.16
N VAL A 883 -10.80 9.44 -41.53
CA VAL A 883 -9.91 8.32 -41.84
C VAL A 883 -9.38 7.72 -40.55
N ASP A 884 -9.53 6.40 -40.41
CA ASP A 884 -9.02 5.69 -39.24
C ASP A 884 -7.61 5.19 -39.44
N VAL A 885 -7.33 4.67 -40.62
CA VAL A 885 -6.06 4.03 -40.91
C VAL A 885 -5.53 4.61 -42.20
N GLY A 886 -4.31 5.11 -42.17
CA GLY A 886 -3.70 5.71 -43.33
C GLY A 886 -2.85 4.73 -44.10
N PRO A 887 -2.00 5.24 -44.98
CA PRO A 887 -1.14 4.39 -45.79
C PRO A 887 0.04 3.85 -44.99
N VAL A 888 0.66 2.81 -45.54
CA VAL A 888 2.00 2.47 -45.10
C VAL A 888 3.01 3.37 -45.81
N ILE A 889 4.22 3.41 -45.28
CA ILE A 889 5.10 4.54 -45.57
C ILE A 889 5.60 4.54 -47.02
N THR A 890 5.83 3.37 -47.61
CA THR A 890 6.42 3.31 -48.94
C THR A 890 5.85 2.12 -49.71
N SER A 891 6.10 2.12 -51.01
CA SER A 891 5.72 0.97 -51.83
CA SER A 891 5.72 0.97 -51.82
C SER A 891 6.47 -0.29 -51.40
N GLU A 892 7.74 -0.13 -51.00
CA GLU A 892 8.50 -1.30 -50.56
C GLU A 892 7.90 -1.87 -49.29
N ALA A 893 7.50 -1.01 -48.35
CA ALA A 893 6.82 -1.49 -47.15
C ALA A 893 5.55 -2.24 -47.53
N LYS A 894 4.74 -1.63 -48.40
CA LYS A 894 3.54 -2.27 -48.88
C LYS A 894 3.84 -3.64 -49.48
N ASP A 895 4.83 -3.72 -50.37
CA ASP A 895 5.15 -5.01 -51.01
C ASP A 895 5.60 -6.05 -50.00
N ASN A 896 6.45 -5.66 -49.05
CA ASN A 896 6.90 -6.60 -48.02
C ASN A 896 5.72 -7.12 -47.21
N ILE A 897 4.82 -6.24 -46.81
CA ILE A 897 3.67 -6.66 -46.01
C ILE A 897 2.77 -7.58 -46.83
N GLU A 898 2.50 -7.21 -48.08
CA GLU A 898 1.58 -8.00 -48.88
C GLU A 898 2.16 -9.36 -49.21
N LYS A 899 3.49 -9.46 -49.36
CA LYS A 899 4.08 -10.77 -49.59
C LYS A 899 3.83 -11.68 -48.39
N HIS A 900 3.93 -11.12 -47.18
CA HIS A 900 3.63 -11.92 -46.00
C HIS A 900 2.19 -12.40 -46.02
N ILE A 901 1.25 -11.50 -46.31
CA ILE A 901 -0.16 -11.86 -46.28
C ILE A 901 -0.45 -12.95 -47.30
N GLU A 902 0.12 -12.83 -48.50
CA GLU A 902 -0.12 -13.84 -49.52
C GLU A 902 0.53 -15.17 -49.17
N ARG A 903 1.70 -15.15 -48.53
CA ARG A 903 2.30 -16.39 -48.07
C ARG A 903 1.37 -17.10 -47.08
N MET A 904 0.86 -16.35 -46.10
CA MET A 904 -0.08 -16.94 -45.14
C MET A 904 -1.31 -17.48 -45.85
N ARG A 905 -1.86 -16.69 -46.78
CA ARG A 905 -3.02 -17.13 -47.52
C ARG A 905 -2.69 -18.39 -48.32
N GLY A 906 -1.48 -18.46 -48.88
CA GLY A 906 -1.09 -19.62 -49.65
C GLY A 906 -0.92 -20.87 -48.80
N LEU A 907 -0.62 -20.69 -47.51
CA LEU A 907 -0.51 -21.79 -46.57
C LEU A 907 -1.86 -22.27 -46.06
N GLY A 908 -2.96 -21.67 -46.51
CA GLY A 908 -4.28 -22.05 -46.09
C GLY A 908 -4.79 -21.37 -44.84
N ARG A 909 -4.07 -20.39 -44.31
CA ARG A 909 -4.55 -19.65 -43.15
C ARG A 909 -5.73 -18.77 -43.55
N LYS A 910 -6.70 -18.67 -42.64
CA LYS A 910 -7.82 -17.77 -42.88
C LYS A 910 -7.35 -16.32 -42.78
N VAL A 911 -7.63 -15.56 -43.83
CA VAL A 911 -7.21 -14.16 -43.94
C VAL A 911 -8.47 -13.32 -44.09
N GLU A 912 -8.62 -12.34 -43.23
CA GLU A 912 -9.71 -11.38 -43.28
C GLU A 912 -9.13 -10.02 -43.64
N GLN A 913 -9.69 -9.38 -44.65
CA GLN A 913 -9.17 -8.08 -45.07
C GLN A 913 -10.33 -7.15 -45.38
N ILE A 914 -10.17 -5.89 -45.00
CA ILE A 914 -11.10 -4.85 -45.42
C ILE A 914 -10.86 -4.54 -46.89
N GLY A 915 -11.94 -4.32 -47.63
CA GLY A 915 -11.80 -3.89 -49.02
C GLY A 915 -11.45 -2.41 -49.06
N LEU A 916 -10.50 -2.06 -49.92
CA LEU A 916 -10.02 -0.69 -50.02
C LEU A 916 -10.71 0.05 -51.16
N ALA A 917 -10.94 1.35 -50.96
CA ALA A 917 -11.54 2.16 -52.00
C ALA A 917 -10.54 2.40 -53.13
N SER A 918 -11.08 2.72 -54.31
CA SER A 918 -10.23 2.91 -55.48
C SER A 918 -9.28 4.08 -55.29
N GLU A 919 -9.70 5.10 -54.55
CA GLU A 919 -8.86 6.27 -54.28
C GLU A 919 -7.56 5.90 -53.59
N THR A 920 -7.48 4.76 -52.91
CA THR A 920 -6.21 4.40 -52.30
C THR A 920 -5.14 4.08 -53.33
N GLY A 921 -5.53 3.92 -54.61
CA GLY A 921 -4.56 3.52 -55.62
C GLY A 921 -3.42 4.50 -55.80
N VAL A 922 -3.65 5.79 -55.51
CA VAL A 922 -2.62 6.81 -55.72
C VAL A 922 -1.58 6.84 -54.61
N GLY A 923 -1.79 6.09 -53.54
CA GLY A 923 -0.81 5.97 -52.48
C GLY A 923 -0.45 4.52 -52.21
N THR A 924 0.13 4.25 -51.04
CA THR A 924 0.62 2.91 -50.73
C THR A 924 -0.11 2.42 -49.49
N PHE A 925 -1.20 1.69 -49.71
CA PHE A 925 -2.05 1.23 -48.63
C PHE A 925 -2.04 -0.29 -48.56
N VAL A 926 -2.03 -0.80 -47.34
CA VAL A 926 -2.29 -2.20 -47.04
C VAL A 926 -3.58 -2.24 -46.23
N PRO A 927 -4.57 -3.01 -46.65
CA PRO A 927 -5.78 -3.11 -45.87
C PRO A 927 -5.50 -3.77 -44.54
N PRO A 928 -6.05 -3.25 -43.45
CA PRO A 928 -6.01 -3.98 -42.18
C PRO A 928 -6.47 -5.41 -42.38
N THR A 929 -5.71 -6.33 -41.79
CA THR A 929 -5.74 -7.74 -42.14
C THR A 929 -5.72 -8.54 -40.85
N ILE A 930 -6.51 -9.60 -40.76
CA ILE A 930 -6.48 -10.56 -39.66
C ILE A 930 -6.13 -11.91 -40.24
N ILE A 931 -5.11 -12.55 -39.67
CA ILE A 931 -4.65 -13.87 -40.11
C ILE A 931 -4.74 -14.81 -38.92
N GLU A 932 -5.47 -15.91 -39.08
CA GLU A 932 -5.59 -16.90 -38.01
C GLU A 932 -4.49 -17.93 -38.17
N LEU A 933 -3.62 -18.02 -37.16
CA LEU A 933 -2.50 -18.94 -37.20
C LEU A 933 -2.82 -20.19 -36.39
N GLU A 934 -2.14 -21.29 -36.74
CA GLU A 934 -2.24 -22.51 -35.95
C GLU A 934 -1.39 -22.41 -34.68
N LYS A 935 -0.11 -22.07 -34.84
CA LYS A 935 0.82 -21.94 -33.73
C LYS A 935 1.54 -20.61 -33.84
N LEU A 936 1.95 -20.07 -32.67
CA LEU A 936 2.74 -18.84 -32.68
C LEU A 936 4.00 -19.00 -33.52
N SER A 937 4.48 -20.23 -33.71
CA SER A 937 5.66 -20.49 -34.52
C SER A 937 5.40 -20.31 -36.01
N ASP A 938 4.14 -20.26 -36.44
CA ASP A 938 3.84 -19.95 -37.84
C ASP A 938 4.33 -18.56 -38.22
N LEU A 939 4.51 -17.68 -37.24
CA LEU A 939 4.93 -16.31 -37.47
C LEU A 939 6.42 -16.22 -37.19
N GLN A 940 7.21 -15.97 -38.23
CA GLN A 940 8.65 -16.10 -38.14
C GLN A 940 9.42 -14.79 -38.32
N ARG A 941 8.73 -13.65 -38.48
CA ARG A 941 9.41 -12.39 -38.67
C ARG A 941 8.44 -11.26 -38.38
N GLU A 942 8.95 -10.15 -37.84
CA GLU A 942 8.12 -8.98 -37.56
C GLU A 942 7.59 -8.41 -38.87
N VAL A 943 6.28 -8.29 -39.00
CA VAL A 943 5.63 -7.75 -40.18
C VAL A 943 5.10 -6.38 -39.81
N PHE A 944 5.74 -5.35 -40.34
CA PHE A 944 5.57 -3.99 -39.81
C PHE A 944 4.45 -3.28 -40.57
N GLY A 945 3.23 -3.75 -40.33
CA GLY A 945 2.08 -3.22 -41.00
C GLY A 945 0.80 -3.61 -40.29
N PRO A 946 -0.34 -3.34 -40.91
CA PRO A 946 -1.63 -3.52 -40.23
C PRO A 946 -2.10 -4.96 -40.36
N VAL A 947 -1.36 -5.86 -39.71
CA VAL A 947 -1.58 -7.30 -39.89
C VAL A 947 -1.61 -7.94 -38.51
N LEU A 948 -2.79 -8.36 -38.08
CA LEU A 948 -2.99 -9.00 -36.79
C LEU A 948 -3.02 -10.50 -36.99
N HIS A 949 -2.20 -11.22 -36.25
CA HIS A 949 -2.24 -12.66 -36.23
C HIS A 949 -2.97 -13.11 -34.98
N VAL A 950 -3.80 -14.14 -35.13
CA VAL A 950 -4.63 -14.62 -34.05
C VAL A 950 -4.33 -16.09 -33.82
N ILE A 951 -4.08 -16.45 -32.57
CA ILE A 951 -3.97 -17.85 -32.21
C ILE A 951 -4.90 -18.12 -31.04
N ARG A 952 -5.26 -19.39 -30.87
CA ARG A 952 -6.14 -19.82 -29.81
C ARG A 952 -5.37 -20.70 -28.86
N TYR A 953 -5.70 -20.64 -27.57
CA TYR A 953 -5.01 -21.50 -26.61
C TYR A 953 -6.00 -22.10 -25.64
N ARG A 954 -5.70 -23.31 -25.17
CA ARG A 954 -6.46 -23.92 -24.09
C ARG A 954 -6.04 -23.33 -22.75
N ARG A 955 -7.01 -23.16 -21.84
CA ARG A 955 -6.72 -22.52 -20.56
C ARG A 955 -5.51 -23.15 -19.88
N ASP A 956 -5.46 -24.49 -19.82
CA ASP A 956 -4.35 -25.13 -19.10
C ASP A 956 -3.01 -24.91 -19.77
N ASP A 957 -2.99 -24.45 -21.01
CA ASP A 957 -1.73 -24.20 -21.72
C ASP A 957 -1.27 -22.75 -21.60
N LEU A 958 -1.88 -21.95 -20.73
CA LEU A 958 -1.47 -20.55 -20.59
C LEU A 958 0.02 -20.43 -20.34
N ASP A 959 0.55 -21.24 -19.42
CA ASP A 959 1.96 -21.07 -19.07
C ASP A 959 2.86 -21.41 -20.23
N ARG A 960 2.54 -22.48 -20.98
CA ARG A 960 3.31 -22.77 -22.18
C ARG A 960 3.16 -21.65 -23.21
N LEU A 961 1.99 -21.03 -23.27
CA LEU A 961 1.80 -19.93 -24.23
C LEU A 961 2.72 -18.77 -23.89
N VAL A 962 2.78 -18.38 -22.62
CA VAL A 962 3.72 -17.34 -22.21
C VAL A 962 5.14 -17.74 -22.59
N ASP A 963 5.49 -19.02 -22.41
CA ASP A 963 6.79 -19.54 -22.87
C ASP A 963 6.99 -19.30 -24.36
N ASP A 964 5.97 -19.62 -25.17
CA ASP A 964 6.07 -19.43 -26.62
C ASP A 964 6.19 -17.97 -27.00
N VAL A 965 5.46 -17.09 -26.31
CA VAL A 965 5.63 -15.66 -26.55
C VAL A 965 7.05 -15.23 -26.24
N ASN A 966 7.59 -15.66 -25.09
CA ASN A 966 8.94 -15.28 -24.74
C ASN A 966 9.95 -15.83 -25.74
N ALA A 967 9.64 -17.00 -26.32
CA ALA A 967 10.59 -17.71 -27.18
C ALA A 967 10.88 -16.99 -28.49
N THR A 968 10.08 -15.98 -28.87
CA THR A 968 10.44 -15.20 -30.05
C THR A 968 11.75 -14.45 -29.85
N GLY A 969 12.18 -14.25 -28.61
CA GLY A 969 13.34 -13.43 -28.33
C GLY A 969 13.05 -11.94 -28.25
N TYR A 970 11.87 -11.51 -28.69
CA TYR A 970 11.46 -10.13 -28.55
C TYR A 970 10.93 -9.88 -27.14
N GLY A 971 10.71 -8.61 -26.82
CA GLY A 971 10.21 -8.29 -25.49
C GLY A 971 9.87 -6.82 -25.35
N LEU A 972 9.02 -6.32 -26.23
CA LEU A 972 8.73 -4.89 -26.21
C LEU A 972 7.44 -4.64 -25.43
N THR A 973 6.31 -4.76 -26.09
CA THR A 973 5.03 -4.55 -25.43
C THR A 973 4.29 -5.87 -25.32
N PHE A 974 3.46 -5.95 -24.29
CA PHE A 974 2.69 -7.15 -24.04
C PHE A 974 1.40 -6.69 -23.40
N GLY A 975 0.29 -7.28 -23.81
CA GLY A 975 -1.00 -6.95 -23.25
C GLY A 975 -1.67 -8.17 -22.64
N LEU A 976 -2.42 -7.92 -21.57
CA LEU A 976 -3.19 -8.97 -20.93
C LEU A 976 -4.56 -8.43 -20.60
N HIS A 977 -5.58 -9.12 -21.10
CA HIS A 977 -6.96 -8.81 -20.74
C HIS A 977 -7.49 -9.93 -19.89
N THR A 978 -7.73 -9.62 -18.62
CA THR A 978 -8.30 -10.59 -17.70
C THR A 978 -8.83 -9.80 -16.53
N ARG A 979 -9.83 -10.35 -15.86
CA ARG A 979 -10.30 -9.78 -14.61
C ARG A 979 -9.76 -10.53 -13.39
N LEU A 980 -8.92 -11.54 -13.59
CA LEU A 980 -8.55 -12.48 -12.54
C LEU A 980 -7.13 -12.19 -12.03
N ASP A 981 -7.02 -11.85 -10.73
CA ASP A 981 -5.71 -11.49 -10.18
C ASP A 981 -4.71 -12.64 -10.30
N GLU A 982 -5.18 -13.89 -10.15
CA GLU A 982 -4.26 -15.01 -10.26
C GLU A 982 -3.65 -15.07 -11.65
N THR A 983 -4.44 -14.78 -12.68
CA THR A 983 -3.92 -14.77 -14.04
C THR A 983 -2.98 -13.60 -14.26
N ILE A 984 -3.33 -12.41 -13.73
CA ILE A 984 -2.43 -11.27 -13.81
C ILE A 984 -1.10 -11.59 -13.17
N ALA A 985 -1.12 -12.10 -11.94
CA ALA A 985 0.12 -12.41 -11.24
C ALA A 985 0.93 -13.43 -12.01
N HIS A 986 0.28 -14.50 -12.46
CA HIS A 986 0.95 -15.55 -13.20
C HIS A 986 1.59 -15.00 -14.47
N VAL A 987 0.77 -14.36 -15.31
CA VAL A 987 1.26 -13.95 -16.63
C VAL A 987 2.34 -12.88 -16.50
N THR A 988 2.08 -11.86 -15.67
CA THR A 988 3.06 -10.78 -15.55
C THR A 988 4.34 -11.22 -14.86
N SER A 989 4.30 -12.30 -14.08
CA SER A 989 5.55 -12.75 -13.48
C SER A 989 6.38 -13.59 -14.45
N ARG A 990 5.78 -14.12 -15.51
CA ARG A 990 6.48 -14.99 -16.44
C ARG A 990 6.83 -14.32 -17.77
N ILE A 991 6.02 -13.37 -18.22
CA ILE A 991 6.29 -12.69 -19.48
C ILE A 991 7.57 -11.87 -19.36
N LYS A 992 8.36 -11.84 -20.43
CA LYS A 992 9.59 -11.07 -20.44
C LYS A 992 9.43 -9.96 -21.49
N ALA A 993 8.86 -8.84 -21.05
CA ALA A 993 8.65 -7.70 -21.93
C ALA A 993 8.86 -6.43 -21.14
N GLY A 994 9.28 -5.38 -21.86
CA GLY A 994 9.60 -4.11 -21.22
C GLY A 994 8.38 -3.29 -20.84
N ASN A 995 7.29 -3.46 -21.56
CA ASN A 995 6.11 -2.61 -21.39
C ASN A 995 4.90 -3.52 -21.32
N LEU A 996 4.30 -3.61 -20.14
CA LEU A 996 3.13 -4.44 -19.93
C LEU A 996 1.91 -3.56 -19.84
N TYR A 997 0.78 -4.08 -20.34
CA TYR A 997 -0.47 -3.33 -20.33
C TYR A 997 -1.57 -4.28 -19.91
N ILE A 998 -2.33 -3.91 -18.89
CA ILE A 998 -3.37 -4.77 -18.34
C ILE A 998 -4.72 -4.11 -18.60
N ASN A 999 -5.58 -4.80 -19.35
CA ASN A 999 -6.96 -4.39 -19.61
C ASN A 999 -7.04 -3.05 -20.34
N ARG A 1000 -6.12 -2.83 -21.27
CA ARG A 1000 -6.11 -1.65 -22.11
C ARG A 1000 -5.33 -1.98 -23.37
N ASN A 1001 -5.23 -1.00 -24.27
CA ASN A 1001 -4.41 -1.22 -25.45
C ASN A 1001 -2.92 -1.22 -25.06
N ILE A 1002 -2.07 -1.58 -26.00
CA ILE A 1002 -0.64 -1.75 -25.74
C ILE A 1002 0.20 -0.70 -26.46
N ILE A 1003 -0.41 0.40 -26.88
CA ILE A 1003 0.27 1.39 -27.69
C ILE A 1003 0.22 2.75 -27.00
N GLY A 1004 1.00 3.68 -27.54
CA GLY A 1004 0.95 5.05 -27.07
C GLY A 1004 1.56 5.25 -25.70
N ALA A 1005 2.68 4.58 -25.41
CA ALA A 1005 3.35 4.75 -24.14
C ALA A 1005 3.68 6.22 -23.91
N VAL A 1006 3.44 6.67 -22.68
CA VAL A 1006 3.50 8.09 -22.34
C VAL A 1006 4.81 8.37 -21.63
N VAL A 1007 5.51 9.42 -22.07
CA VAL A 1007 6.78 9.80 -21.48
C VAL A 1007 6.65 9.98 -19.98
N GLY A 1008 7.56 9.36 -19.23
CA GLY A 1008 7.58 9.50 -17.79
C GLY A 1008 6.44 8.83 -17.08
N VAL A 1009 5.58 8.11 -17.82
CA VAL A 1009 4.43 7.42 -17.26
C VAL A 1009 4.50 5.94 -17.59
N GLN A 1010 4.65 5.61 -18.86
CA GLN A 1010 5.11 4.29 -19.30
C GLN A 1010 6.43 4.50 -20.03
N PRO A 1011 7.53 4.70 -19.30
CA PRO A 1011 8.85 4.71 -19.94
C PRO A 1011 8.97 3.52 -20.86
N PHE A 1012 9.49 3.76 -22.06
CA PHE A 1012 9.28 2.86 -23.17
C PHE A 1012 10.57 2.23 -23.65
N GLY A 1013 10.52 0.92 -23.86
CA GLY A 1013 11.70 0.20 -24.28
C GLY A 1013 11.66 -1.21 -23.75
N GLY A 1014 12.19 -2.13 -24.54
CA GLY A 1014 12.10 -3.52 -24.20
C GLY A 1014 13.45 -4.17 -24.08
N ARG A 1015 13.45 -5.49 -24.19
CA ARG A 1015 14.61 -6.32 -23.92
C ARG A 1015 14.77 -7.31 -25.06
N GLY A 1016 15.81 -8.11 -24.98
CA GLY A 1016 16.03 -9.11 -26.01
C GLY A 1016 16.21 -8.46 -27.36
N LEU A 1017 15.54 -9.01 -28.36
CA LEU A 1017 15.63 -8.45 -29.72
C LEU A 1017 14.98 -7.08 -29.83
N SER A 1018 14.31 -6.60 -28.79
CA SER A 1018 13.59 -5.34 -28.87
C SER A 1018 14.42 -4.14 -28.46
N GLY A 1019 15.59 -4.34 -27.88
CA GLY A 1019 16.36 -3.17 -27.53
C GLY A 1019 17.44 -3.46 -26.53
N THR A 1020 18.33 -2.49 -26.43
CA THR A 1020 19.37 -2.47 -25.42
C THR A 1020 18.91 -1.82 -24.13
N GLY A 1021 17.93 -0.93 -24.20
CA GLY A 1021 17.70 0.01 -23.15
C GLY A 1021 18.85 1.00 -23.07
N PRO A 1022 18.80 1.95 -22.13
CA PRO A 1022 17.71 2.19 -21.18
C PRO A 1022 16.45 2.71 -21.87
N LYS A 1023 15.34 2.71 -21.13
CA LYS A 1023 14.07 3.12 -21.68
C LYS A 1023 14.07 4.60 -22.02
N ALA A 1024 13.55 4.92 -23.20
CA ALA A 1024 13.25 6.31 -23.52
C ALA A 1024 12.13 6.81 -22.64
N GLY A 1025 12.17 8.09 -22.31
CA GLY A 1025 11.14 8.63 -21.44
C GLY A 1025 11.20 8.05 -20.05
N GLY A 1026 12.37 7.54 -19.65
CA GLY A 1026 12.56 7.01 -18.34
C GLY A 1026 13.80 7.60 -17.69
N PRO A 1027 14.01 7.30 -16.42
CA PRO A 1027 15.02 8.02 -15.62
C PRO A 1027 16.44 7.54 -15.79
N LEU A 1028 16.67 6.40 -16.45
CA LEU A 1028 18.01 5.92 -16.72
C LEU A 1028 18.58 6.44 -18.03
N TYR A 1029 17.75 7.11 -18.83
CA TYR A 1029 18.13 7.42 -20.21
C TYR A 1029 19.33 8.36 -20.28
N LEU A 1030 19.25 9.51 -19.61
CA LEU A 1030 20.33 10.49 -19.73
C LEU A 1030 21.65 9.93 -19.23
N GLY A 1031 21.63 9.07 -18.21
CA GLY A 1031 22.87 8.54 -17.66
C GLY A 1031 23.68 7.72 -18.64
N ARG A 1032 23.03 7.21 -19.69
CA ARG A 1032 23.73 6.51 -20.75
C ARG A 1032 24.49 7.45 -21.66
N LEU A 1033 24.18 8.75 -21.61
CA LEU A 1033 24.72 9.71 -22.56
C LEU A 1033 25.81 10.57 -21.96
N VAL A 1034 26.36 10.15 -20.81
CA VAL A 1034 27.46 10.82 -20.14
C VAL A 1034 28.45 9.74 -19.76
N THR A 1035 29.68 10.16 -19.51
CA THR A 1035 30.71 9.17 -19.21
C THR A 1035 30.62 8.67 -17.77
N THR A 1036 30.05 9.47 -16.87
CA THR A 1036 29.82 9.05 -15.49
C THR A 1036 28.34 9.26 -15.20
N ALA A 1037 27.63 8.17 -14.98
CA ALA A 1037 26.18 8.27 -14.86
C ALA A 1037 25.79 8.89 -13.51
N PRO A 1038 24.84 9.80 -13.49
CA PRO A 1038 24.33 10.32 -12.22
C PRO A 1038 23.40 9.30 -11.58
N VAL A 1039 23.07 9.57 -10.33
CA VAL A 1039 22.05 8.79 -9.62
C VAL A 1039 20.68 9.34 -10.03
N PRO A 1040 19.85 8.56 -10.72
CA PRO A 1040 18.57 9.08 -11.18
C PRO A 1040 17.66 9.40 -10.00
N PRO A 1041 16.70 10.30 -10.19
CA PRO A 1041 15.69 10.53 -9.16
C PRO A 1041 15.01 9.23 -8.78
N GLN A 1042 14.78 9.07 -7.49
CA GLN A 1042 14.06 7.94 -6.90
C GLN A 1042 14.73 6.60 -7.17
N HIS A 1043 15.99 6.58 -7.61
CA HIS A 1043 16.65 5.36 -8.05
C HIS A 1043 17.45 4.79 -6.87
N SER A 1044 16.84 3.85 -6.16
CA SER A 1044 17.46 3.15 -5.06
C SER A 1044 16.56 1.97 -4.72
N SER A 1045 17.11 1.04 -3.93
CA SER A 1045 16.34 -0.09 -3.44
C SER A 1045 16.88 -0.49 -2.08
N VAL A 1046 15.97 -0.82 -1.15
CA VAL A 1046 16.42 -1.32 0.14
C VAL A 1046 16.63 -2.81 0.12
N HIS A 1047 16.35 -3.47 -1.00
CA HIS A 1047 16.48 -4.92 -1.14
CA HIS A 1047 16.50 -4.92 -1.07
C HIS A 1047 17.90 -5.28 -1.55
N THR A 1048 18.45 -6.34 -0.97
CA THR A 1048 19.77 -6.84 -1.32
C THR A 1048 19.61 -8.24 -1.88
N ASP A 1049 20.17 -8.46 -3.05
CA ASP A 1049 20.12 -9.79 -3.63
C ASP A 1049 20.74 -10.79 -2.66
N PRO A 1050 20.05 -11.89 -2.33
CA PRO A 1050 20.61 -12.82 -1.34
C PRO A 1050 21.77 -13.64 -1.88
N VAL A 1051 21.83 -13.86 -3.19
CA VAL A 1051 22.96 -14.59 -3.73
C VAL A 1051 24.20 -13.71 -3.72
N LEU A 1052 24.04 -12.41 -4.00
CA LEU A 1052 25.12 -11.47 -3.77
C LEU A 1052 25.66 -11.62 -2.36
N LEU A 1053 24.77 -11.65 -1.36
CA LEU A 1053 25.20 -11.76 0.02
C LEU A 1053 25.94 -13.07 0.28
N ASP A 1054 25.42 -14.18 -0.25
CA ASP A 1054 26.14 -15.44 -0.11
C ASP A 1054 27.51 -15.36 -0.75
N PHE A 1055 27.60 -14.74 -1.93
CA PHE A 1055 28.88 -14.59 -2.60
C PHE A 1055 29.85 -13.74 -1.79
N ALA A 1056 29.36 -12.65 -1.20
CA ALA A 1056 30.25 -11.82 -0.39
C ALA A 1056 30.79 -12.58 0.80
N LYS A 1057 29.95 -13.42 1.45
CA LYS A 1057 30.45 -14.26 2.54
C LYS A 1057 31.47 -15.27 2.04
N TRP A 1058 31.20 -15.89 0.89
CA TRP A 1058 32.18 -16.80 0.30
C TRP A 1058 33.49 -16.09 0.03
N LEU A 1059 33.44 -14.86 -0.49
CA LEU A 1059 34.67 -14.10 -0.75
C LEU A 1059 35.47 -13.92 0.52
N ASP A 1060 34.80 -13.54 1.61
CA ASP A 1060 35.48 -13.39 2.89
C ASP A 1060 36.08 -14.72 3.35
N GLY A 1061 35.34 -15.80 3.17
CA GLY A 1061 35.88 -17.11 3.52
C GLY A 1061 37.13 -17.45 2.76
N LYS A 1062 37.25 -16.99 1.51
CA LYS A 1062 38.41 -17.27 0.69
C LYS A 1062 39.58 -16.31 0.94
N GLY A 1063 39.38 -15.30 1.77
CA GLY A 1063 40.41 -14.31 2.04
C GLY A 1063 40.36 -13.11 1.14
N ALA A 1064 39.42 -13.06 0.19
CA ALA A 1064 39.28 -11.95 -0.74
C ALA A 1064 38.49 -10.82 -0.07
N ARG A 1065 39.16 -10.19 0.89
CA ARG A 1065 38.48 -9.26 1.77
C ARG A 1065 38.05 -7.99 1.04
N ALA A 1066 38.91 -7.44 0.19
CA ALA A 1066 38.53 -6.24 -0.54
C ALA A 1066 37.39 -6.52 -1.50
N GLU A 1067 37.42 -7.69 -2.15
CA GLU A 1067 36.36 -8.05 -3.08
C GLU A 1067 35.04 -8.26 -2.35
N ALA A 1068 35.09 -8.86 -1.16
CA ALA A 1068 33.89 -9.04 -0.35
C ALA A 1068 33.26 -7.69 0.00
N GLU A 1069 34.09 -6.73 0.42
CA GLU A 1069 33.60 -5.38 0.68
C GLU A 1069 32.96 -4.77 -0.56
N ALA A 1070 33.62 -4.91 -1.71
CA ALA A 1070 33.07 -4.40 -2.96
C ALA A 1070 31.77 -5.10 -3.31
N ALA A 1071 31.69 -6.40 -3.03
CA ALA A 1071 30.45 -7.14 -3.26
C ALA A 1071 29.33 -6.58 -2.39
N ARG A 1072 29.59 -6.39 -1.10
CA ARG A 1072 28.57 -5.80 -0.22
C ARG A 1072 28.18 -4.41 -0.69
N ASN A 1073 29.16 -3.61 -1.10
CA ASN A 1073 28.84 -2.29 -1.64
C ASN A 1073 27.97 -2.37 -2.88
N ALA A 1074 28.28 -3.31 -3.77
CA ALA A 1074 27.43 -3.49 -4.95
C ALA A 1074 26.02 -3.88 -4.56
N GLY A 1075 25.89 -4.74 -3.54
CA GLY A 1075 24.56 -5.14 -3.10
C GLY A 1075 23.73 -3.96 -2.63
N SER A 1076 24.37 -3.02 -1.93
CA SER A 1076 23.67 -1.82 -1.46
C SER A 1076 23.39 -0.84 -2.58
N SER A 1077 24.35 -0.65 -3.48
CA SER A 1077 24.19 0.33 -4.55
C SER A 1077 23.18 -0.15 -5.61
N SER A 1078 23.02 -1.45 -5.75
CA SER A 1078 22.05 -1.96 -6.71
C SER A 1078 20.67 -1.37 -6.45
N ALA A 1079 19.96 -1.04 -7.52
CA ALA A 1079 18.57 -0.61 -7.40
C ALA A 1079 17.62 -1.73 -7.78
N LEU A 1080 18.13 -2.95 -7.91
CA LEU A 1080 17.27 -4.11 -8.13
C LEU A 1080 16.18 -4.15 -7.07
N GLY A 1081 14.93 -4.29 -7.51
CA GLY A 1081 13.81 -4.32 -6.60
C GLY A 1081 13.11 -3.00 -6.46
N LEU A 1082 13.63 -1.94 -7.07
CA LEU A 1082 12.92 -0.68 -7.14
CA LEU A 1082 12.92 -0.67 -7.13
C LEU A 1082 11.51 -0.91 -7.64
N ASP A 1083 10.53 -0.28 -6.99
CA ASP A 1083 9.13 -0.54 -7.33
C ASP A 1083 8.36 0.76 -7.09
N LEU A 1084 8.10 1.49 -8.17
CA LEU A 1084 7.54 2.83 -8.06
C LEU A 1084 6.22 2.90 -8.80
N GLU A 1085 5.34 3.75 -8.32
CA GLU A 1085 4.17 4.14 -9.09
C GLU A 1085 4.41 5.54 -9.64
N LEU A 1086 4.20 5.70 -10.94
CA LEU A 1086 4.45 6.97 -11.60
C LEU A 1086 3.14 7.76 -11.72
N PRO A 1087 3.19 9.06 -11.49
CA PRO A 1087 1.98 9.88 -11.62
C PRO A 1087 1.45 9.85 -13.04
N GLY A 1088 0.14 9.66 -13.17
CA GLY A 1088 -0.51 9.68 -14.46
C GLY A 1088 -1.98 10.02 -14.29
N PRO A 1089 -2.81 9.61 -15.23
CA PRO A 1089 -4.24 9.92 -15.14
C PRO A 1089 -4.92 9.09 -14.06
N VAL A 1090 -6.08 9.59 -13.63
CA VAL A 1090 -6.95 8.76 -12.82
C VAL A 1090 -7.36 7.53 -13.64
N GLY A 1091 -7.77 6.49 -12.93
CA GLY A 1091 -8.27 5.30 -13.60
C GLY A 1091 -7.20 4.45 -14.22
N GLU A 1092 -5.94 4.67 -13.84
CA GLU A 1092 -4.83 3.91 -14.37
C GLU A 1092 -3.77 3.84 -13.28
N ARG A 1093 -3.08 2.71 -13.20
CA ARG A 1093 -1.95 2.58 -12.28
C ARG A 1093 -0.72 2.29 -13.12
N ASN A 1094 0.30 3.13 -13.00
CA ASN A 1094 1.47 3.03 -13.85
C ASN A 1094 2.67 2.74 -12.98
N LEU A 1095 3.25 1.56 -13.17
CA LEU A 1095 4.26 1.03 -12.29
C LEU A 1095 5.57 0.92 -13.04
N TYR A 1096 6.65 1.11 -12.31
CA TYR A 1096 7.98 1.11 -12.90
C TYR A 1096 8.85 0.32 -11.96
N THR A 1097 9.47 -0.74 -12.46
CA THR A 1097 10.20 -1.64 -11.56
C THR A 1097 11.53 -2.01 -12.20
N LEU A 1098 12.51 -2.32 -11.36
CA LEU A 1098 13.81 -2.74 -11.83
C LEU A 1098 14.00 -4.21 -11.47
N HIS A 1099 14.25 -5.02 -12.49
CA HIS A 1099 14.42 -6.45 -12.35
C HIS A 1099 15.81 -6.83 -12.81
N ALA A 1100 16.14 -8.11 -12.59
CA ALA A 1100 17.36 -8.65 -13.19
C ALA A 1100 17.23 -8.66 -14.71
N ARG A 1101 18.36 -8.51 -15.39
CA ARG A 1101 18.36 -8.57 -16.84
C ARG A 1101 18.24 -10.00 -17.36
N GLY A 1102 18.92 -10.93 -16.71
CA GLY A 1102 18.98 -12.30 -17.17
C GLY A 1102 20.33 -12.90 -16.88
N ARG A 1103 20.98 -13.45 -17.91
CA ARG A 1103 22.30 -14.03 -17.75
C ARG A 1103 23.31 -13.07 -18.35
N ILE A 1104 24.25 -12.63 -17.52
CA ILE A 1104 25.29 -11.72 -17.97
C ILE A 1104 26.51 -12.52 -18.39
N LEU A 1105 27.02 -12.22 -19.58
CA LEU A 1105 28.29 -12.79 -20.02
C LEU A 1105 29.43 -12.07 -19.31
N LEU A 1106 30.25 -12.82 -18.58
CA LEU A 1106 31.40 -12.26 -17.88
C LEU A 1106 32.64 -12.67 -18.65
N VAL A 1107 33.44 -11.69 -19.05
CA VAL A 1107 34.71 -11.96 -19.71
C VAL A 1107 35.81 -11.36 -18.85
N PRO A 1108 36.22 -12.03 -17.80
CA PRO A 1108 37.25 -11.48 -16.91
C PRO A 1108 38.65 -11.73 -17.46
N ALA A 1109 39.60 -11.00 -16.90
CA ALA A 1109 41.02 -11.23 -17.17
C ALA A 1109 41.78 -11.69 -15.95
N THR A 1110 41.42 -11.20 -14.77
CA THR A 1110 42.08 -11.54 -13.51
C THR A 1110 41.07 -12.10 -12.54
N GLU A 1111 41.57 -12.78 -11.51
CA GLU A 1111 40.67 -13.30 -10.48
C GLU A 1111 39.90 -12.18 -9.80
N SER A 1112 40.58 -11.10 -9.42
CA SER A 1112 39.90 -9.99 -8.77
C SER A 1112 38.87 -9.37 -9.70
N GLY A 1113 39.22 -9.24 -10.98
CA GLY A 1113 38.25 -8.74 -11.94
C GLY A 1113 37.02 -9.62 -12.00
N LEU A 1114 37.22 -10.93 -12.06
CA LEU A 1114 36.09 -11.86 -12.05
C LEU A 1114 35.22 -11.65 -10.81
N TYR A 1115 35.84 -11.49 -9.63
CA TYR A 1115 35.05 -11.34 -8.43
C TYR A 1115 34.23 -10.04 -8.47
N HIS A 1116 34.85 -8.95 -8.92
CA HIS A 1116 34.11 -7.69 -9.07
C HIS A 1116 32.99 -7.81 -10.09
N GLN A 1117 33.25 -8.48 -11.23
CA GLN A 1117 32.20 -8.65 -12.23
C GLN A 1117 31.06 -9.49 -11.67
N LEU A 1118 31.42 -10.61 -11.03
CA LEU A 1118 30.40 -11.46 -10.44
CA LEU A 1118 30.42 -11.48 -10.41
C LEU A 1118 29.59 -10.70 -9.40
N ALA A 1119 30.25 -9.91 -8.56
CA ALA A 1119 29.53 -9.11 -7.57
C ALA A 1119 28.54 -8.17 -8.26
N ALA A 1120 28.99 -7.48 -9.32
CA ALA A 1120 28.09 -6.55 -10.00
C ALA A 1120 26.89 -7.27 -10.58
N ALA A 1121 27.12 -8.44 -11.17
CA ALA A 1121 26.03 -9.17 -11.81
C ALA A 1121 25.08 -9.76 -10.78
N LEU A 1122 25.62 -10.32 -9.70
CA LEU A 1122 24.77 -10.93 -8.69
C LEU A 1122 23.97 -9.88 -7.93
N ALA A 1123 24.60 -8.75 -7.64
CA ALA A 1123 23.92 -7.68 -6.90
C ALA A 1123 22.72 -7.14 -7.66
N THR A 1124 22.71 -7.31 -8.97
CA THR A 1124 21.58 -6.87 -9.79
C THR A 1124 20.67 -8.05 -10.18
N GLY A 1125 20.79 -9.18 -9.47
CA GLY A 1125 19.85 -10.28 -9.60
C GLY A 1125 20.15 -11.24 -10.73
N ASN A 1126 21.26 -11.07 -11.42
CA ASN A 1126 21.52 -11.82 -12.63
C ASN A 1126 22.21 -13.13 -12.33
N SER A 1127 22.07 -14.06 -13.27
CA SER A 1127 22.98 -15.19 -13.39
C SER A 1127 24.09 -14.77 -14.34
N VAL A 1128 25.13 -15.61 -14.44
CA VAL A 1128 26.28 -15.28 -15.25
C VAL A 1128 26.70 -16.48 -16.06
N ALA A 1129 27.29 -16.21 -17.21
CA ALA A 1129 28.07 -17.20 -17.95
C ALA A 1129 29.48 -16.64 -18.02
N ILE A 1130 30.46 -17.38 -17.49
CA ILE A 1130 31.83 -16.89 -17.39
C ILE A 1130 32.65 -17.50 -18.51
N ASP A 1131 33.41 -16.66 -19.23
CA ASP A 1131 34.28 -17.13 -20.29
C ASP A 1131 35.22 -18.22 -19.76
N ALA A 1132 35.05 -19.44 -20.26
CA ALA A 1132 35.95 -20.52 -19.86
C ALA A 1132 37.37 -20.29 -20.35
N ALA A 1133 37.55 -19.52 -21.42
CA ALA A 1133 38.89 -19.24 -21.93
C ALA A 1133 39.70 -18.35 -20.98
N SER A 1134 39.05 -17.73 -20.00
CA SER A 1134 39.78 -16.92 -19.02
C SER A 1134 40.73 -17.75 -18.18
N GLY A 1135 40.50 -19.05 -18.07
CA GLY A 1135 41.33 -19.90 -17.23
C GLY A 1135 41.17 -19.67 -15.76
N LEU A 1136 40.10 -19.01 -15.33
CA LEU A 1136 39.93 -18.63 -13.93
C LEU A 1136 39.01 -19.58 -13.17
N GLN A 1137 38.80 -20.79 -13.69
CA GLN A 1137 37.90 -21.73 -13.03
C GLN A 1137 38.35 -22.02 -11.60
N ALA A 1138 39.66 -22.16 -11.38
CA ALA A 1138 40.13 -22.45 -10.03
C ALA A 1138 39.84 -21.33 -9.03
N SER A 1139 39.41 -20.15 -9.50
CA SER A 1139 39.12 -19.05 -8.59
C SER A 1139 37.73 -19.15 -7.98
N LEU A 1140 36.89 -20.08 -8.43
CA LEU A 1140 35.55 -20.23 -7.91
C LEU A 1140 35.34 -21.62 -7.31
N LYS A 1141 36.36 -22.15 -6.66
CA LYS A 1141 36.20 -23.41 -5.96
C LYS A 1141 35.25 -23.25 -4.78
N ASN A 1142 34.40 -24.25 -4.57
CA ASN A 1142 33.61 -24.39 -3.34
C ASN A 1142 32.61 -23.25 -3.16
N LEU A 1143 31.93 -22.86 -4.25
CA LEU A 1143 30.89 -21.86 -4.13
C LEU A 1143 29.71 -22.40 -3.33
N PRO A 1144 29.04 -21.55 -2.55
CA PRO A 1144 27.75 -21.95 -2.00
C PRO A 1144 26.82 -22.35 -3.14
N GLN A 1145 25.97 -23.35 -2.88
CA GLN A 1145 25.06 -23.82 -3.92
C GLN A 1145 24.22 -22.68 -4.50
N THR A 1146 23.80 -21.73 -3.66
CA THR A 1146 22.99 -20.62 -4.13
C THR A 1146 23.71 -19.83 -5.22
N VAL A 1147 25.03 -19.63 -5.05
CA VAL A 1147 25.80 -18.91 -6.04
C VAL A 1147 26.11 -19.82 -7.23
N GLY A 1148 26.45 -21.08 -6.93
CA GLY A 1148 26.71 -22.03 -8.00
C GLY A 1148 25.57 -22.15 -8.97
N LEU A 1149 24.33 -22.13 -8.47
CA LEU A 1149 23.16 -22.20 -9.35
C LEU A 1149 23.15 -21.06 -10.34
N ARG A 1150 23.75 -19.93 -9.98
CA ARG A 1150 23.72 -18.77 -10.86
C ARG A 1150 24.91 -18.71 -11.80
N VAL A 1151 25.89 -19.60 -11.66
CA VAL A 1151 27.13 -19.51 -12.40
C VAL A 1151 27.19 -20.64 -13.43
N SER A 1152 27.45 -20.27 -14.67
CA SER A 1152 27.77 -21.21 -15.73
C SER A 1152 29.11 -20.81 -16.33
N TRP A 1153 29.83 -21.79 -16.85
CA TRP A 1153 31.07 -21.54 -17.57
C TRP A 1153 30.83 -21.80 -19.05
N SER A 1154 31.29 -20.89 -19.89
CA SER A 1154 30.97 -20.92 -21.31
C SER A 1154 32.26 -20.91 -22.12
N LYS A 1155 32.49 -21.98 -22.87
CA LYS A 1155 33.52 -21.99 -23.90
C LYS A 1155 32.98 -21.43 -25.22
N ASP A 1156 31.77 -21.83 -25.59
CA ASP A 1156 31.10 -21.44 -26.82
C ASP A 1156 30.00 -20.44 -26.45
N TRP A 1157 30.33 -19.15 -26.49
CA TRP A 1157 29.39 -18.13 -26.01
C TRP A 1157 28.09 -18.16 -26.80
N ALA A 1158 28.18 -18.33 -28.13
CA ALA A 1158 26.97 -18.34 -28.95
C ALA A 1158 26.06 -19.52 -28.63
N ALA A 1159 26.61 -20.60 -28.07
CA ALA A 1159 25.80 -21.76 -27.71
C ALA A 1159 25.09 -21.59 -26.38
N ASP A 1160 25.60 -20.73 -25.51
CA ASP A 1160 25.12 -20.63 -24.14
C ASP A 1160 24.26 -19.39 -23.91
N GLY A 1161 23.94 -18.66 -24.98
CA GLY A 1161 23.07 -17.52 -24.87
C GLY A 1161 21.62 -17.92 -25.01
N PRO A 1162 20.74 -16.92 -25.10
CA PRO A 1162 21.04 -15.49 -25.16
C PRO A 1162 21.47 -14.91 -23.81
N PHE A 1163 22.37 -13.95 -23.88
CA PHE A 1163 22.71 -13.15 -22.72
C PHE A 1163 21.92 -11.85 -22.73
N ALA A 1164 21.98 -11.16 -21.60
CA ALA A 1164 21.26 -9.90 -21.42
C ALA A 1164 22.21 -8.75 -21.17
N GLY A 1165 23.51 -9.01 -21.28
CA GLY A 1165 24.51 -7.99 -21.05
C GLY A 1165 25.86 -8.66 -20.95
N ALA A 1166 26.90 -7.84 -20.84
CA ALA A 1166 28.24 -8.38 -20.73
C ALA A 1166 29.11 -7.46 -19.91
N LEU A 1167 30.03 -8.05 -19.13
CA LEU A 1167 31.06 -7.32 -18.41
C LEU A 1167 32.41 -7.84 -18.89
N VAL A 1168 33.29 -6.93 -19.27
CA VAL A 1168 34.55 -7.29 -19.89
C VAL A 1168 35.68 -6.62 -19.11
N GLU A 1169 36.75 -7.36 -18.86
CA GLU A 1169 37.96 -6.82 -18.28
C GLU A 1169 39.13 -7.03 -19.23
N GLY A 1170 39.94 -5.99 -19.39
CA GLY A 1170 41.15 -6.14 -20.17
C GLY A 1170 41.69 -4.79 -20.59
N ASP A 1171 42.82 -4.83 -21.29
CA ASP A 1171 43.35 -3.62 -21.90
C ASP A 1171 42.57 -3.33 -23.18
N ALA A 1172 42.93 -2.22 -23.84
CA ALA A 1172 42.13 -1.75 -24.97
C ALA A 1172 42.05 -2.78 -26.07
N GLU A 1173 43.16 -3.46 -26.38
CA GLU A 1173 43.13 -4.48 -27.44
C GLU A 1173 42.22 -5.63 -27.06
N ARG A 1174 42.28 -6.07 -25.80
CA ARG A 1174 41.42 -7.16 -25.35
C ARG A 1174 39.96 -6.76 -25.36
N ILE A 1175 39.65 -5.55 -24.89
CA ILE A 1175 38.27 -5.06 -24.89
C ILE A 1175 37.74 -5.00 -26.32
N ARG A 1176 38.57 -4.51 -27.26
CA ARG A 1176 38.13 -4.41 -28.64
C ARG A 1176 37.82 -5.79 -29.21
N ALA A 1177 38.72 -6.75 -28.97
CA ALA A 1177 38.54 -8.09 -29.49
C ALA A 1177 37.32 -8.77 -28.87
N VAL A 1178 37.11 -8.57 -27.57
CA VAL A 1178 35.94 -9.16 -26.93
C VAL A 1178 34.67 -8.50 -27.44
N ASN A 1179 34.69 -7.17 -27.56
CA ASN A 1179 33.52 -6.44 -28.05
C ASN A 1179 33.14 -6.89 -29.45
N LYS A 1180 34.13 -7.23 -30.28
CA LYS A 1180 33.85 -7.75 -31.61
C LYS A 1180 33.25 -9.15 -31.54
N ALA A 1181 33.78 -10.00 -30.65
CA ALA A 1181 33.23 -11.34 -30.49
C ALA A 1181 31.80 -11.29 -29.95
N ILE A 1182 31.53 -10.35 -29.05
CA ILE A 1182 30.18 -10.26 -28.48
C ILE A 1182 29.19 -9.78 -29.54
N ALA A 1183 29.63 -8.85 -30.41
CA ALA A 1183 28.73 -8.37 -31.45
C ALA A 1183 28.36 -9.48 -32.42
N ALA A 1184 29.21 -10.51 -32.53
CA ALA A 1184 28.93 -11.64 -33.41
C ALA A 1184 28.00 -12.66 -32.78
N LEU A 1185 27.63 -12.48 -31.52
CA LEU A 1185 26.74 -13.46 -30.89
C LEU A 1185 25.35 -13.30 -31.50
N PRO A 1186 24.69 -14.40 -31.87
CA PRO A 1186 23.33 -14.30 -32.39
C PRO A 1186 22.36 -13.80 -31.33
N GLY A 1187 21.31 -13.12 -31.80
CA GLY A 1187 20.24 -12.71 -30.94
C GLY A 1187 20.34 -11.26 -30.54
N PRO A 1188 20.12 -10.99 -29.25
CA PRO A 1188 19.97 -9.60 -28.81
C PRO A 1188 21.28 -8.82 -28.85
N LEU A 1189 21.14 -7.51 -29.05
CA LEU A 1189 22.29 -6.61 -28.93
C LEU A 1189 22.65 -6.47 -27.46
N LEU A 1190 23.83 -6.93 -27.07
CA LEU A 1190 24.21 -6.92 -25.67
C LEU A 1190 24.75 -5.56 -25.28
N LEU A 1191 24.26 -5.03 -24.17
CA LEU A 1191 24.86 -3.85 -23.55
C LEU A 1191 26.13 -4.30 -22.84
N VAL A 1192 27.28 -3.92 -23.41
CA VAL A 1192 28.59 -4.34 -22.92
C VAL A 1192 29.20 -3.22 -22.09
N GLN A 1193 29.79 -3.57 -20.95
CA GLN A 1193 30.59 -2.65 -20.17
C GLN A 1193 32.01 -3.19 -20.05
N ALA A 1194 32.99 -2.31 -20.18
CA ALA A 1194 34.37 -2.73 -20.15
C ALA A 1194 35.15 -1.87 -19.18
N ALA A 1195 36.16 -2.49 -18.56
CA ALA A 1195 37.04 -1.80 -17.64
C ALA A 1195 38.40 -2.51 -17.69
N SER A 1196 39.46 -1.73 -17.49
CA SER A 1196 40.76 -2.34 -17.28
C SER A 1196 40.86 -2.90 -15.87
N SER A 1197 41.83 -3.78 -15.67
CA SER A 1197 42.09 -4.28 -14.32
C SER A 1197 42.37 -3.13 -13.36
N GLY A 1198 43.13 -2.13 -13.80
CA GLY A 1198 43.43 -1.00 -12.94
C GLY A 1198 42.21 -0.16 -12.65
N GLU A 1199 41.32 -0.02 -13.62
CA GLU A 1199 40.08 0.71 -13.37
C GLU A 1199 39.21 -0.04 -12.37
N ILE A 1200 39.18 -1.37 -12.45
CA ILE A 1200 38.43 -2.14 -11.46
C ILE A 1200 39.00 -1.89 -10.07
N ALA A 1201 40.32 -1.80 -9.96
CA ALA A 1201 40.94 -1.57 -8.66
C ALA A 1201 40.68 -0.15 -8.16
N ARG A 1202 40.67 0.84 -9.06
CA ARG A 1202 40.57 2.24 -8.68
C ARG A 1202 39.14 2.73 -8.53
N ASN A 1203 38.23 2.28 -9.39
CA ASN A 1203 36.94 2.91 -9.50
C ASN A 1203 35.84 1.96 -9.04
N PRO A 1204 35.19 2.24 -7.91
CA PRO A 1204 34.10 1.36 -7.45
C PRO A 1204 32.96 1.27 -8.46
N ASP A 1205 32.85 2.25 -9.35
CA ASP A 1205 31.83 2.26 -10.39
C ASP A 1205 32.39 1.90 -11.75
N ALA A 1206 33.51 1.17 -11.79
CA ALA A 1206 34.06 0.70 -13.06
C ALA A 1206 32.99 0.04 -13.91
N TYR A 1207 32.15 -0.77 -13.29
CA TYR A 1207 30.95 -1.34 -13.91
C TYR A 1207 29.74 -0.66 -13.29
N CYS A 1208 28.92 -0.03 -14.12
CA CYS A 1208 27.78 0.72 -13.64
C CYS A 1208 26.58 -0.20 -13.49
N LEU A 1209 25.96 -0.20 -12.31
CA LEU A 1209 24.86 -1.11 -12.07
C LEU A 1209 23.56 -0.66 -12.74
N ASN A 1210 23.48 0.59 -13.22
CA ASN A 1210 22.30 1.01 -13.97
C ASN A 1210 22.02 0.07 -15.13
N TRP A 1211 23.08 -0.42 -15.78
CA TRP A 1211 22.95 -1.17 -17.04
C TRP A 1211 22.88 -2.67 -16.82
N LEU A 1212 22.83 -3.12 -15.57
CA LEU A 1212 22.72 -4.53 -15.23
C LEU A 1212 21.37 -4.89 -14.65
N VAL A 1213 20.45 -3.95 -14.57
CA VAL A 1213 19.05 -4.24 -14.25
C VAL A 1213 18.22 -3.98 -15.50
N GLU A 1214 17.00 -4.47 -15.47
CA GLU A 1214 16.06 -4.31 -16.57
C GLU A 1214 14.87 -3.51 -16.08
N GLU A 1215 14.54 -2.44 -16.80
CA GLU A 1215 13.38 -1.65 -16.44
C GLU A 1215 12.13 -2.33 -16.99
N VAL A 1216 11.08 -2.35 -16.19
CA VAL A 1216 9.78 -2.84 -16.64
C VAL A 1216 8.74 -1.80 -16.28
N SER A 1217 7.92 -1.46 -17.26
CA SER A 1217 6.79 -0.57 -17.09
C SER A 1217 5.52 -1.39 -17.22
N ALA A 1218 4.58 -1.16 -16.31
CA ALA A 1218 3.30 -1.85 -16.33
C ALA A 1218 2.21 -0.80 -16.17
N SER A 1219 1.26 -0.79 -17.10
CA SER A 1219 0.16 0.15 -17.06
C SER A 1219 -1.13 -0.64 -16.91
N ILE A 1220 -1.83 -0.45 -15.80
CA ILE A 1220 -3.04 -1.20 -15.48
C ILE A 1220 -4.23 -0.26 -15.56
N ASN A 1221 -5.17 -0.59 -16.42
CA ASN A 1221 -6.42 0.14 -16.51
C ASN A 1221 -7.29 -0.25 -15.32
N THR A 1222 -7.43 0.65 -14.36
CA THR A 1222 -8.23 0.37 -13.17
C THR A 1222 -9.64 0.94 -13.28
N ALA A 1223 -10.01 1.44 -14.44
CA ALA A 1223 -11.40 1.74 -14.72
C ALA A 1223 -12.08 0.57 -15.41
N ALA A 1224 -11.34 -0.53 -15.61
CA ALA A 1224 -11.71 -1.58 -16.54
C ALA A 1224 -12.97 -2.33 -16.11
N ALA A 1225 -13.29 -2.35 -14.82
CA ALA A 1225 -14.53 -2.95 -14.36
C ALA A 1225 -15.74 -2.02 -14.55
N GLY A 1226 -15.55 -0.86 -15.16
CA GLY A 1226 -16.63 0.06 -15.49
C GLY A 1226 -16.57 1.37 -14.74
N GLY A 1227 -15.86 1.43 -13.62
CA GLY A 1227 -15.78 2.65 -12.84
C GLY A 1227 -14.42 2.79 -12.18
N ASN A 1228 -14.24 3.92 -11.52
CA ASN A 1228 -13.00 4.25 -10.84
C ASN A 1228 -13.25 4.20 -9.33
N ALA A 1229 -12.63 3.24 -8.66
CA ALA A 1229 -12.82 3.08 -7.21
C ALA A 1229 -12.37 4.32 -6.46
N SER A 1230 -11.10 4.73 -6.64
CA SER A 1230 -10.56 5.85 -5.89
C SER A 1230 -11.29 7.15 -6.21
N LEU A 1231 -11.88 7.25 -7.39
CA LEU A 1231 -12.67 8.43 -7.75
C LEU A 1231 -14.15 8.19 -7.51
N ALA B 16 6.71 -15.47 58.09
CA ALA B 16 6.47 -15.07 56.71
C ALA B 16 5.41 -13.99 56.62
N PRO B 17 5.69 -12.93 55.87
CA PRO B 17 4.66 -11.89 55.65
C PRO B 17 3.41 -12.50 55.04
N ALA B 18 2.26 -12.02 55.51
CA ALA B 18 0.99 -12.46 54.94
C ALA B 18 0.93 -12.13 53.46
N PRO B 19 0.47 -13.04 52.61
CA PRO B 19 0.41 -12.75 51.17
C PRO B 19 -0.38 -11.48 50.90
N PHE B 20 0.21 -10.61 50.08
CA PHE B 20 -0.41 -9.39 49.55
C PHE B 20 -0.74 -8.37 50.62
N ALA B 21 -0.25 -8.56 51.85
CA ALA B 21 -0.51 -7.61 52.92
C ALA B 21 0.02 -6.22 52.60
N ASP B 22 1.12 -6.13 51.85
CA ASP B 22 1.65 -4.83 51.44
C ASP B 22 1.77 -4.76 49.92
N PHE B 23 0.68 -5.09 49.21
CA PHE B 23 0.79 -5.22 47.76
C PHE B 23 1.03 -3.88 47.09
N ALA B 24 0.17 -2.91 47.36
CA ALA B 24 0.31 -1.61 46.72
C ALA B 24 -0.32 -0.52 47.57
N PRO B 25 0.14 -0.31 48.81
CA PRO B 25 -0.46 0.73 49.65
C PRO B 25 -0.26 2.09 49.02
N PRO B 26 -1.31 2.93 49.01
CA PRO B 26 -1.17 4.26 48.42
C PRO B 26 -0.23 5.13 49.24
N VAL B 27 0.31 6.15 48.58
CA VAL B 27 1.18 7.08 49.28
C VAL B 27 0.46 7.71 50.46
N ARG B 28 -0.82 8.03 50.28
CA ARG B 28 -1.61 8.68 51.32
C ARG B 28 -3.05 8.24 51.17
N PRO B 29 -3.86 8.36 52.23
CA PRO B 29 -5.30 8.12 52.07
C PRO B 29 -5.89 9.05 51.02
N GLN B 30 -6.77 8.51 50.19
CA GLN B 30 -7.28 9.27 49.07
C GLN B 30 -8.44 10.15 49.53
N SER B 31 -8.23 11.47 49.47
CA SER B 31 -9.27 12.43 49.80
C SER B 31 -10.42 12.35 48.79
N THR B 32 -11.50 13.08 49.10
CA THR B 32 -12.63 13.17 48.19
C THR B 32 -12.20 13.72 46.82
N LEU B 33 -11.38 14.77 46.83
CA LEU B 33 -10.94 15.36 45.57
C LEU B 33 -10.02 14.40 44.80
N ARG B 34 -9.15 13.68 45.50
CA ARG B 34 -8.31 12.70 44.81
C ARG B 34 -9.15 11.58 44.22
N ARG B 35 -10.15 11.11 44.96
CA ARG B 35 -10.98 10.03 44.45
C ARG B 35 -11.79 10.48 43.24
N ALA B 36 -12.15 11.78 43.18
CA ALA B 36 -12.88 12.28 42.02
C ALA B 36 -12.00 12.28 40.78
N ILE B 37 -10.71 12.59 40.95
CA ILE B 37 -9.75 12.47 39.86
C ILE B 37 -9.71 11.02 39.36
N THR B 38 -9.49 10.08 40.28
CA THR B 38 -9.34 8.69 39.88
C THR B 38 -10.60 8.19 39.18
N ALA B 39 -11.76 8.62 39.67
CA ALA B 39 -13.03 8.19 39.11
C ALA B 39 -13.15 8.59 37.64
N ALA B 40 -12.49 9.66 37.24
CA ALA B 40 -12.59 10.20 35.88
C ALA B 40 -11.58 9.58 34.92
N TYR B 41 -10.67 8.75 35.44
CA TYR B 41 -9.50 8.31 34.69
C TYR B 41 -9.87 7.86 33.27
N ARG B 42 -10.84 6.96 33.15
CA ARG B 42 -11.22 6.42 31.85
C ARG B 42 -12.71 6.55 31.62
N ARG B 43 -13.26 7.69 32.02
CA ARG B 43 -14.67 7.93 31.90
C ARG B 43 -15.06 7.96 30.42
N PRO B 44 -16.20 7.35 30.04
CA PRO B 44 -16.63 7.44 28.64
C PRO B 44 -16.64 8.87 28.14
N GLU B 45 -16.21 9.04 26.90
CA GLU B 45 -16.12 10.37 26.31
C GLU B 45 -17.48 11.05 26.27
N THR B 46 -18.55 10.29 26.03
CA THR B 46 -19.88 10.90 26.01
C THR B 46 -20.32 11.40 27.39
N GLU B 47 -19.74 10.88 28.46
CA GLU B 47 -20.01 11.43 29.79
C GLU B 47 -19.10 12.60 30.13
N CYS B 48 -17.89 12.64 29.57
CA CYS B 48 -16.96 13.73 29.87
C CYS B 48 -17.39 15.04 29.24
N LEU B 49 -17.86 15.00 28.02
CA LEU B 49 -17.99 16.23 27.24
C LEU B 49 -19.12 17.16 27.68
N PRO B 50 -20.33 16.69 28.01
CA PRO B 50 -21.43 17.64 28.29
C PRO B 50 -21.10 18.63 29.40
N PRO B 51 -20.56 18.20 30.55
CA PRO B 51 -20.15 19.22 31.54
C PRO B 51 -19.06 20.15 31.04
N LEU B 52 -18.20 19.70 30.13
CA LEU B 52 -17.17 20.59 29.61
C LEU B 52 -17.76 21.61 28.63
N VAL B 53 -18.69 21.17 27.80
CA VAL B 53 -19.39 22.09 26.90
C VAL B 53 -20.07 23.20 27.69
N GLU B 54 -20.77 22.82 28.76
CA GLU B 54 -21.45 23.82 29.58
C GLU B 54 -20.47 24.81 30.18
N ALA B 55 -19.35 24.31 30.71
CA ALA B 55 -18.36 25.17 31.34
C ALA B 55 -17.68 26.09 30.33
N ALA B 56 -17.54 25.64 29.09
CA ALA B 56 -16.86 26.39 28.04
C ALA B 56 -17.81 27.29 27.25
N THR B 57 -19.11 27.21 27.51
CA THR B 57 -20.07 28.04 26.79
C THR B 57 -19.86 29.50 27.14
N GLN B 58 -19.89 30.36 26.12
CA GLN B 58 -19.79 31.80 26.32
C GLN B 58 -20.89 32.50 25.54
N SER B 59 -21.15 33.76 25.93
CA SER B 59 -22.20 34.55 25.29
C SER B 59 -21.92 34.73 23.80
N LYS B 60 -22.97 35.11 23.07
CA LYS B 60 -22.80 35.41 21.64
C LYS B 60 -21.87 36.60 21.45
N GLU B 61 -21.96 37.60 22.33
CA GLU B 61 -21.08 38.76 22.23
C GLU B 61 -19.62 38.33 22.33
N ILE B 62 -19.30 37.53 23.35
CA ILE B 62 -17.92 37.07 23.53
C ILE B 62 -17.50 36.19 22.36
N ARG B 63 -18.38 35.29 21.92
CA ARG B 63 -18.04 34.37 20.84
C ARG B 63 -17.76 35.11 19.54
N ASP B 64 -18.55 36.15 19.26
CA ASP B 64 -18.29 36.98 18.09
C ASP B 64 -16.99 37.76 18.24
N ALA B 65 -16.76 38.35 19.42
CA ALA B 65 -15.52 39.08 19.67
C ALA B 65 -14.31 38.15 19.64
N ALA B 66 -14.47 36.91 20.10
CA ALA B 66 -13.35 35.98 20.09
C ALA B 66 -13.01 35.54 18.67
N ALA B 67 -14.03 35.29 17.86
CA ALA B 67 -13.78 34.89 16.47
C ALA B 67 -13.10 36.01 15.70
N SER B 68 -13.42 37.26 16.02
CA SER B 68 -12.78 38.39 15.35
C SER B 68 -11.32 38.54 15.81
N THR B 69 -11.09 38.51 17.13
CA THR B 69 -9.73 38.48 17.64
C THR B 69 -8.94 37.31 17.03
N ALA B 70 -9.53 36.11 17.05
CA ALA B 70 -8.87 34.97 16.41
C ALA B 70 -8.60 35.22 14.94
N ARG B 71 -9.55 35.86 14.24
CA ARG B 71 -9.34 36.14 12.83
C ARG B 71 -8.19 37.10 12.61
N LYS B 72 -8.10 38.15 13.43
CA LYS B 72 -7.00 39.10 13.33
C LYS B 72 -5.66 38.42 13.60
N LEU B 73 -5.61 37.55 14.62
CA LEU B 73 -4.36 36.83 14.93
C LEU B 73 -3.93 35.95 13.77
N ILE B 74 -4.88 35.24 13.15
CA ILE B 74 -4.54 34.30 12.08
C ILE B 74 -4.13 35.04 10.82
N GLU B 75 -4.83 36.12 10.48
CA GLU B 75 -4.42 36.95 9.36
C GLU B 75 -3.01 37.48 9.58
N ALA B 76 -2.73 37.99 10.78
CA ALA B 76 -1.39 38.44 11.10
C ALA B 76 -0.38 37.32 10.92
N LEU B 77 -0.70 36.12 11.43
CA LEU B 77 0.23 34.99 11.31
C LEU B 77 0.49 34.65 9.85
N ARG B 78 -0.57 34.53 9.05
CA ARG B 78 -0.42 34.19 7.64
C ARG B 78 0.12 35.35 6.81
N GLY B 79 0.12 36.58 7.34
CA GLY B 79 0.75 37.69 6.65
C GLY B 79 2.26 37.68 6.71
N LYS B 80 2.83 36.92 7.65
CA LYS B 80 4.27 36.85 7.84
C LYS B 80 4.81 35.47 7.44
N GLY B 85 13.47 28.72 6.67
CA GLY B 85 14.58 28.88 5.76
C GLY B 85 14.88 27.59 4.99
N VAL B 86 14.32 26.48 5.46
CA VAL B 86 14.50 25.21 4.75
C VAL B 86 13.81 25.25 3.40
N GLU B 87 12.58 25.76 3.35
CA GLU B 87 11.86 25.86 2.09
C GLU B 87 12.62 26.71 1.08
N GLY B 88 13.24 27.80 1.55
CA GLY B 88 14.03 28.63 0.64
C GLY B 88 15.27 27.92 0.14
N LEU B 89 15.89 27.12 0.99
CA LEU B 89 17.03 26.31 0.55
C LEU B 89 16.59 25.29 -0.49
N VAL B 90 15.49 24.58 -0.21
CA VAL B 90 14.96 23.60 -1.15
C VAL B 90 14.66 24.25 -2.49
N GLN B 91 14.08 25.46 -2.47
CA GLN B 91 13.75 26.12 -3.72
C GLN B 91 14.99 26.65 -4.43
N GLU B 92 15.94 27.20 -3.69
CA GLU B 92 17.14 27.75 -4.33
C GLU B 92 17.92 26.66 -5.07
N TYR B 93 18.00 25.46 -4.49
CA TYR B 93 18.79 24.39 -5.08
C TYR B 93 17.93 23.31 -5.73
N SER B 94 16.63 23.56 -5.87
CA SER B 94 15.70 22.64 -6.53
C SER B 94 15.82 21.24 -5.94
N LEU B 95 15.80 21.18 -4.61
CA LEU B 95 15.96 19.91 -3.92
C LEU B 95 14.64 19.16 -3.87
N SER B 96 14.72 17.86 -4.08
CA SER B 96 13.64 16.99 -3.72
C SER B 96 13.53 16.95 -2.19
N SER B 97 12.42 16.40 -1.70
CA SER B 97 12.27 16.25 -0.27
C SER B 97 13.36 15.35 0.32
N GLN B 98 13.65 14.22 -0.34
CA GLN B 98 14.68 13.32 0.14
C GLN B 98 16.05 14.00 0.09
N GLU B 99 16.29 14.83 -0.92
CA GLU B 99 17.54 15.57 -0.96
C GLU B 99 17.62 16.57 0.18
N GLY B 100 16.51 17.24 0.48
CA GLY B 100 16.50 18.16 1.60
C GLY B 100 16.77 17.46 2.91
N VAL B 101 16.14 16.30 3.12
CA VAL B 101 16.40 15.51 4.33
C VAL B 101 17.85 15.05 4.37
N ALA B 102 18.35 14.53 3.25
CA ALA B 102 19.73 14.03 3.22
C ALA B 102 20.72 15.16 3.47
N LEU B 103 20.46 16.34 2.91
CA LEU B 103 21.36 17.45 3.12
C LEU B 103 21.41 17.85 4.59
N MET B 104 20.24 17.89 5.24
CA MET B 104 20.21 18.28 6.65
C MET B 104 20.92 17.25 7.51
N CYS B 105 20.79 15.97 7.17
CA CYS B 105 21.56 14.93 7.85
C CYS B 105 23.06 15.15 7.69
N LEU B 106 23.50 15.45 6.46
CA LEU B 106 24.91 15.72 6.27
C LEU B 106 25.33 16.97 7.05
N ALA B 107 24.50 18.02 7.02
CA ALA B 107 24.82 19.22 7.77
C ALA B 107 24.93 18.94 9.26
N GLU B 108 23.99 18.18 9.80
CA GLU B 108 24.06 17.76 11.21
C GLU B 108 25.39 17.08 11.51
N ALA B 109 25.76 16.09 10.70
CA ALA B 109 27.03 15.40 10.92
C ALA B 109 28.22 16.36 10.83
N LEU B 110 28.20 17.29 9.88
CA LEU B 110 29.31 18.22 9.74
C LEU B 110 29.40 19.18 10.92
N LEU B 111 28.27 19.46 11.55
CA LEU B 111 28.26 20.31 12.73
C LEU B 111 28.73 19.58 13.98
N ARG B 112 28.91 18.25 13.91
CA ARG B 112 29.61 17.54 14.97
C ARG B 112 31.10 17.84 14.96
N ILE B 113 31.63 18.42 13.88
CA ILE B 113 33.01 18.90 13.85
C ILE B 113 33.03 20.29 14.47
N PRO B 114 33.60 20.46 15.65
CA PRO B 114 33.44 21.74 16.38
C PRO B 114 34.17 22.92 15.76
N ASP B 115 35.33 22.70 15.16
CA ASP B 115 36.13 23.81 14.65
C ASP B 115 35.69 24.18 13.24
N THR B 116 35.37 25.46 13.05
CA THR B 116 34.86 25.92 11.76
C THR B 116 35.85 25.62 10.64
N ALA B 117 37.13 25.89 10.86
CA ALA B 117 38.11 25.71 9.80
C ALA B 117 38.31 24.24 9.43
N THR B 118 38.25 23.35 10.43
CA THR B 118 38.35 21.92 10.14
C THR B 118 37.13 21.45 9.35
N ARG B 119 35.95 21.88 9.76
CA ARG B 119 34.73 21.53 9.05
C ARG B 119 34.75 22.08 7.63
N ASP B 120 35.13 23.36 7.48
CA ASP B 120 35.18 23.98 6.16
C ASP B 120 36.17 23.28 5.24
N ALA B 121 37.30 22.82 5.80
CA ALA B 121 38.28 22.13 4.98
C ALA B 121 37.76 20.77 4.53
N LEU B 122 37.12 20.02 5.43
CA LEU B 122 36.58 18.73 5.05
C LEU B 122 35.52 18.88 3.95
N ILE B 123 34.72 19.94 4.03
CA ILE B 123 33.70 20.19 3.02
C ILE B 123 34.35 20.43 1.66
N ARG B 124 35.31 21.35 1.60
CA ARG B 124 35.89 21.76 0.32
C ARG B 124 36.84 20.72 -0.25
N ASP B 125 37.34 19.79 0.57
CA ASP B 125 38.37 18.88 0.12
C ASP B 125 37.95 17.42 0.11
N LYS B 126 36.79 17.08 0.66
CA LYS B 126 36.36 15.69 0.68
C LYS B 126 34.87 15.57 0.35
N ILE B 127 34.02 16.32 1.06
CA ILE B 127 32.58 16.14 0.88
C ILE B 127 32.13 16.69 -0.47
N ALA B 128 32.57 17.90 -0.83
CA ALA B 128 32.08 18.54 -2.03
C ALA B 128 32.48 17.78 -3.29
N ASP B 129 33.54 16.98 -3.23
CA ASP B 129 33.94 16.13 -4.34
C ASP B 129 33.24 14.78 -4.31
N GLY B 130 32.22 14.62 -3.46
CA GLY B 130 31.39 13.44 -3.44
C GLY B 130 31.79 12.39 -2.41
N ASN B 131 33.06 12.39 -1.99
CA ASN B 131 33.52 11.38 -1.05
C ASN B 131 32.95 11.67 0.34
N TRP B 132 31.63 11.54 0.49
CA TRP B 132 31.01 11.81 1.78
C TRP B 132 30.92 10.58 2.66
N LYS B 133 30.80 9.40 2.06
CA LYS B 133 30.60 8.19 2.85
C LYS B 133 31.78 7.94 3.78
N SER B 134 33.00 8.02 3.24
CA SER B 134 34.19 7.66 4.02
C SER B 134 34.42 8.66 5.15
N HIS B 135 34.43 9.95 4.84
CA HIS B 135 34.84 10.98 5.79
C HIS B 135 33.83 11.23 6.90
N LEU B 136 32.62 10.66 6.81
CA LEU B 136 31.63 10.83 7.87
C LEU B 136 30.89 9.52 8.14
N ARG B 140 28.67 5.34 12.20
CA ARG B 140 27.23 5.14 12.09
C ARG B 140 26.67 5.88 10.87
N SER B 141 25.47 5.48 10.46
CA SER B 141 24.83 6.08 9.31
C SER B 141 24.72 7.59 9.48
N LEU B 142 24.96 8.31 8.37
CA LEU B 142 24.67 9.74 8.34
C LEU B 142 23.22 10.03 8.61
N PHE B 143 22.34 9.04 8.43
CA PHE B 143 20.90 9.25 8.38
C PHE B 143 20.19 8.74 9.63
N VAL B 144 20.93 8.54 10.73
CA VAL B 144 20.32 8.02 11.96
C VAL B 144 19.19 8.93 12.44
N ASN B 145 19.33 10.24 12.26
CA ASN B 145 18.30 11.19 12.67
C ASN B 145 17.46 11.69 11.50
N ALA B 146 17.42 10.94 10.40
CA ALA B 146 16.69 11.42 9.24
C ALA B 146 15.19 11.53 9.48
N ALA B 147 14.63 10.76 10.42
CA ALA B 147 13.19 10.90 10.67
C ALA B 147 12.89 12.29 11.22
N THR B 148 13.78 12.80 12.06
CA THR B 148 13.60 14.15 12.58
C THR B 148 13.69 15.19 11.46
N TRP B 149 14.70 15.07 10.61
CA TRP B 149 14.80 16.02 9.50
C TRP B 149 13.68 15.82 8.48
N GLY B 150 13.22 14.57 8.32
CA GLY B 150 12.06 14.34 7.48
C GLY B 150 10.86 15.13 7.95
N LEU B 151 10.63 15.15 9.27
CA LEU B 151 9.59 16.00 9.83
C LEU B 151 9.82 17.46 9.47
N VAL B 152 11.05 17.94 9.67
CA VAL B 152 11.37 19.34 9.44
C VAL B 152 11.14 19.72 7.98
N VAL B 153 11.50 18.84 7.06
CA VAL B 153 11.50 19.18 5.64
C VAL B 153 10.12 18.98 5.00
N THR B 154 9.44 17.89 5.35
CA THR B 154 8.21 17.51 4.67
C THR B 154 6.98 17.60 5.55
N GLY B 155 7.15 17.74 6.87
CA GLY B 155 6.02 17.69 7.77
C GLY B 155 5.48 16.31 8.06
N LYS B 156 6.15 15.27 7.57
CA LYS B 156 5.71 13.89 7.73
C LYS B 156 6.74 13.16 8.59
N LEU B 157 6.24 12.30 9.47
CA LEU B 157 7.09 11.52 10.36
C LEU B 157 6.97 10.05 10.00
N THR B 158 8.11 9.40 9.78
CA THR B 158 8.19 7.94 9.68
C THR B 158 9.02 7.42 10.85
N SER B 159 8.81 6.15 11.21
CA SER B 159 9.57 5.64 12.34
C SER B 159 10.96 5.15 11.91
N THR B 160 11.10 4.72 10.67
CA THR B 160 12.40 4.33 10.14
C THR B 160 12.64 5.10 8.85
N VAL B 161 13.87 5.05 8.35
CA VAL B 161 14.26 5.89 7.24
C VAL B 161 14.79 5.02 6.12
N ASN B 162 14.49 5.42 4.89
CA ASN B 162 14.99 4.72 3.71
C ASN B 162 16.39 5.25 3.44
N ASP B 163 17.38 4.58 4.03
CA ASP B 163 18.74 5.07 3.93
C ASP B 163 19.35 4.86 2.54
N ARG B 164 18.82 3.93 1.74
CA ARG B 164 19.29 3.84 0.37
C ARG B 164 18.79 5.01 -0.46
N SER B 165 17.53 5.41 -0.24
CA SER B 165 16.99 6.57 -0.92
C SER B 165 17.73 7.83 -0.51
N LEU B 166 18.04 7.97 0.78
CA LEU B 166 18.75 9.15 1.27
C LEU B 166 20.18 9.18 0.79
N ALA B 167 20.86 8.02 0.78
CA ALA B 167 22.23 7.99 0.25
C ALA B 167 22.24 8.33 -1.24
N ALA B 168 21.24 7.85 -1.98
CA ALA B 168 21.15 8.23 -3.38
C ALA B 168 20.90 9.72 -3.54
N ALA B 169 20.02 10.29 -2.71
CA ALA B 169 19.69 11.71 -2.81
C ALA B 169 20.88 12.58 -2.44
N LEU B 170 21.63 12.17 -1.43
CA LEU B 170 22.79 12.95 -1.02
C LEU B 170 23.87 12.92 -2.08
N THR B 171 24.15 11.75 -2.65
CA THR B 171 25.07 11.69 -3.78
C THR B 171 24.59 12.59 -4.90
N ARG B 172 23.30 12.52 -5.22
CA ARG B 172 22.78 13.28 -6.35
C ARG B 172 22.93 14.77 -6.11
N LEU B 173 22.56 15.23 -4.92
CA LEU B 173 22.58 16.66 -4.69
C LEU B 173 24.01 17.19 -4.62
N ILE B 174 24.95 16.42 -4.07
CA ILE B 174 26.33 16.90 -4.02
C ILE B 174 26.94 16.93 -5.42
N SER B 175 26.74 15.88 -6.22
CA SER B 175 27.29 15.87 -7.57
C SER B 175 26.63 16.94 -8.43
N ARG B 176 25.38 17.29 -8.14
CA ARG B 176 24.72 18.31 -8.94
C ARG B 176 25.10 19.72 -8.49
N CYS B 177 25.16 19.97 -7.18
CA CYS B 177 25.28 21.33 -6.68
C CYS B 177 26.59 21.63 -5.96
N GLY B 178 27.33 20.62 -5.52
CA GLY B 178 28.68 20.90 -5.05
C GLY B 178 28.73 21.59 -3.70
N GLU B 179 29.86 22.25 -3.46
CA GLU B 179 30.09 22.88 -2.18
C GLU B 179 29.03 23.90 -1.78
N PRO B 180 28.52 24.75 -2.68
CA PRO B 180 27.59 25.79 -2.22
C PRO B 180 26.35 25.25 -1.53
N VAL B 181 25.82 24.10 -1.96
CA VAL B 181 24.63 23.61 -1.29
C VAL B 181 24.98 23.01 0.07
N ILE B 182 26.19 22.45 0.21
CA ILE B 182 26.62 21.92 1.50
C ILE B 182 26.77 23.05 2.51
N ARG B 183 27.44 24.13 2.08
CA ARG B 183 27.64 25.29 2.95
C ARG B 183 26.29 25.87 3.38
N ARG B 184 25.37 26.04 2.42
CA ARG B 184 24.04 26.53 2.75
C ARG B 184 23.33 25.61 3.74
N GLY B 185 23.46 24.29 3.55
CA GLY B 185 22.83 23.36 4.47
C GLY B 185 23.43 23.43 5.87
N VAL B 186 24.76 23.52 5.95
CA VAL B 186 25.42 23.68 7.26
C VAL B 186 24.90 24.92 7.97
N ASP B 187 24.89 26.06 7.28
CA ASP B 187 24.41 27.29 7.90
C ASP B 187 22.96 27.17 8.32
N MET B 188 22.13 26.53 7.49
CA MET B 188 20.73 26.32 7.84
C MET B 188 20.59 25.46 9.10
N ALA B 189 21.29 24.32 9.12
CA ALA B 189 21.19 23.45 10.29
C ALA B 189 21.73 24.15 11.54
N MET B 190 22.78 24.95 11.37
CA MET B 190 23.35 25.67 12.51
C MET B 190 22.34 26.62 13.13
N ARG B 191 21.62 27.37 12.29
CA ARG B 191 20.61 28.29 12.80
C ARG B 191 19.48 27.53 13.50
N MET B 192 18.94 26.50 12.86
CA MET B 192 17.81 25.78 13.43
C MET B 192 18.21 25.07 14.72
N MET B 193 19.32 24.33 14.70
CA MET B 193 19.70 23.55 15.86
C MET B 193 20.24 24.40 17.00
N GLY B 194 20.73 25.60 16.70
CA GLY B 194 21.35 26.42 17.73
C GLY B 194 20.49 27.57 18.21
N GLU B 195 19.47 27.95 17.42
CA GLU B 195 18.72 29.17 17.71
C GLU B 195 17.22 28.97 17.63
N GLN B 196 16.76 27.99 16.84
CA GLN B 196 15.34 27.74 16.66
C GLN B 196 14.82 26.56 17.46
N PHE B 197 15.54 25.44 17.48
CA PHE B 197 15.14 24.32 18.33
C PHE B 197 15.39 24.64 19.79
N VAL B 198 16.52 25.26 20.10
CA VAL B 198 16.83 25.65 21.46
C VAL B 198 17.02 27.16 21.51
N THR B 199 16.79 27.72 22.69
CA THR B 199 17.13 29.11 22.91
C THR B 199 18.63 29.27 23.05
N GLY B 200 19.32 28.25 23.52
CA GLY B 200 20.76 28.28 23.62
C GLY B 200 21.28 26.89 23.90
N GLU B 201 22.57 26.71 23.65
CA GLU B 201 23.22 25.44 23.95
C GLU B 201 23.60 25.32 25.43
N THR B 202 23.75 26.45 26.11
CA THR B 202 23.98 26.49 27.54
C THR B 202 22.97 27.45 28.14
N ILE B 203 22.80 27.40 29.46
CA ILE B 203 21.82 28.27 30.10
C ILE B 203 22.28 29.72 30.03
N ARG B 204 23.58 29.97 30.15
CA ARG B 204 24.03 31.36 30.08
C ARG B 204 23.84 31.92 28.68
N GLU B 205 24.01 31.10 27.65
CA GLU B 205 23.67 31.55 26.29
C GLU B 205 22.18 31.78 26.15
N ALA B 206 21.36 30.84 26.64
CA ALA B 206 19.93 31.03 26.58
C ALA B 206 19.51 32.30 27.32
N LEU B 207 20.10 32.54 28.49
CA LEU B 207 19.75 33.74 29.26
C LEU B 207 20.13 35.00 28.51
N LYS B 208 21.33 35.02 27.90
CA LYS B 208 21.74 36.21 27.14
C LYS B 208 20.77 36.46 25.98
N ARG B 209 20.34 35.42 25.28
CA ARG B 209 19.44 35.62 24.16
C ARG B 209 18.03 35.97 24.60
N SER B 210 17.69 35.79 25.88
CA SER B 210 16.33 36.08 26.33
C SER B 210 16.08 37.57 26.50
N LYS B 211 17.13 38.37 26.63
CA LYS B 211 16.98 39.78 26.93
C LYS B 211 16.09 40.48 25.91
N GLU B 212 16.22 40.10 24.63
CA GLU B 212 15.56 40.84 23.56
C GLU B 212 14.05 40.78 23.71
N LEU B 213 13.49 39.58 23.84
CA LEU B 213 12.04 39.46 23.96
C LEU B 213 11.55 39.81 25.36
N GLU B 214 12.40 39.69 26.38
CA GLU B 214 12.02 40.17 27.70
C GLU B 214 11.78 41.68 27.69
N GLU B 215 12.62 42.43 26.96
CA GLU B 215 12.38 43.86 26.83
C GLU B 215 11.06 44.16 26.15
N LYS B 216 10.62 43.27 25.26
CA LYS B 216 9.35 43.43 24.58
C LYS B 216 8.17 42.90 25.41
N GLY B 217 8.43 42.34 26.60
CA GLY B 217 7.38 41.91 27.51
C GLY B 217 7.20 40.42 27.64
N PHE B 218 7.99 39.61 26.96
CA PHE B 218 7.95 38.17 27.17
C PHE B 218 8.67 37.82 28.47
N SER B 219 8.34 36.65 29.01
CA SER B 219 9.14 36.03 30.05
C SER B 219 9.56 34.65 29.56
N TYR B 220 10.32 33.94 30.39
CA TYR B 220 10.89 32.68 29.97
C TYR B 220 10.73 31.61 31.04
N SER B 221 10.66 30.37 30.58
CA SER B 221 10.80 29.20 31.44
C SER B 221 11.75 28.26 30.73
N TYR B 222 12.90 27.99 31.35
CA TYR B 222 13.95 27.23 30.68
C TYR B 222 13.78 25.75 30.95
N ASP B 223 13.97 24.97 29.89
CA ASP B 223 13.85 23.52 29.91
C ASP B 223 15.25 22.97 29.61
N MET B 224 15.97 22.56 30.65
CA MET B 224 17.22 21.84 30.45
C MET B 224 16.86 20.48 29.87
N LEU B 225 17.24 20.25 28.61
CA LEU B 225 16.78 19.06 27.91
C LEU B 225 17.15 17.81 28.71
N GLY B 226 16.13 17.05 29.09
CA GLY B 226 16.32 15.94 29.99
C GLY B 226 15.00 15.34 30.42
N GLU B 227 14.90 14.03 30.34
CA GLU B 227 13.69 13.30 30.75
C GLU B 227 14.01 11.83 30.71
N ALA B 228 13.13 11.06 31.35
CA ALA B 228 13.18 9.60 31.32
C ALA B 228 14.60 9.11 31.58
N ALA B 229 15.11 9.47 32.75
CA ALA B 229 16.37 8.88 33.24
C ALA B 229 16.31 7.37 33.17
N THR B 230 17.36 6.78 32.61
CA THR B 230 17.47 5.33 32.51
C THR B 230 18.26 4.75 33.69
N THR B 231 19.28 5.48 34.14
CA THR B 231 20.17 5.03 35.20
C THR B 231 20.19 6.07 36.31
N ALA B 232 20.68 5.64 37.48
CA ALA B 232 20.89 6.57 38.58
C ALA B 232 21.80 7.72 38.16
N ALA B 233 22.83 7.42 37.38
CA ALA B 233 23.78 8.45 36.95
C ALA B 233 23.09 9.47 36.04
N ASP B 234 22.17 9.01 35.18
CA ASP B 234 21.37 9.94 34.39
C ASP B 234 20.61 10.91 35.29
N ALA B 235 19.88 10.35 36.27
CA ALA B 235 19.03 11.18 37.12
C ALA B 235 19.87 12.16 37.92
N GLU B 236 21.03 11.72 38.39
CA GLU B 236 21.90 12.62 39.14
C GLU B 236 22.44 13.72 38.25
N ARG B 237 22.78 13.37 37.00
CA ARG B 237 23.22 14.38 36.05
C ARG B 237 22.12 15.41 35.78
N TYR B 238 20.92 14.93 35.46
CA TYR B 238 19.81 15.85 35.24
C TYR B 238 19.55 16.72 36.46
N TYR B 239 19.63 16.15 37.65
CA TYR B 239 19.50 16.95 38.86
C TYR B 239 20.53 18.07 38.88
N ARG B 240 21.79 17.73 38.63
CA ARG B 240 22.85 18.73 38.67
C ARG B 240 22.66 19.78 37.59
N ASP B 241 22.16 19.38 36.42
CA ASP B 241 21.87 20.33 35.35
C ASP B 241 20.77 21.29 35.77
N TYR B 242 19.69 20.77 36.36
CA TYR B 242 18.64 21.64 36.88
C TYR B 242 19.18 22.59 37.93
N GLU B 243 19.96 22.05 38.88
CA GLU B 243 20.53 22.86 39.95
C GLU B 243 21.38 23.98 39.40
N SER B 244 22.27 23.65 38.46
CA SER B 244 23.12 24.67 37.84
CA SER B 244 23.11 24.68 37.85
CA SER B 244 23.11 24.68 37.85
C SER B 244 22.26 25.71 37.12
N ALA B 245 21.23 25.26 36.41
CA ALA B 245 20.38 26.21 35.70
C ALA B 245 19.65 27.14 36.67
N ILE B 246 19.19 26.61 37.81
CA ILE B 246 18.48 27.45 38.77
C ILE B 246 19.38 28.56 39.29
N HIS B 247 20.64 28.25 39.56
CA HIS B 247 21.56 29.30 39.99
C HIS B 247 21.71 30.37 38.91
N ALA B 248 21.86 29.95 37.65
CA ALA B 248 22.04 30.92 36.57
C ALA B 248 20.77 31.73 36.36
N ILE B 249 19.62 31.04 36.30
CA ILE B 249 18.36 31.72 36.09
C ILE B 249 18.06 32.63 37.27
N GLY B 250 18.30 32.13 38.48
CA GLY B 250 18.03 32.93 39.67
C GLY B 250 18.83 34.21 39.69
N LYS B 251 20.13 34.12 39.42
CA LYS B 251 20.95 35.32 39.41
C LYS B 251 20.53 36.25 38.29
N ALA B 252 20.20 35.69 37.12
CA ALA B 252 19.73 36.53 36.02
C ALA B 252 18.39 37.18 36.35
N SER B 253 17.49 36.45 37.02
CA SER B 253 16.21 37.03 37.42
C SER B 253 16.43 38.31 38.23
N ALA B 254 17.42 38.30 39.12
CA ALA B 254 17.82 39.50 39.87
C ALA B 254 16.64 40.11 40.61
N GLY B 255 15.80 39.25 41.17
CA GLY B 255 14.70 39.71 42.00
C GLY B 255 13.47 40.18 41.26
N ARG B 256 13.38 39.93 39.96
CA ARG B 256 12.20 40.35 39.20
C ARG B 256 10.95 39.57 39.59
N GLY B 257 11.08 38.53 40.41
CA GLY B 257 9.95 37.76 40.87
C GLY B 257 9.46 36.75 39.85
N ILE B 258 8.41 36.02 40.24
CA ILE B 258 8.02 34.84 39.48
C ILE B 258 7.19 35.14 38.25
N TYR B 259 6.66 36.35 38.10
CA TYR B 259 5.85 36.71 36.94
C TYR B 259 6.66 37.43 35.87
N GLU B 260 7.35 38.52 36.22
CA GLU B 260 8.20 39.19 35.26
C GLU B 260 9.46 38.39 34.96
N GLY B 261 10.05 37.78 35.99
CA GLY B 261 11.32 37.11 35.84
C GLY B 261 11.18 35.70 35.32
N PRO B 262 12.31 35.15 34.89
CA PRO B 262 12.31 33.82 34.28
C PRO B 262 12.11 32.72 35.32
N GLY B 263 11.74 31.54 34.81
CA GLY B 263 11.62 30.36 35.64
C GLY B 263 12.26 29.14 35.01
N ILE B 264 12.06 27.99 35.63
CA ILE B 264 12.59 26.74 35.12
C ILE B 264 11.46 25.72 35.08
N SER B 265 11.58 24.77 34.16
CA SER B 265 10.65 23.67 34.01
C SER B 265 11.44 22.38 34.15
N ILE B 266 10.91 21.43 34.92
CA ILE B 266 11.57 20.16 35.14
C ILE B 266 10.59 19.04 34.82
N LYS B 267 11.14 17.87 34.51
CA LYS B 267 10.36 16.67 34.36
C LYS B 267 10.75 15.71 35.49
N LEU B 268 9.74 15.20 36.20
CA LEU B 268 10.02 14.26 37.28
C LEU B 268 10.72 13.00 36.77
N SER B 269 10.39 12.55 35.56
CA SER B 269 11.04 11.37 35.01
C SER B 269 12.54 11.57 34.79
N ALA B 270 13.00 12.82 34.75
CA ALA B 270 14.42 13.09 34.65
C ALA B 270 15.14 12.84 35.96
N LEU B 271 14.40 12.84 37.08
CA LEU B 271 15.04 12.90 38.38
C LEU B 271 15.11 11.55 39.07
N HIS B 272 14.58 10.51 38.44
CA HIS B 272 14.66 9.19 39.02
C HIS B 272 14.49 8.18 37.89
N PRO B 273 15.29 7.11 37.87
CA PRO B 273 15.11 6.12 36.79
C PRO B 273 13.87 5.27 36.96
N ARG B 274 13.26 5.23 38.15
CA ARG B 274 12.06 4.40 38.33
C ARG B 274 10.88 5.27 38.75
N TYR B 275 10.52 6.24 37.93
CA TYR B 275 9.42 7.15 38.26
C TYR B 275 8.11 6.51 37.79
N SER B 276 7.42 5.82 38.69
CA SER B 276 6.17 5.15 38.35
C SER B 276 5.41 4.82 39.62
N ARG B 277 4.11 4.61 39.46
CA ARG B 277 3.26 4.25 40.60
C ARG B 277 3.74 2.96 41.24
N ALA B 278 4.20 2.00 40.43
CA ALA B 278 4.67 0.74 41.02
C ALA B 278 5.86 0.97 41.94
N GLN B 279 6.63 2.01 41.70
CA GLN B 279 7.80 2.31 42.54
C GLN B 279 7.54 3.53 43.42
N ALA B 280 6.29 3.72 43.84
CA ALA B 280 5.89 4.93 44.54
C ALA B 280 6.74 5.16 45.80
N ALA B 281 7.12 4.09 46.50
CA ALA B 281 7.91 4.28 47.72
C ALA B 281 9.28 4.88 47.40
N ARG B 282 9.94 4.36 46.38
CA ARG B 282 11.20 4.95 45.95
C ARG B 282 11.00 6.37 45.45
N VAL B 283 9.89 6.62 44.76
CA VAL B 283 9.62 7.97 44.26
C VAL B 283 9.50 8.94 45.42
N MET B 284 8.67 8.62 46.41
CA MET B 284 8.52 9.52 47.55
C MET B 284 9.80 9.60 48.38
N GLY B 285 10.58 8.52 48.44
CA GLY B 285 11.77 8.52 49.27
C GLY B 285 12.99 9.10 48.60
N GLU B 286 13.08 8.99 47.28
CA GLU B 286 14.32 9.36 46.58
C GLU B 286 14.13 10.48 45.58
N LEU B 287 13.01 10.49 44.87
CA LEU B 287 12.75 11.55 43.89
C LEU B 287 12.28 12.82 44.58
N LEU B 288 11.28 12.71 45.46
CA LEU B 288 10.76 13.89 46.14
C LEU B 288 11.84 14.73 46.81
N PRO B 289 12.77 14.18 47.59
CA PRO B 289 13.80 15.04 48.20
C PRO B 289 14.61 15.82 47.18
N ARG B 290 14.80 15.25 45.97
CA ARG B 290 15.51 15.98 44.93
CA ARG B 290 15.51 15.98 44.93
C ARG B 290 14.68 17.15 44.40
N VAL B 291 13.38 16.93 44.15
CA VAL B 291 12.54 18.04 43.74
C VAL B 291 12.52 19.11 44.82
N LYS B 292 12.46 18.68 46.09
CA LYS B 292 12.37 19.66 47.17
C LYS B 292 13.62 20.54 47.20
N ALA B 293 14.79 19.93 47.02
CA ALA B 293 16.03 20.69 47.02
C ALA B 293 16.05 21.72 45.89
N LEU B 294 15.55 21.34 44.72
CA LEU B 294 15.49 22.29 43.61
C LEU B 294 14.49 23.39 43.89
N ALA B 295 13.32 23.02 44.43
CA ALA B 295 12.33 24.03 44.78
C ALA B 295 12.87 25.00 45.82
N LEU B 296 13.65 24.48 46.77
CA LEU B 296 14.25 25.35 47.77
C LEU B 296 15.18 26.38 47.12
N LEU B 297 16.00 25.93 46.16
CA LEU B 297 16.83 26.86 45.40
C LEU B 297 15.98 27.86 44.64
N ALA B 298 14.94 27.39 43.95
CA ALA B 298 14.08 28.30 43.23
C ALA B 298 13.41 29.28 44.19
N LYS B 299 12.99 28.82 45.36
CA LYS B 299 12.45 29.72 46.36
C LYS B 299 13.47 30.78 46.75
N ASN B 300 14.72 30.39 46.97
CA ASN B 300 15.72 31.34 47.44
C ASN B 300 16.00 32.42 46.40
N TYR B 301 15.80 32.12 45.13
CA TYR B 301 15.94 33.13 44.08
C TYR B 301 14.61 33.77 43.70
N ASP B 302 13.51 33.27 44.25
CA ASP B 302 12.16 33.71 43.90
C ASP B 302 11.93 33.64 42.39
N ILE B 303 12.19 32.46 41.83
CA ILE B 303 11.84 32.16 40.46
C ILE B 303 10.80 31.04 40.47
N GLY B 304 10.12 30.88 39.34
CA GLY B 304 9.17 29.79 39.20
C GLY B 304 9.89 28.49 38.89
N LEU B 305 9.36 27.40 39.44
CA LEU B 305 9.83 26.05 39.12
C LEU B 305 8.59 25.24 38.75
N ASN B 306 8.51 24.82 37.50
CA ASN B 306 7.31 24.17 36.96
C ASN B 306 7.57 22.69 36.77
N ILE B 307 6.64 21.86 37.24
CA ILE B 307 6.68 20.42 37.00
C ILE B 307 5.90 20.12 35.72
N ASP B 308 6.61 19.74 34.67
CA ASP B 308 5.96 19.36 33.42
C ASP B 308 5.12 18.10 33.62
N ALA B 309 4.07 17.98 32.82
CA ALA B 309 3.22 16.81 32.89
C ALA B 309 3.62 15.81 31.81
N GLU B 310 3.62 14.53 32.18
CA GLU B 310 4.12 13.50 31.30
C GLU B 310 3.01 12.49 30.99
N GLU B 311 3.31 11.20 31.05
CA GLU B 311 2.33 10.20 30.65
C GLU B 311 1.17 10.14 31.64
N ALA B 312 0.03 9.63 31.15
CA ALA B 312 -1.19 9.62 31.96
C ALA B 312 -1.01 8.82 33.24
N ASP B 313 -0.22 7.74 33.20
CA ASP B 313 -0.09 6.91 34.39
C ASP B 313 0.86 7.51 35.42
N ARG B 314 1.36 8.72 35.18
CA ARG B 314 2.18 9.44 36.15
C ARG B 314 1.45 10.64 36.73
N LEU B 315 0.25 10.95 36.24
CA LEU B 315 -0.44 12.15 36.68
C LEU B 315 -0.70 12.11 38.18
N GLU B 316 -1.43 11.10 38.64
CA GLU B 316 -1.84 11.11 40.03
C GLU B 316 -0.65 10.95 40.96
N LEU B 317 0.35 10.17 40.56
CA LEU B 317 1.57 10.08 41.34
C LEU B 317 2.22 11.44 41.53
N SER B 318 2.27 12.26 40.46
CA SER B 318 2.89 13.57 40.59
C SER B 318 2.14 14.45 41.57
N LEU B 319 0.83 14.21 41.75
CA LEU B 319 0.06 14.99 42.72
C LEU B 319 0.51 14.73 44.14
N ASP B 320 0.96 13.51 44.45
CA ASP B 320 1.48 13.26 45.79
C ASP B 320 2.74 14.06 46.05
N LEU B 321 3.57 14.27 45.02
CA LEU B 321 4.73 15.14 45.20
C LEU B 321 4.30 16.59 45.35
N LEU B 322 3.41 17.06 44.48
CA LEU B 322 2.88 18.42 44.59
C LEU B 322 2.34 18.69 45.98
N GLU B 323 1.54 17.74 46.50
CA GLU B 323 0.97 17.89 47.83
C GLU B 323 2.06 18.10 48.88
N VAL B 324 3.10 17.25 48.88
CA VAL B 324 4.15 17.39 49.89
C VAL B 324 4.88 18.73 49.74
N LEU B 325 5.14 19.13 48.51
CA LEU B 325 5.88 20.38 48.28
C LEU B 325 5.06 21.58 48.72
N CYS B 326 3.75 21.57 48.48
CA CYS B 326 2.95 22.72 48.87
C CYS B 326 2.77 22.83 50.37
N LEU B 327 2.87 21.72 51.10
CA LEU B 327 2.78 21.73 52.55
C LEU B 327 4.14 21.84 53.23
N ASP B 328 5.22 21.92 52.46
CA ASP B 328 6.56 21.97 53.02
C ASP B 328 6.85 23.37 53.53
N GLY B 329 7.02 23.52 54.85
CA GLY B 329 7.29 24.82 55.43
C GLY B 329 8.60 25.44 54.98
N ASP B 330 9.58 24.63 54.57
CA ASP B 330 10.80 25.21 54.01
C ASP B 330 10.51 26.07 52.79
N LEU B 331 9.38 25.83 52.11
CA LEU B 331 9.01 26.60 50.93
C LEU B 331 8.00 27.70 51.25
N SER B 332 7.73 27.96 52.53
CA SER B 332 6.71 28.91 52.94
C SER B 332 6.93 30.28 52.31
N GLY B 333 5.87 30.84 51.74
CA GLY B 333 5.93 32.16 51.14
C GLY B 333 6.22 32.18 49.64
N TRP B 334 6.75 31.10 49.11
CA TRP B 334 7.14 31.02 47.70
C TRP B 334 5.95 30.60 46.87
N ASN B 335 5.58 31.43 45.89
CA ASN B 335 4.48 31.12 44.99
C ASN B 335 4.94 30.68 43.62
N GLY B 336 6.20 30.28 43.49
CA GLY B 336 6.70 29.91 42.20
C GLY B 336 6.54 28.45 41.84
N MET B 337 5.99 27.64 42.74
CA MET B 337 5.76 26.24 42.42
C MET B 337 4.73 26.15 41.31
N GLY B 338 5.12 25.55 40.18
CA GLY B 338 4.25 25.44 39.02
C GLY B 338 3.93 24.00 38.68
N PHE B 339 2.76 23.79 38.07
CA PHE B 339 2.28 22.44 37.78
C PHE B 339 1.48 22.43 36.48
N VAL B 340 1.82 21.52 35.58
CA VAL B 340 1.13 21.39 34.31
C VAL B 340 -0.07 20.47 34.47
N VAL B 341 -1.18 20.84 33.85
CA VAL B 341 -2.33 19.95 33.70
C VAL B 341 -2.68 19.87 32.22
N GLN B 342 -2.99 18.66 31.76
CA GLN B 342 -3.20 18.38 30.35
C GLN B 342 -4.68 18.29 30.05
N ALA B 343 -5.18 19.26 29.28
CA ALA B 343 -6.60 19.34 28.95
C ALA B 343 -7.04 18.21 28.02
N TYR B 344 -6.11 17.54 27.33
CA TYR B 344 -6.59 16.37 26.60
C TYR B 344 -6.92 15.21 27.52
N GLY B 345 -6.67 15.35 28.82
CA GLY B 345 -6.91 14.29 29.75
C GLY B 345 -8.29 14.44 30.40
N LYS B 346 -8.95 13.29 30.57
CA LYS B 346 -10.30 13.28 31.10
C LYS B 346 -10.36 13.72 32.55
N ARG B 347 -9.25 13.63 33.28
CA ARG B 347 -9.25 14.01 34.68
C ARG B 347 -8.99 15.49 34.89
N CYS B 348 -8.68 16.24 33.83
CA CYS B 348 -8.19 17.61 33.97
C CYS B 348 -9.03 18.51 34.86
N PRO B 349 -10.35 18.61 34.70
CA PRO B 349 -11.08 19.53 35.59
C PRO B 349 -11.02 19.09 37.03
N PHE B 350 -11.01 17.77 37.26
CA PHE B 350 -10.94 17.24 38.61
C PHE B 350 -9.55 17.44 39.21
N VAL B 351 -8.51 17.34 38.37
CA VAL B 351 -7.17 17.66 38.82
C VAL B 351 -7.08 19.15 39.18
N LEU B 352 -7.70 20.01 38.38
CA LEU B 352 -7.70 21.43 38.72
C LEU B 352 -8.46 21.68 40.03
N ASP B 353 -9.61 21.02 40.23
CA ASP B 353 -10.30 21.09 41.52
C ASP B 353 -9.33 20.77 42.65
N PHE B 354 -8.56 19.68 42.50
CA PHE B 354 -7.62 19.28 43.54
C PHE B 354 -6.55 20.34 43.75
N ILE B 355 -5.99 20.88 42.65
CA ILE B 355 -4.89 21.85 42.77
C ILE B 355 -5.40 23.15 43.37
N ILE B 356 -6.57 23.61 42.93
CA ILE B 356 -7.12 24.85 43.48
C ILE B 356 -7.37 24.68 44.97
N ASP B 357 -7.93 23.53 45.36
CA ASP B 357 -8.13 23.28 46.78
C ASP B 357 -6.81 23.17 47.52
N LEU B 358 -5.81 22.51 46.93
CA LEU B 358 -4.50 22.41 47.58
C LEU B 358 -3.90 23.80 47.78
N ALA B 359 -4.04 24.67 46.78
CA ALA B 359 -3.52 26.03 46.91
C ALA B 359 -4.23 26.76 48.04
N ARG B 360 -5.55 26.60 48.14
CA ARG B 360 -6.31 27.29 49.18
C ARG B 360 -5.86 26.86 50.57
N ARG B 361 -5.68 25.56 50.78
CA ARG B 361 -5.35 25.13 52.13
C ARG B 361 -3.88 25.27 52.45
N SER B 362 -3.02 25.36 51.44
CA SER B 362 -1.58 25.48 51.69
C SER B 362 -1.10 26.93 51.71
N GLY B 363 -1.92 27.89 51.31
CA GLY B 363 -1.44 29.27 51.28
C GLY B 363 -0.37 29.49 50.24
N ARG B 364 -0.41 28.72 49.17
CA ARG B 364 0.50 28.83 48.03
C ARG B 364 -0.33 29.22 46.83
N ARG B 365 0.05 30.28 46.12
CA ARG B 365 -0.59 30.52 44.84
C ARG B 365 0.13 29.64 43.82
N ILE B 366 -0.51 28.55 43.44
CA ILE B 366 0.14 27.59 42.56
C ILE B 366 0.06 28.08 41.13
N MET B 367 1.19 28.04 40.42
CA MET B 367 1.19 28.37 39.00
C MET B 367 0.73 27.13 38.24
N VAL B 368 -0.32 27.28 37.43
CA VAL B 368 -0.91 26.13 36.75
C VAL B 368 -0.77 26.38 35.26
N ARG B 369 0.05 25.58 34.60
CA ARG B 369 0.15 25.68 33.15
C ARG B 369 -0.89 24.73 32.57
N LEU B 370 -1.89 25.29 31.90
CA LEU B 370 -2.89 24.51 31.19
C LEU B 370 -2.37 24.25 29.79
N VAL B 371 -2.20 22.98 29.45
CA VAL B 371 -1.77 22.58 28.12
C VAL B 371 -2.82 21.64 27.58
N LYS B 372 -2.69 21.32 26.29
CA LYS B 372 -3.50 20.25 25.76
C LYS B 372 -2.85 18.91 26.05
N GLY B 373 -1.64 18.69 25.55
CA GLY B 373 -0.94 17.47 25.93
C GLY B 373 -0.06 16.91 24.83
N ALA B 374 1.12 16.41 25.21
CA ALA B 374 2.15 16.07 24.24
C ALA B 374 2.25 14.59 23.92
N TYR B 375 1.45 13.73 24.55
CA TYR B 375 1.66 12.29 24.46
C TYR B 375 0.48 11.56 23.83
N TRP B 376 -0.31 12.24 23.00
CA TRP B 376 -1.60 11.69 22.60
C TRP B 376 -1.44 10.34 21.88
N ASP B 377 -0.58 10.28 20.86
CA ASP B 377 -0.44 9.03 20.11
C ASP B 377 0.00 7.89 21.03
N ALA B 378 0.90 8.19 21.96
CA ALA B 378 1.39 7.16 22.87
C ALA B 378 0.30 6.69 23.82
N GLU B 379 -0.57 7.61 24.25
CA GLU B 379 -1.63 7.22 25.19
C GLU B 379 -2.65 6.32 24.51
N ILE B 380 -2.97 6.60 23.25
CA ILE B 380 -3.90 5.73 22.53
C ILE B 380 -3.33 4.33 22.39
N LYS B 381 -2.07 4.24 21.96
CA LYS B 381 -1.45 2.92 21.78
C LYS B 381 -1.38 2.17 23.10
N ARG B 382 -0.99 2.87 24.17
CA ARG B 382 -0.82 2.21 25.46
C ARG B 382 -2.14 1.67 26.00
N ALA B 383 -3.22 2.45 25.88
CA ALA B 383 -4.50 1.98 26.39
C ALA B 383 -4.99 0.78 25.58
N GLN B 384 -4.76 0.79 24.27
CA GLN B 384 -5.13 -0.35 23.44
C GLN B 384 -4.30 -1.57 23.80
N LEU B 385 -2.98 -1.40 23.93
CA LEU B 385 -2.13 -2.53 24.31
C LEU B 385 -2.55 -3.14 25.63
N ASP B 386 -2.97 -2.31 26.58
CA ASP B 386 -3.23 -2.77 27.93
C ASP B 386 -4.67 -3.25 28.11
N GLY B 387 -5.48 -3.18 27.05
CA GLY B 387 -6.84 -3.66 27.14
C GLY B 387 -7.68 -2.94 28.17
N LEU B 388 -7.44 -1.64 28.37
CA LEU B 388 -8.12 -0.95 29.46
C LEU B 388 -9.49 -0.45 29.01
N ALA B 389 -10.29 0.00 29.98
CA ALA B 389 -11.71 0.22 29.71
C ALA B 389 -11.92 1.30 28.68
N ASP B 390 -11.07 2.34 28.70
CA ASP B 390 -11.22 3.44 27.78
C ASP B 390 -9.88 4.17 27.74
N PHE B 391 -9.83 5.24 26.97
CA PHE B 391 -8.58 5.99 26.96
C PHE B 391 -8.58 7.00 28.10
N PRO B 392 -7.38 7.38 28.57
CA PRO B 392 -7.28 8.46 29.57
C PRO B 392 -7.25 9.85 28.95
N VAL B 393 -7.35 9.93 27.63
CA VAL B 393 -7.34 11.17 26.88
C VAL B 393 -8.52 11.12 25.92
N PHE B 394 -8.93 12.29 25.45
CA PHE B 394 -9.96 12.34 24.43
C PHE B 394 -9.43 11.78 23.11
N THR B 395 -10.35 11.37 22.25
CA THR B 395 -9.98 10.81 20.97
C THR B 395 -10.34 11.71 19.79
N ARG B 396 -11.13 12.75 20.00
CA ARG B 396 -11.35 13.79 18.99
C ARG B 396 -10.65 15.07 19.43
N LYS B 397 -9.92 15.68 18.50
CA LYS B 397 -9.14 16.87 18.84
C LYS B 397 -10.04 18.00 19.32
N ILE B 398 -11.23 18.14 18.75
CA ILE B 398 -12.14 19.19 19.17
C ILE B 398 -12.58 18.99 20.62
N HIS B 399 -12.60 17.73 21.09
CA HIS B 399 -12.90 17.49 22.49
C HIS B 399 -11.83 18.08 23.39
N THR B 400 -10.56 17.89 23.03
CA THR B 400 -9.49 18.50 23.82
C THR B 400 -9.62 20.00 23.84
N ASP B 401 -9.98 20.61 22.71
CA ASP B 401 -10.16 22.06 22.67
C ASP B 401 -11.27 22.50 23.61
N VAL B 402 -12.40 21.79 23.59
CA VAL B 402 -13.49 22.14 24.50
C VAL B 402 -13.04 21.96 25.94
N SER B 403 -12.34 20.87 26.23
CA SER B 403 -11.83 20.65 27.57
C SER B 403 -10.93 21.78 28.00
N TYR B 404 -10.05 22.23 27.10
CA TYR B 404 -9.13 23.31 27.42
C TYR B 404 -9.90 24.57 27.81
N ILE B 405 -10.88 24.95 27.00
CA ILE B 405 -11.63 26.17 27.27
C ILE B 405 -12.41 26.05 28.57
N ALA B 406 -13.01 24.88 28.82
CA ALA B 406 -13.73 24.67 30.07
C ALA B 406 -12.79 24.77 31.28
N CYS B 407 -11.60 24.17 31.18
CA CYS B 407 -10.67 24.21 32.29
C CYS B 407 -10.11 25.62 32.49
N ALA B 408 -9.99 26.40 31.41
CA ALA B 408 -9.60 27.79 31.56
C ALA B 408 -10.63 28.59 32.33
N ALA B 409 -11.92 28.33 32.09
CA ALA B 409 -12.95 28.99 32.88
C ALA B 409 -12.78 28.68 34.36
N LYS B 410 -12.46 27.44 34.68
CA LYS B 410 -12.28 27.03 36.06
C LYS B 410 -11.08 27.75 36.67
N LEU B 411 -9.99 27.86 35.91
CA LEU B 411 -8.79 28.51 36.41
C LEU B 411 -9.04 30.00 36.64
N LEU B 412 -9.65 30.66 35.66
CA LEU B 412 -9.92 32.08 35.75
C LEU B 412 -10.83 32.44 36.92
N ALA B 413 -11.60 31.48 37.44
CA ALA B 413 -12.43 31.75 38.61
C ALA B 413 -11.67 31.57 39.93
N ALA B 414 -10.38 31.23 39.88
CA ALA B 414 -9.63 30.91 41.09
C ALA B 414 -8.30 31.66 41.12
N THR B 415 -8.21 32.81 40.45
CA THR B 415 -6.93 33.49 40.31
C THR B 415 -6.38 34.03 41.61
N ASP B 416 -7.20 34.14 42.66
CA ASP B 416 -6.65 34.51 43.96
C ASP B 416 -5.68 33.45 44.45
N VAL B 417 -5.94 32.17 44.16
CA VAL B 417 -5.13 31.09 44.70
C VAL B 417 -4.36 30.32 43.64
N VAL B 418 -4.62 30.54 42.36
CA VAL B 418 -3.77 29.94 41.33
C VAL B 418 -3.44 30.98 40.28
N PHE B 419 -2.26 30.82 39.67
CA PHE B 419 -1.81 31.67 38.57
C PHE B 419 -1.96 30.90 37.27
N PRO B 420 -3.01 31.14 36.50
CA PRO B 420 -3.25 30.35 35.29
C PRO B 420 -2.28 30.73 34.18
N GLN B 421 -1.70 29.72 33.55
CA GLN B 421 -0.72 29.90 32.48
C GLN B 421 -1.22 29.14 31.27
N PHE B 422 -1.75 29.86 30.29
CA PHE B 422 -2.43 29.21 29.17
C PHE B 422 -1.43 28.96 28.04
N ALA B 423 -0.91 27.74 27.99
CA ALA B 423 0.04 27.32 26.96
C ALA B 423 -0.74 26.84 25.74
N THR B 424 -0.65 27.57 24.64
CA THR B 424 -1.25 27.14 23.38
C THR B 424 -0.65 27.95 22.26
N HIS B 425 -0.55 27.31 21.09
CA HIS B 425 -0.21 28.00 19.85
C HIS B 425 -1.43 28.22 18.96
N ASN B 426 -2.61 27.89 19.46
CA ASN B 426 -3.83 27.92 18.65
C ASN B 426 -4.50 29.28 18.84
N ALA B 427 -4.59 30.06 17.75
CA ALA B 427 -5.13 31.40 17.84
C ALA B 427 -6.58 31.42 18.27
N GLN B 428 -7.34 30.38 17.92
CA GLN B 428 -8.73 30.32 18.35
C GLN B 428 -8.83 30.07 19.85
N THR B 429 -8.06 29.09 20.35
CA THR B 429 -8.02 28.85 21.79
C THR B 429 -7.61 30.12 22.54
N LEU B 430 -6.53 30.75 22.10
CA LEU B 430 -6.06 31.98 22.73
C LEU B 430 -7.17 33.02 22.78
N ALA B 431 -7.80 33.27 21.64
CA ALA B 431 -8.80 34.33 21.57
C ALA B 431 -9.97 34.06 22.50
N ALA B 432 -10.41 32.79 22.58
CA ALA B 432 -11.53 32.44 23.45
C ALA B 432 -11.18 32.72 24.91
N ILE B 433 -9.93 32.48 25.30
CA ILE B 433 -9.56 32.72 26.68
C ILE B 433 -9.31 34.20 26.91
N TYR B 434 -8.65 34.86 25.97
CA TYR B 434 -8.44 36.29 26.05
C TYR B 434 -9.74 37.04 26.35
N HIS B 435 -10.79 36.73 25.61
CA HIS B 435 -12.07 37.39 25.85
C HIS B 435 -12.76 36.86 27.11
N MET B 436 -12.62 35.56 27.40
CA MET B 436 -13.23 35.00 28.60
C MET B 436 -12.69 35.65 29.86
N ALA B 437 -11.43 36.08 29.84
CA ALA B 437 -10.81 36.58 31.06
C ALA B 437 -11.36 37.96 31.44
N GLY B 438 -11.82 38.72 30.46
CA GLY B 438 -12.36 40.04 30.73
C GLY B 438 -11.34 41.14 30.52
N LYS B 439 -11.73 42.34 30.97
CA LYS B 439 -10.95 43.54 30.71
C LYS B 439 -10.04 43.97 31.87
N ASP B 440 -10.27 43.44 33.08
CA ASP B 440 -9.52 43.88 34.26
C ASP B 440 -8.27 43.02 34.37
N PHE B 441 -7.19 43.46 33.73
CA PHE B 441 -5.97 42.66 33.69
C PHE B 441 -4.81 43.40 34.36
N HIS B 442 -4.13 42.68 35.26
CA HIS B 442 -2.84 43.08 35.81
C HIS B 442 -1.87 41.93 35.62
N VAL B 443 -0.58 42.25 35.43
CA VAL B 443 0.42 41.20 35.39
C VAL B 443 0.40 40.46 36.73
N GLY B 444 0.45 39.13 36.66
CA GLY B 444 0.24 38.30 37.82
C GLY B 444 -1.15 37.72 37.91
N LYS B 445 -2.11 38.24 37.15
CA LYS B 445 -3.44 37.64 37.12
C LYS B 445 -3.40 36.29 36.42
N TYR B 446 -3.02 36.30 35.15
CA TYR B 446 -2.73 35.10 34.38
C TYR B 446 -1.72 35.47 33.32
N GLU B 447 -1.29 34.49 32.54
CA GLU B 447 -0.41 34.73 31.42
C GLU B 447 -0.64 33.67 30.36
N PHE B 448 -0.16 33.93 29.15
CA PHE B 448 -0.07 32.91 28.13
C PHE B 448 1.32 32.30 28.10
N GLN B 449 1.45 31.18 27.39
CA GLN B 449 2.74 30.54 27.23
C GLN B 449 2.85 29.94 25.84
N CYS B 450 4.08 29.85 25.36
CA CYS B 450 4.33 29.29 24.03
C CYS B 450 5.71 28.66 24.02
N LEU B 451 5.96 27.88 22.97
CA LEU B 451 7.25 27.22 22.80
C LEU B 451 8.20 28.13 22.05
N HIS B 452 9.47 28.10 22.45
CA HIS B 452 10.49 28.87 21.74
C HIS B 452 10.54 28.46 20.28
N GLY B 453 10.71 29.44 19.40
CA GLY B 453 10.87 29.18 17.98
C GLY B 453 9.60 28.82 17.24
N MET B 454 8.50 28.58 17.95
CA MET B 454 7.22 28.27 17.37
C MET B 454 6.14 29.28 17.73
N GLY B 455 6.12 29.74 18.98
CA GLY B 455 5.05 30.56 19.47
C GLY B 455 5.20 32.06 19.27
N GLU B 456 6.42 32.55 19.05
CA GLU B 456 6.61 33.99 18.99
C GLU B 456 5.85 34.68 17.85
N PRO B 457 5.77 34.11 16.63
CA PRO B 457 4.92 34.75 15.60
C PRO B 457 3.51 35.05 16.08
N LEU B 458 2.90 34.13 16.82
CA LEU B 458 1.55 34.38 17.32
C LEU B 458 1.58 35.36 18.49
N TYR B 459 2.49 35.15 19.43
CA TYR B 459 2.44 35.98 20.62
C TYR B 459 3.12 37.33 20.43
N GLU B 460 3.83 37.55 19.32
CA GLU B 460 4.23 38.90 18.96
C GLU B 460 3.00 39.79 18.75
N GLU B 461 1.84 39.19 18.50
CA GLU B 461 0.58 39.89 18.34
C GLU B 461 -0.23 39.97 19.63
N VAL B 462 0.37 39.66 20.78
CA VAL B 462 -0.35 39.54 22.04
C VAL B 462 0.28 40.38 23.13
N VAL B 463 1.61 40.27 23.28
CA VAL B 463 2.29 40.93 24.38
C VAL B 463 2.40 42.43 24.10
N GLY B 464 2.24 43.22 25.13
CA GLY B 464 2.58 44.63 25.06
C GLY B 464 1.36 45.52 24.99
N ARG B 465 1.51 46.76 25.48
CA ARG B 465 0.42 47.73 25.44
C ARG B 465 -0.07 48.00 24.03
N GLY B 466 0.75 47.73 23.01
CA GLY B 466 0.33 47.94 21.64
C GLY B 466 -0.49 46.82 21.05
N LYS B 467 -0.44 45.63 21.65
CA LYS B 467 -1.15 44.47 21.14
C LYS B 467 -2.38 44.15 22.00
N LEU B 468 -2.41 42.95 22.59
CA LEU B 468 -3.46 42.61 23.53
C LEU B 468 -3.06 42.90 24.98
N ASP B 469 -1.81 43.33 25.20
CA ASP B 469 -1.31 43.65 26.54
C ASP B 469 -1.48 42.46 27.47
N ARG B 470 -1.15 41.28 26.96
CA ARG B 470 -1.15 40.06 27.73
C ARG B 470 0.24 39.43 27.67
N PRO B 471 0.82 39.05 28.79
CA PRO B 471 2.17 38.50 28.77
C PRO B 471 2.19 37.05 28.30
N CYS B 472 3.36 36.66 27.78
CA CYS B 472 3.60 35.31 27.31
C CYS B 472 4.93 34.84 27.85
N ARG B 473 4.93 33.68 28.48
CA ARG B 473 6.16 33.03 28.94
C ARG B 473 6.58 32.00 27.89
N ILE B 474 7.81 32.14 27.41
CA ILE B 474 8.35 31.26 26.38
C ILE B 474 9.03 30.08 27.04
N TYR B 475 8.55 28.89 26.71
CA TYR B 475 9.21 27.64 27.11
C TYR B 475 10.45 27.47 26.26
N ALA B 476 11.62 27.52 26.90
CA ALA B 476 12.89 27.72 26.20
C ALA B 476 13.77 26.49 26.43
N PRO B 477 13.83 25.57 25.48
CA PRO B 477 14.76 24.45 25.60
C PRO B 477 16.20 24.92 25.52
N VAL B 478 17.04 24.23 26.28
CA VAL B 478 18.45 24.57 26.43
C VAL B 478 19.21 23.25 26.41
N GLY B 479 20.14 23.12 25.48
CA GLY B 479 21.04 21.98 25.49
C GLY B 479 21.52 21.66 24.09
N THR B 480 22.15 20.48 23.98
CA THR B 480 22.76 19.97 22.76
C THR B 480 22.52 18.49 22.51
N HIS B 481 22.04 17.74 23.50
CA HIS B 481 21.95 16.29 23.39
C HIS B 481 21.06 15.89 22.20
N GLU B 482 21.65 15.12 21.28
CA GLU B 482 20.97 14.78 20.04
C GLU B 482 19.64 14.08 20.28
N THR B 483 19.61 13.07 21.15
CA THR B 483 18.37 12.35 21.40
C THR B 483 17.28 13.27 21.93
N LEU B 484 17.61 14.07 22.95
CA LEU B 484 16.67 15.02 23.52
C LEU B 484 16.25 16.06 22.48
N LEU B 485 17.19 16.47 21.62
CA LEU B 485 16.84 17.37 20.53
C LEU B 485 15.82 16.73 19.59
N ALA B 486 16.04 15.46 19.22
CA ALA B 486 15.10 14.78 18.33
C ALA B 486 13.71 14.71 18.97
N TYR B 487 13.64 14.46 20.27
CA TYR B 487 12.35 14.47 20.97
C TYR B 487 11.74 15.86 20.95
N LEU B 488 12.57 16.90 21.02
CA LEU B 488 12.07 18.27 21.02
C LEU B 488 11.48 18.65 19.67
N VAL B 489 12.18 18.30 18.58
CA VAL B 489 11.70 18.66 17.24
C VAL B 489 10.36 17.98 16.96
N ARG B 490 10.19 16.75 17.44
CA ARG B 490 8.91 16.06 17.26
C ARG B 490 7.80 16.77 18.03
N ARG B 491 8.10 17.25 19.25
CA ARG B 491 7.11 17.99 20.02
C ARG B 491 6.92 19.38 19.43
N LEU B 492 8.01 20.00 18.95
CA LEU B 492 7.93 21.33 18.38
C LEU B 492 7.01 21.35 17.16
N LEU B 493 7.07 20.31 16.33
CA LEU B 493 6.26 20.23 15.12
C LEU B 493 5.01 19.38 15.31
N GLU B 494 4.67 19.04 16.56
CA GLU B 494 3.46 18.28 16.88
C GLU B 494 3.37 17.00 16.05
N ASN B 495 4.52 16.34 15.87
CA ASN B 495 4.62 15.11 15.09
C ASN B 495 4.09 15.28 13.67
N GLY B 496 4.12 16.51 13.16
CA GLY B 496 3.57 16.80 11.84
C GLY B 496 2.12 16.42 11.70
N ALA B 497 1.31 16.68 12.72
CA ALA B 497 -0.09 16.24 12.74
C ALA B 497 -0.93 17.18 11.89
N ASN B 498 -1.66 16.61 10.92
CA ASN B 498 -2.54 17.41 10.08
C ASN B 498 -3.60 18.14 10.89
N SER B 499 -3.97 17.60 12.05
CA SER B 499 -4.97 18.23 12.90
C SER B 499 -4.40 19.36 13.75
N SER B 500 -3.08 19.55 13.74
CA SER B 500 -2.46 20.57 14.57
C SER B 500 -2.67 21.95 13.95
N PHE B 501 -2.94 22.94 14.82
CA PHE B 501 -3.01 24.33 14.36
C PHE B 501 -1.70 24.76 13.70
N VAL B 502 -0.57 24.25 14.17
CA VAL B 502 0.73 24.63 13.61
C VAL B 502 0.89 24.08 12.20
N HIS B 503 0.22 22.98 11.87
CA HIS B 503 0.20 22.48 10.50
C HIS B 503 -0.90 23.11 9.66
N ARG B 504 -2.04 23.44 10.28
CA ARG B 504 -3.19 23.95 9.54
C ARG B 504 -3.05 25.42 9.17
N ILE B 505 -2.37 26.22 10.00
CA ILE B 505 -2.18 27.63 9.67
C ILE B 505 -1.33 27.79 8.41
N ASN B 506 -0.55 26.77 8.06
CA ASN B 506 0.27 26.78 6.86
C ASN B 506 -0.29 25.88 5.75
N ASP B 507 -1.55 25.46 5.87
CA ASP B 507 -2.19 24.70 4.81
C ASP B 507 -3.09 25.64 4.03
N PRO B 508 -2.80 25.91 2.76
CA PRO B 508 -3.65 26.85 2.00
C PRO B 508 -5.06 26.34 1.78
N LYS B 509 -5.27 25.02 1.78
CA LYS B 509 -6.62 24.48 1.62
C LYS B 509 -7.51 24.81 2.80
N VAL B 510 -6.93 25.12 3.97
CA VAL B 510 -7.67 25.39 5.18
C VAL B 510 -7.89 26.89 5.30
N SER B 511 -9.15 27.30 5.37
CA SER B 511 -9.51 28.71 5.41
C SER B 511 -9.45 29.24 6.84
N ILE B 512 -9.44 30.57 6.96
CA ILE B 512 -9.46 31.17 8.29
C ILE B 512 -10.78 30.87 8.99
N ASP B 513 -11.87 30.77 8.23
CA ASP B 513 -13.16 30.43 8.84
C ASP B 513 -13.12 29.05 9.49
N GLU B 514 -12.47 28.09 8.84
CA GLU B 514 -12.25 26.78 9.46
C GLU B 514 -11.45 26.91 10.75
N LEU B 515 -10.38 27.71 10.72
CA LEU B 515 -9.50 27.81 11.89
C LEU B 515 -10.18 28.52 13.04
N ILE B 516 -11.15 29.39 12.78
CA ILE B 516 -11.83 30.14 13.84
C ILE B 516 -13.14 29.50 14.26
N ALA B 517 -13.48 28.34 13.72
CA ALA B 517 -14.66 27.60 14.18
C ALA B 517 -14.58 27.38 15.69
N ASP B 518 -15.71 27.66 16.36
CA ASP B 518 -15.77 27.53 17.81
C ASP B 518 -15.92 26.05 18.18
N PRO B 519 -14.91 25.42 18.78
CA PRO B 519 -15.05 24.00 19.11
C PRO B 519 -16.23 23.71 20.02
N VAL B 520 -16.56 24.65 20.91
CA VAL B 520 -17.66 24.44 21.84
C VAL B 520 -18.97 24.30 21.08
N GLU B 521 -19.22 25.20 20.13
CA GLU B 521 -20.47 25.16 19.39
C GLU B 521 -20.50 24.01 18.39
N VAL B 522 -19.34 23.64 17.83
CA VAL B 522 -19.31 22.49 16.94
C VAL B 522 -19.63 21.22 17.71
N VAL B 523 -19.05 21.05 18.91
CA VAL B 523 -19.37 19.86 19.69
C VAL B 523 -20.83 19.87 20.11
N ARG B 524 -21.34 21.04 20.54
CA ARG B 524 -22.71 21.12 21.02
C ARG B 524 -23.70 20.67 19.95
N ALA B 525 -23.34 20.86 18.68
CA ALA B 525 -24.23 20.58 17.56
C ALA B 525 -24.18 19.14 17.08
N MET B 526 -23.25 18.34 17.58
CA MET B 526 -23.14 16.98 17.12
C MET B 526 -24.33 16.15 17.63
N PRO B 527 -24.73 15.11 16.88
CA PRO B 527 -25.90 14.33 17.32
C PRO B 527 -25.64 13.54 18.59
N VAL B 528 -24.40 13.17 18.86
CA VAL B 528 -24.04 12.52 20.11
C VAL B 528 -22.85 13.31 20.67
N VAL B 529 -23.11 14.13 21.67
CA VAL B 529 -22.05 14.98 22.23
C VAL B 529 -21.01 14.10 22.89
N GLY B 530 -19.76 14.28 22.48
CA GLY B 530 -18.67 13.54 23.07
C GLY B 530 -18.45 12.16 22.49
N ALA B 531 -19.06 11.84 21.34
CA ALA B 531 -18.83 10.52 20.75
C ALA B 531 -17.36 10.34 20.41
N LYS B 532 -16.84 9.15 20.72
CA LYS B 532 -15.48 8.76 20.41
C LYS B 532 -15.22 8.87 18.92
N HIS B 533 -13.97 9.19 18.59
CA HIS B 533 -13.56 9.22 17.19
C HIS B 533 -13.93 7.92 16.49
N ASP B 534 -14.51 8.04 15.30
CA ASP B 534 -15.03 6.87 14.60
C ASP B 534 -13.92 5.94 14.12
N ARG B 535 -12.69 6.43 14.04
CA ARG B 535 -11.59 5.67 13.47
C ARG B 535 -10.61 5.17 14.53
N ILE B 536 -10.90 5.36 15.81
CA ILE B 536 -10.03 4.89 16.89
C ILE B 536 -10.81 3.84 17.66
N ALA B 537 -10.25 2.63 17.75
CA ALA B 537 -10.93 1.52 18.40
C ALA B 537 -10.74 1.62 19.91
N LEU B 538 -11.83 1.52 20.66
CA LEU B 538 -11.69 1.25 22.08
C LEU B 538 -10.87 -0.02 22.25
N PRO B 539 -10.06 -0.13 23.30
CA PRO B 539 -9.26 -1.34 23.47
C PRO B 539 -10.08 -2.60 23.35
N ALA B 540 -11.30 -2.62 23.91
CA ALA B 540 -12.15 -3.79 23.81
C ALA B 540 -12.53 -4.12 22.37
N GLU B 541 -12.48 -3.14 21.46
CA GLU B 541 -12.98 -3.30 20.11
C GLU B 541 -11.86 -3.41 19.07
N LEU B 542 -10.64 -3.74 19.51
CA LEU B 542 -9.49 -3.75 18.61
C LEU B 542 -9.67 -4.71 17.45
N PHE B 543 -10.46 -5.76 17.62
CA PHE B 543 -10.63 -6.77 16.59
C PHE B 543 -12.00 -6.68 15.94
N GLY B 544 -12.73 -5.61 16.21
CA GLY B 544 -14.01 -5.39 15.55
C GLY B 544 -14.99 -6.50 15.86
N ASP B 545 -15.77 -6.88 14.85
CA ASP B 545 -16.81 -7.88 15.04
C ASP B 545 -16.26 -9.30 15.20
N ALA B 546 -14.96 -9.50 14.99
CA ALA B 546 -14.42 -10.85 15.06
C ALA B 546 -14.54 -11.41 16.47
N ARG B 547 -14.22 -10.59 17.47
CA ARG B 547 -14.18 -11.05 18.84
C ARG B 547 -13.86 -9.85 19.72
N THR B 548 -14.16 -10.01 21.00
CA THR B 548 -13.92 -8.99 22.00
C THR B 548 -12.53 -9.17 22.56
N ASN B 549 -11.76 -8.09 22.55
CA ASN B 549 -10.42 -8.12 23.11
C ASN B 549 -10.51 -8.35 24.62
N SER B 550 -9.57 -9.13 25.15
CA SER B 550 -9.49 -9.27 26.60
C SER B 550 -9.22 -7.92 27.23
N ALA B 551 -9.65 -7.76 28.48
CA ALA B 551 -9.42 -6.53 29.22
C ALA B 551 -8.39 -6.76 30.31
N GLY B 552 -7.53 -5.78 30.52
CA GLY B 552 -6.58 -5.80 31.59
C GLY B 552 -7.07 -5.06 32.82
N LEU B 553 -6.11 -4.73 33.69
CA LEU B 553 -6.39 -3.97 34.89
C LEU B 553 -5.36 -2.85 34.93
N ASP B 554 -5.80 -1.66 35.32
CA ASP B 554 -4.93 -0.49 35.33
C ASP B 554 -4.25 -0.44 36.70
N LEU B 555 -3.00 -0.85 36.75
CA LEU B 555 -2.24 -0.86 37.98
C LEU B 555 -1.74 0.52 38.38
N SER B 556 -2.14 1.58 37.67
CA SER B 556 -1.91 2.95 38.13
C SER B 556 -3.17 3.57 38.71
N ASN B 557 -4.27 2.85 38.68
CA ASN B 557 -5.54 3.32 39.20
C ASN B 557 -5.68 2.90 40.66
N GLU B 558 -5.79 3.88 41.56
CA GLU B 558 -5.85 3.54 42.99
C GLU B 558 -7.10 2.76 43.36
N GLU B 559 -8.23 3.00 42.69
CA GLU B 559 -9.41 2.17 42.95
C GLU B 559 -9.12 0.73 42.60
N THR B 560 -8.52 0.51 41.42
CA THR B 560 -8.15 -0.83 41.00
C THR B 560 -7.16 -1.45 41.98
N LEU B 561 -6.14 -0.69 42.38
CA LEU B 561 -5.16 -1.25 43.31
C LEU B 561 -5.79 -1.62 44.64
N ALA B 562 -6.71 -0.79 45.15
CA ALA B 562 -7.33 -1.11 46.42
C ALA B 562 -8.21 -2.35 46.32
N SER B 563 -9.02 -2.46 45.27
CA SER B 563 -9.89 -3.63 45.16
C SER B 563 -9.09 -4.87 44.80
N LEU B 564 -8.05 -4.73 43.98
CA LEU B 564 -7.19 -5.86 43.67
C LEU B 564 -6.44 -6.34 44.91
N THR B 565 -5.99 -5.41 45.75
CA THR B 565 -5.38 -5.80 47.01
C THR B 565 -6.31 -6.74 47.79
N GLU B 566 -7.59 -6.38 47.90
CA GLU B 566 -8.51 -7.20 48.68
C GLU B 566 -8.77 -8.53 48.00
N ALA B 567 -8.92 -8.53 46.66
CA ALA B 567 -9.13 -9.80 45.94
C ALA B 567 -7.91 -10.70 46.05
N LEU B 568 -6.72 -10.13 45.97
CA LEU B 568 -5.50 -10.94 46.07
C LEU B 568 -5.37 -11.55 47.45
N ARG B 569 -5.57 -10.75 48.49
CA ARG B 569 -5.57 -11.26 49.87
C ARG B 569 -6.59 -12.40 50.01
N GLU B 570 -7.81 -12.18 49.52
CA GLU B 570 -8.84 -13.22 49.61
C GLU B 570 -8.45 -14.47 48.85
N SER B 571 -7.77 -14.31 47.70
CA SER B 571 -7.34 -15.47 46.93
C SER B 571 -6.37 -16.32 47.72
N ALA B 572 -5.54 -15.67 48.54
CA ALA B 572 -4.58 -16.40 49.37
C ALA B 572 -5.26 -17.16 50.50
N ALA B 573 -6.49 -16.81 50.85
CA ALA B 573 -7.19 -17.49 51.93
C ALA B 573 -8.05 -18.66 51.42
N MET B 574 -8.13 -18.87 50.12
CA MET B 574 -8.93 -19.97 49.58
C MET B 574 -8.14 -21.28 49.63
N LYS B 575 -8.88 -22.39 49.73
CA LYS B 575 -8.25 -23.71 49.62
C LYS B 575 -8.12 -24.08 48.15
N TRP B 576 -6.90 -23.99 47.63
CA TRP B 576 -6.60 -24.33 46.25
C TRP B 576 -6.17 -25.78 46.16
N THR B 577 -6.84 -26.56 45.33
CA THR B 577 -6.49 -27.96 45.14
C THR B 577 -6.47 -28.29 43.66
N ALA B 578 -5.78 -29.37 43.35
CA ALA B 578 -5.77 -29.93 42.00
C ALA B 578 -5.79 -31.42 42.17
N LEU B 579 -6.69 -32.09 41.47
CA LEU B 579 -6.82 -33.53 41.61
C LEU B 579 -6.95 -34.15 40.23
N PRO B 580 -6.75 -35.44 40.12
CA PRO B 580 -7.08 -36.11 38.87
C PRO B 580 -8.59 -36.06 38.68
N GLN B 581 -9.04 -35.22 37.76
CA GLN B 581 -10.47 -35.04 37.49
C GLN B 581 -10.83 -35.89 36.29
N LEU B 582 -11.28 -37.12 36.56
CA LEU B 582 -11.71 -37.97 35.48
C LEU B 582 -13.17 -37.68 35.13
N ALA B 583 -13.63 -38.30 34.04
CA ALA B 583 -15.01 -38.09 33.62
C ALA B 583 -16.00 -38.49 34.71
N THR B 584 -15.66 -39.52 35.49
CA THR B 584 -16.53 -40.06 36.53
C THR B 584 -16.32 -39.39 37.89
N GLY B 585 -15.43 -38.42 37.98
CA GLY B 585 -15.19 -37.74 39.22
C GLY B 585 -13.72 -37.73 39.54
N PRO B 586 -13.36 -37.12 40.67
CA PRO B 586 -11.94 -37.06 41.05
C PRO B 586 -11.43 -38.42 41.51
N ALA B 587 -10.18 -38.71 41.19
CA ALA B 587 -9.54 -39.95 41.56
C ALA B 587 -8.60 -39.71 42.72
N ALA B 588 -8.35 -40.77 43.49
CA ALA B 588 -7.41 -40.70 44.59
C ALA B 588 -5.99 -40.79 44.07
N GLY B 589 -5.05 -40.30 44.88
CA GLY B 589 -3.66 -40.39 44.48
C GLY B 589 -2.76 -39.84 45.56
N GLU B 590 -1.47 -39.76 45.24
CA GLU B 590 -0.49 -39.20 46.17
C GLU B 590 -0.64 -37.68 46.19
N THR B 591 -0.70 -37.11 47.38
CA THR B 591 -0.94 -35.68 47.54
C THR B 591 0.33 -34.98 47.98
N ARG B 592 0.63 -33.86 47.32
CA ARG B 592 1.82 -33.07 47.59
C ARG B 592 1.40 -31.62 47.81
N THR B 593 2.28 -30.86 48.45
CA THR B 593 2.01 -29.45 48.73
CA THR B 593 2.01 -29.45 48.71
C THR B 593 2.63 -28.58 47.63
N VAL B 594 1.86 -27.60 47.16
CA VAL B 594 2.32 -26.67 46.14
C VAL B 594 2.82 -25.43 46.84
N LEU B 595 4.06 -25.05 46.58
CA LEU B 595 4.73 -23.98 47.30
C LEU B 595 4.93 -22.76 46.39
N ASN B 596 5.04 -21.62 47.05
CA ASN B 596 5.38 -20.37 46.37
C ASN B 596 6.86 -20.37 46.03
N PRO B 597 7.24 -20.32 44.74
CA PRO B 597 8.67 -20.32 44.42
C PRO B 597 9.43 -19.14 45.00
N GLY B 598 8.74 -18.03 45.27
CA GLY B 598 9.38 -16.90 45.92
C GLY B 598 9.51 -17.01 47.42
N ASP B 599 8.89 -18.03 48.01
CA ASP B 599 8.94 -18.20 49.46
C ASP B 599 8.32 -19.55 49.77
N HIS B 600 9.17 -20.55 50.00
CA HIS B 600 8.70 -21.91 50.24
C HIS B 600 7.95 -22.04 51.55
N ARG B 601 7.97 -21.04 52.42
CA ARG B 601 7.12 -21.08 53.59
C ARG B 601 5.67 -20.80 53.24
N ASP B 602 5.40 -20.25 52.06
CA ASP B 602 4.06 -19.86 51.65
C ASP B 602 3.45 -21.04 50.92
N VAL B 603 2.56 -21.76 51.61
CA VAL B 603 1.90 -22.91 51.02
C VAL B 603 0.72 -22.42 50.19
N VAL B 604 0.75 -22.71 48.89
CA VAL B 604 -0.29 -22.21 48.01
C VAL B 604 -1.49 -23.14 47.99
N GLY B 605 -1.25 -24.45 47.97
CA GLY B 605 -2.35 -25.39 47.88
C GLY B 605 -1.79 -26.80 47.88
N SER B 606 -2.61 -27.74 47.42
CA SER B 606 -2.18 -29.14 47.41
C SER B 606 -2.64 -29.79 46.11
N VAL B 607 -1.81 -30.70 45.61
CA VAL B 607 -2.11 -31.40 44.37
C VAL B 607 -2.14 -32.89 44.65
N THR B 608 -3.15 -33.56 44.13
CA THR B 608 -3.20 -35.01 44.14
C THR B 608 -2.82 -35.48 42.74
N GLU B 609 -1.76 -36.26 42.65
CA GLU B 609 -1.25 -36.58 41.34
C GLU B 609 -1.82 -37.90 40.83
N THR B 610 -1.76 -38.07 39.52
CA THR B 610 -2.50 -39.11 38.81
C THR B 610 -1.68 -40.38 38.73
N SER B 611 -2.29 -41.51 39.08
CA SER B 611 -1.64 -42.78 38.85
C SER B 611 -1.64 -43.11 37.37
N GLU B 612 -0.66 -43.90 36.93
CA GLU B 612 -0.60 -44.24 35.51
C GLU B 612 -1.84 -45.03 35.10
N GLU B 613 -2.34 -45.90 35.99
CA GLU B 613 -3.57 -46.61 35.68
C GLU B 613 -4.73 -45.63 35.48
N ASP B 614 -4.82 -44.58 36.30
CA ASP B 614 -5.89 -43.61 36.11
C ASP B 614 -5.67 -42.75 34.88
N ALA B 615 -4.42 -42.49 34.53
CA ALA B 615 -4.15 -41.79 33.28
C ALA B 615 -4.69 -42.59 32.11
N ARG B 616 -4.43 -43.90 32.09
CA ARG B 616 -4.96 -44.73 31.01
C ARG B 616 -6.48 -44.79 31.06
N ARG B 617 -7.04 -44.90 32.26
CA ARG B 617 -8.50 -44.89 32.41
C ARG B 617 -9.08 -43.61 31.83
N ALA B 618 -8.44 -42.48 32.08
CA ALA B 618 -8.94 -41.21 31.55
C ALA B 618 -9.00 -41.23 30.04
N VAL B 619 -7.97 -41.79 29.38
CA VAL B 619 -7.98 -41.81 27.93
C VAL B 619 -9.10 -42.71 27.41
N ARG B 620 -9.31 -43.85 28.07
CA ARG B 620 -10.45 -44.70 27.68
C ARG B 620 -11.76 -43.95 27.87
N LEU B 621 -11.90 -43.20 28.96
CA LEU B 621 -13.12 -42.43 29.17
C LEU B 621 -13.27 -41.34 28.12
N ALA B 622 -12.17 -40.69 27.73
CA ALA B 622 -12.27 -39.68 26.68
C ALA B 622 -12.69 -40.34 25.37
N ALA B 623 -12.15 -41.52 25.07
CA ALA B 623 -12.52 -42.22 23.83
C ALA B 623 -14.01 -42.54 23.82
N ASP B 624 -14.54 -43.00 24.95
CA ASP B 624 -15.97 -43.33 25.04
C ASP B 624 -16.82 -42.11 24.76
N ALA B 625 -16.39 -40.95 25.22
CA ALA B 625 -17.16 -39.72 25.09
C ALA B 625 -16.84 -38.95 23.82
N ALA B 626 -15.86 -39.38 23.04
CA ALA B 626 -15.45 -38.60 21.88
C ALA B 626 -16.57 -38.37 20.88
N PRO B 627 -17.38 -39.37 20.52
CA PRO B 627 -18.44 -39.09 19.53
C PRO B 627 -19.47 -38.09 20.03
N ASP B 628 -19.83 -38.12 21.30
CA ASP B 628 -20.82 -37.19 21.81
C ASP B 628 -20.31 -35.75 21.74
N TRP B 629 -19.05 -35.52 22.10
CA TRP B 629 -18.50 -34.18 22.02
C TRP B 629 -18.32 -33.74 20.57
N ALA B 630 -17.90 -34.65 19.70
CA ALA B 630 -17.77 -34.30 18.29
C ALA B 630 -19.10 -33.89 17.69
N ALA B 631 -20.20 -34.43 18.22
CA ALA B 631 -21.54 -34.13 17.75
C ALA B 631 -22.09 -32.80 18.25
N VAL B 632 -21.43 -32.15 19.20
CA VAL B 632 -21.85 -30.80 19.59
C VAL B 632 -21.52 -29.85 18.45
N PRO B 633 -22.47 -29.06 17.97
CA PRO B 633 -22.22 -28.18 16.83
C PRO B 633 -21.02 -27.28 17.11
N PRO B 634 -20.20 -27.03 16.09
CA PRO B 634 -19.02 -26.18 16.31
C PRO B 634 -19.35 -24.86 16.98
N SER B 635 -20.44 -24.20 16.55
CA SER B 635 -20.76 -22.91 17.16
C SER B 635 -21.11 -23.07 18.63
N GLU B 636 -21.71 -24.21 19.01
CA GLU B 636 -21.99 -24.44 20.43
C GLU B 636 -20.71 -24.77 21.20
N ARG B 637 -19.77 -25.47 20.57
CA ARG B 637 -18.49 -25.66 21.24
C ARG B 637 -17.78 -24.32 21.40
N ALA B 638 -17.80 -23.49 20.35
CA ALA B 638 -17.22 -22.16 20.45
C ALA B 638 -17.88 -21.33 21.55
N ALA B 639 -19.20 -21.48 21.72
CA ALA B 639 -19.89 -20.74 22.78
C ALA B 639 -19.37 -21.12 24.16
N CYS B 640 -18.97 -22.39 24.34
CA CYS B 640 -18.36 -22.79 25.62
C CYS B 640 -17.08 -22.00 25.87
N LEU B 641 -16.22 -21.94 24.85
CA LEU B 641 -15.00 -21.16 24.96
C LEU B 641 -15.31 -19.70 25.29
N ASP B 642 -16.29 -19.12 24.60
CA ASP B 642 -16.63 -17.73 24.87
C ASP B 642 -17.14 -17.54 26.29
N ARG B 643 -17.95 -18.47 26.79
CA ARG B 643 -18.40 -18.37 28.17
C ARG B 643 -17.24 -18.50 29.14
N ALA B 644 -16.31 -19.41 28.84
CA ALA B 644 -15.14 -19.56 29.70
C ALA B 644 -14.32 -18.28 29.71
N ALA B 645 -14.21 -17.60 28.56
CA ALA B 645 -13.49 -16.34 28.52
C ALA B 645 -14.15 -15.31 29.42
N GLU B 646 -15.49 -15.26 29.42
CA GLU B 646 -16.20 -14.33 30.28
C GLU B 646 -15.92 -14.60 31.74
N LEU B 647 -15.89 -15.88 32.12
CA LEU B 647 -15.62 -16.23 33.52
C LEU B 647 -14.20 -15.87 33.91
N MET B 648 -13.23 -16.14 33.04
CA MET B 648 -11.85 -15.77 33.34
C MET B 648 -11.72 -14.26 33.46
N GLN B 649 -12.40 -13.52 32.59
CA GLN B 649 -12.35 -12.06 32.66
C GLN B 649 -12.91 -11.58 33.99
N ALA B 650 -14.07 -12.10 34.38
CA ALA B 650 -14.72 -11.65 35.61
C ALA B 650 -13.90 -12.04 36.83
N ARG B 651 -13.21 -13.18 36.77
CA ARG B 651 -12.50 -13.71 37.91
C ARG B 651 -11.01 -13.41 37.85
N MET B 652 -10.60 -12.55 36.93
CA MET B 652 -9.18 -12.24 36.78
C MET B 652 -8.48 -11.87 38.08
N PRO B 653 -9.04 -11.02 38.96
CA PRO B 653 -8.32 -10.72 40.21
C PRO B 653 -7.96 -11.93 41.03
N THR B 654 -8.88 -12.90 41.17
CA THR B 654 -8.57 -14.11 41.92
C THR B 654 -7.55 -14.98 41.17
N LEU B 655 -7.69 -15.10 39.84
CA LEU B 655 -6.72 -15.87 39.07
C LEU B 655 -5.33 -15.28 39.20
N LEU B 656 -5.22 -13.94 39.16
CA LEU B 656 -3.93 -13.28 39.38
C LEU B 656 -3.28 -13.76 40.67
N GLY B 657 -4.04 -13.74 41.77
CA GLY B 657 -3.44 -14.09 43.04
C GLY B 657 -2.87 -15.48 43.05
N LEU B 658 -3.58 -16.43 42.41
CA LEU B 658 -3.07 -17.79 42.30
C LEU B 658 -1.85 -17.84 41.39
N ILE B 659 -1.89 -17.15 40.25
CA ILE B 659 -0.76 -17.18 39.32
C ILE B 659 0.46 -16.54 39.98
N ILE B 660 0.26 -15.43 40.68
CA ILE B 660 1.37 -14.77 41.34
C ILE B 660 2.03 -15.71 42.33
N ARG B 661 1.25 -16.43 43.11
CA ARG B 661 1.84 -17.20 44.19
C ARG B 661 2.27 -18.60 43.77
N GLU B 662 1.55 -19.24 42.85
CA GLU B 662 1.95 -20.58 42.44
C GLU B 662 3.07 -20.55 41.42
N ALA B 663 3.04 -19.60 40.51
CA ALA B 663 3.96 -19.55 39.38
C ALA B 663 5.07 -18.53 39.58
N GLY B 664 5.01 -17.74 40.64
CA GLY B 664 6.03 -16.74 40.90
C GLY B 664 6.00 -15.55 39.98
N LYS B 665 4.84 -15.21 39.43
CA LYS B 665 4.74 -14.13 38.47
C LYS B 665 4.43 -12.82 39.18
N SER B 666 4.87 -11.73 38.55
CA SER B 666 4.45 -10.40 38.95
C SER B 666 3.00 -10.17 38.54
N ALA B 667 2.37 -9.16 39.16
CA ALA B 667 0.98 -8.87 38.86
C ALA B 667 0.78 -8.55 37.39
N LEU B 668 1.67 -7.74 36.82
CA LEU B 668 1.53 -7.36 35.43
C LEU B 668 1.61 -8.57 34.52
N ASN B 669 2.52 -9.48 34.81
CA ASN B 669 2.63 -10.67 33.98
C ASN B 669 1.47 -11.62 34.23
N ALA B 670 0.93 -11.63 35.45
CA ALA B 670 -0.25 -12.47 35.67
C ALA B 670 -1.46 -11.94 34.92
N ILE B 671 -1.59 -10.60 34.82
CA ILE B 671 -2.65 -10.01 34.01
C ILE B 671 -2.48 -10.43 32.55
N ALA B 672 -1.26 -10.29 32.03
CA ALA B 672 -0.97 -10.71 30.66
C ALA B 672 -1.33 -12.17 30.47
N GLU B 673 -1.04 -13.00 31.46
CA GLU B 673 -1.33 -14.42 31.33
C GLU B 673 -2.82 -14.68 31.24
N VAL B 674 -3.60 -14.11 32.15
CA VAL B 674 -5.06 -14.31 32.10
C VAL B 674 -5.63 -13.72 30.80
N ARG B 675 -5.16 -12.53 30.41
CA ARG B 675 -5.63 -11.97 29.14
C ARG B 675 -5.32 -12.91 27.99
N GLU B 676 -4.12 -13.47 27.96
CA GLU B 676 -3.77 -14.38 26.87
C GLU B 676 -4.68 -15.59 26.85
N ALA B 677 -4.97 -16.18 28.02
CA ALA B 677 -5.95 -17.27 28.08
C ALA B 677 -7.31 -16.84 27.53
N ILE B 678 -7.79 -15.66 27.93
CA ILE B 678 -9.06 -15.15 27.41
C ILE B 678 -8.99 -14.99 25.90
N ASP B 679 -7.89 -14.43 25.39
CA ASP B 679 -7.76 -14.24 23.95
C ASP B 679 -7.72 -15.56 23.20
N PHE B 680 -7.00 -16.56 23.72
CA PHE B 680 -7.01 -17.88 23.08
C PHE B 680 -8.44 -18.41 22.97
N LEU B 681 -9.17 -18.35 24.08
CA LEU B 681 -10.55 -18.85 24.08
C LEU B 681 -11.38 -18.16 23.01
N ARG B 682 -11.35 -16.83 22.98
CA ARG B 682 -12.19 -16.11 22.04
C ARG B 682 -11.67 -16.22 20.62
N TYR B 683 -10.36 -16.30 20.45
CA TYR B 683 -9.83 -16.44 19.10
C TYR B 683 -10.18 -17.79 18.51
N TYR B 684 -9.92 -18.87 19.24
CA TYR B 684 -10.26 -20.19 18.71
C TYR B 684 -11.77 -20.34 18.53
N ALA B 685 -12.56 -19.67 19.36
CA ALA B 685 -13.99 -19.69 19.18
C ALA B 685 -14.38 -19.03 17.85
N GLU B 686 -13.82 -17.85 17.60
CA GLU B 686 -14.13 -17.18 16.35
C GLU B 686 -13.58 -17.95 15.17
N GLN B 687 -12.35 -18.47 15.27
CA GLN B 687 -11.82 -19.24 14.15
C GLN B 687 -12.69 -20.45 13.87
N THR B 688 -13.25 -21.07 14.91
CA THR B 688 -14.19 -22.16 14.69
C THR B 688 -15.44 -21.68 13.96
N ARG B 689 -16.05 -20.61 14.44
CA ARG B 689 -17.23 -20.06 13.76
C ARG B 689 -16.94 -19.71 12.30
N ARG B 690 -15.70 -19.36 11.97
CA ARG B 690 -15.38 -19.05 10.57
C ARG B 690 -15.15 -20.30 9.72
N THR B 691 -14.88 -21.46 10.32
CA THR B 691 -14.34 -22.54 9.48
C THR B 691 -14.99 -23.90 9.64
N LEU B 692 -15.32 -24.33 10.85
CA LEU B 692 -15.55 -25.75 11.07
C LEU B 692 -16.95 -26.20 10.65
N GLY B 693 -17.00 -27.27 9.87
CA GLY B 693 -18.25 -27.86 9.45
C GLY B 693 -18.23 -29.36 9.66
N PRO B 694 -19.30 -30.05 9.26
CA PRO B 694 -19.38 -31.49 9.56
C PRO B 694 -18.28 -32.31 8.91
N GLY B 695 -17.73 -31.86 7.77
CA GLY B 695 -16.66 -32.61 7.14
C GLY B 695 -15.32 -32.48 7.80
N HIS B 696 -15.19 -31.64 8.84
CA HIS B 696 -13.91 -31.46 9.52
C HIS B 696 -13.94 -32.27 10.82
N GLY B 697 -13.84 -33.58 10.64
CA GLY B 697 -13.99 -34.52 11.73
C GLY B 697 -12.88 -34.40 12.75
N PRO B 698 -13.19 -34.69 14.00
CA PRO B 698 -12.18 -34.58 15.04
C PRO B 698 -11.19 -35.73 14.97
N LEU B 699 -10.06 -35.53 15.63
CA LEU B 699 -9.10 -36.61 15.78
C LEU B 699 -9.57 -37.64 16.79
N GLY B 700 -10.16 -37.19 17.89
CA GLY B 700 -10.40 -38.05 19.03
C GLY B 700 -9.65 -37.49 20.22
N PRO B 701 -9.44 -38.30 21.26
CA PRO B 701 -8.82 -37.80 22.49
C PRO B 701 -7.47 -37.17 22.22
N ILE B 702 -7.30 -35.96 22.72
CA ILE B 702 -6.05 -35.22 22.55
C ILE B 702 -5.43 -35.04 23.91
N VAL B 703 -4.16 -35.36 24.01
CA VAL B 703 -3.41 -35.17 25.23
C VAL B 703 -2.74 -33.81 25.13
N CYS B 704 -3.01 -32.93 26.10
CA CYS B 704 -2.49 -31.57 26.09
C CYS B 704 -1.54 -31.47 27.27
N ILE B 705 -0.26 -31.28 26.98
CA ILE B 705 0.78 -31.23 28.01
C ILE B 705 1.34 -29.81 28.01
N SER B 706 1.25 -29.15 29.14
CA SER B 706 1.51 -27.72 29.19
C SER B 706 2.66 -27.43 30.15
N PRO B 707 3.29 -26.28 30.01
CA PRO B 707 4.46 -25.95 30.82
C PRO B 707 4.10 -25.15 32.06
N TRP B 708 5.10 -24.97 32.92
CA TRP B 708 4.90 -24.21 34.15
C TRP B 708 5.09 -22.72 33.97
N ASN B 709 5.61 -22.27 32.82
CA ASN B 709 5.95 -20.87 32.67
C ASN B 709 4.78 -20.03 32.15
N PHE B 710 3.83 -20.64 31.45
CA PHE B 710 2.55 -20.01 31.15
C PHE B 710 1.47 -20.98 31.58
N PRO B 711 1.32 -21.17 32.90
CA PRO B 711 0.51 -22.28 33.41
C PRO B 711 -0.98 -22.12 33.23
N LEU B 712 -1.45 -20.94 32.85
CA LEU B 712 -2.85 -20.77 32.45
C LEU B 712 -3.00 -20.52 30.97
N ALA B 713 -2.16 -19.66 30.38
CA ALA B 713 -2.38 -19.23 29.02
C ALA B 713 -2.13 -20.36 28.02
N ILE B 714 -0.97 -21.02 28.12
CA ILE B 714 -0.68 -22.09 27.17
C ILE B 714 -1.51 -23.32 27.51
N PHE B 715 -1.67 -23.59 28.80
CA PHE B 715 -2.62 -24.59 29.24
C PHE B 715 -3.97 -24.41 28.57
N THR B 716 -4.52 -23.20 28.64
CA THR B 716 -5.86 -22.93 28.10
C THR B 716 -5.86 -22.95 26.58
N GLY B 717 -4.83 -22.36 25.96
CA GLY B 717 -4.80 -22.31 24.50
C GLY B 717 -4.82 -23.68 23.86
N GLN B 718 -3.94 -24.58 24.29
CA GLN B 718 -3.93 -25.93 23.72
C GLN B 718 -5.27 -26.62 23.96
N ILE B 719 -5.77 -26.57 25.19
CA ILE B 719 -7.01 -27.27 25.53
C ILE B 719 -8.19 -26.70 24.76
N ALA B 720 -8.29 -25.37 24.73
CA ALA B 720 -9.42 -24.73 24.05
C ALA B 720 -9.44 -25.11 22.57
N ALA B 721 -8.28 -25.06 21.93
CA ALA B 721 -8.21 -25.41 20.51
C ALA B 721 -8.62 -26.85 20.29
N ALA B 722 -8.11 -27.77 21.10
CA ALA B 722 -8.46 -29.17 20.90
C ALA B 722 -9.95 -29.38 21.12
N LEU B 723 -10.49 -28.80 22.19
CA LEU B 723 -11.91 -28.95 22.48
C LEU B 723 -12.78 -28.37 21.38
N VAL B 724 -12.48 -27.16 20.93
CA VAL B 724 -13.39 -26.51 20.00
C VAL B 724 -13.31 -27.18 18.63
N ALA B 725 -12.20 -27.85 18.34
CA ALA B 725 -12.12 -28.64 17.12
C ALA B 725 -12.89 -29.95 17.23
N GLY B 726 -13.50 -30.23 18.38
CA GLY B 726 -14.33 -31.40 18.54
C GLY B 726 -13.69 -32.60 19.20
N ASN B 727 -12.56 -32.41 19.87
CA ASN B 727 -11.82 -33.48 20.52
C ASN B 727 -11.97 -33.40 22.03
N PRO B 728 -12.23 -34.51 22.70
CA PRO B 728 -12.09 -34.52 24.16
C PRO B 728 -10.61 -34.42 24.52
N VAL B 729 -10.34 -33.84 25.68
CA VAL B 729 -8.98 -33.49 26.06
C VAL B 729 -8.59 -34.17 27.37
N LEU B 730 -7.38 -34.69 27.39
CA LEU B 730 -6.67 -35.08 28.61
C LEU B 730 -5.65 -33.99 28.89
N ALA B 731 -5.87 -33.23 29.96
CA ALA B 731 -5.03 -32.07 30.27
C ALA B 731 -4.01 -32.48 31.33
N LYS B 732 -2.73 -32.47 30.95
CA LYS B 732 -1.67 -32.81 31.88
C LYS B 732 -0.85 -31.54 32.15
N PRO B 733 -1.10 -30.84 33.26
CA PRO B 733 -0.36 -29.63 33.54
C PRO B 733 1.03 -29.92 34.08
N ALA B 734 1.90 -28.93 34.00
CA ALA B 734 3.23 -29.06 34.57
C ALA B 734 3.14 -29.43 36.04
N GLU B 735 4.12 -30.21 36.49
CA GLU B 735 4.15 -30.65 37.88
C GLU B 735 4.21 -29.47 38.84
N GLU B 736 4.87 -28.38 38.45
CA GLU B 736 5.07 -27.24 39.32
C GLU B 736 3.82 -26.39 39.49
N THR B 737 2.88 -26.41 38.54
CA THR B 737 1.79 -25.42 38.51
C THR B 737 0.42 -26.06 38.28
N PRO B 738 0.04 -27.05 39.09
CA PRO B 738 -1.23 -27.73 38.85
C PRO B 738 -2.43 -26.93 39.29
N LEU B 739 -2.27 -26.00 40.24
CA LEU B 739 -3.45 -25.38 40.82
C LEU B 739 -4.14 -24.47 39.83
N ILE B 740 -3.38 -23.65 39.09
CA ILE B 740 -4.04 -22.75 38.14
C ILE B 740 -4.62 -23.58 37.00
N ALA B 741 -3.99 -24.70 36.66
CA ALA B 741 -4.57 -25.60 35.67
C ALA B 741 -5.92 -26.14 36.14
N ALA B 742 -5.99 -26.61 37.40
CA ALA B 742 -7.27 -27.07 37.94
C ALA B 742 -8.32 -25.98 37.86
N GLU B 743 -7.93 -24.73 38.15
CA GLU B 743 -8.88 -23.64 38.05
C GLU B 743 -9.31 -23.42 36.61
N GLY B 744 -8.38 -23.52 35.65
CA GLY B 744 -8.75 -23.49 34.25
C GLY B 744 -9.78 -24.53 33.90
N VAL B 745 -9.62 -25.76 34.40
CA VAL B 745 -10.56 -26.82 34.07
C VAL B 745 -11.91 -26.57 34.74
N ARG B 746 -11.91 -26.08 35.99
CA ARG B 746 -13.17 -25.70 36.62
C ARG B 746 -13.94 -24.71 35.76
N ILE B 747 -13.23 -23.71 35.24
CA ILE B 747 -13.91 -22.66 34.50
C ILE B 747 -14.43 -23.19 33.17
N LEU B 748 -13.61 -23.97 32.47
CA LEU B 748 -14.07 -24.54 31.21
C LEU B 748 -15.24 -25.48 31.43
N ARG B 749 -15.20 -26.28 32.50
CA ARG B 749 -16.36 -27.12 32.80
C ARG B 749 -17.57 -26.28 33.16
N GLU B 750 -17.38 -25.24 33.96
CA GLU B 750 -18.52 -24.38 34.32
C GLU B 750 -19.11 -23.74 33.08
N ALA B 751 -18.27 -23.42 32.11
CA ALA B 751 -18.68 -22.80 30.86
C ALA B 751 -19.38 -23.77 29.92
N GLY B 752 -19.41 -25.05 30.23
CA GLY B 752 -20.19 -26.01 29.47
C GLY B 752 -19.41 -27.15 28.87
N ILE B 753 -18.09 -27.19 29.00
CA ILE B 753 -17.33 -28.35 28.53
C ILE B 753 -17.69 -29.52 29.43
N PRO B 754 -18.22 -30.62 28.88
CA PRO B 754 -18.58 -31.77 29.71
C PRO B 754 -17.35 -32.33 30.40
N ALA B 755 -17.56 -32.88 31.60
CA ALA B 755 -16.47 -33.50 32.34
C ALA B 755 -15.80 -34.61 31.54
N SER B 756 -16.56 -35.33 30.73
CA SER B 756 -15.96 -36.38 29.92
C SER B 756 -15.10 -35.81 28.80
N ALA B 757 -15.34 -34.56 28.41
CA ALA B 757 -14.56 -33.94 27.36
C ALA B 757 -13.32 -33.22 27.86
N LEU B 758 -13.20 -32.98 29.16
CA LEU B 758 -12.03 -32.27 29.68
C LEU B 758 -11.68 -32.89 31.03
N GLN B 759 -10.66 -33.73 31.03
CA GLN B 759 -10.20 -34.35 32.25
C GLN B 759 -8.85 -33.77 32.62
N LEU B 760 -8.60 -33.60 33.91
CA LEU B 760 -7.34 -33.06 34.42
C LEU B 760 -6.54 -34.18 35.06
N LEU B 761 -5.28 -34.34 34.66
CA LEU B 761 -4.40 -35.38 35.20
C LEU B 761 -3.14 -34.72 35.71
N PRO B 762 -3.15 -34.20 36.93
CA PRO B 762 -1.92 -33.64 37.51
C PRO B 762 -0.85 -34.70 37.68
N GLY B 763 0.40 -34.27 37.62
CA GLY B 763 1.50 -35.16 37.95
C GLY B 763 2.75 -34.78 37.15
N ASP B 764 3.70 -35.70 37.17
CA ASP B 764 5.00 -35.44 36.57
C ASP B 764 5.03 -36.01 35.15
N GLY B 765 6.24 -36.17 34.59
CA GLY B 765 6.36 -36.64 33.23
C GLY B 765 5.91 -38.06 33.03
N ARG B 766 5.93 -38.87 34.09
CA ARG B 766 5.41 -40.22 33.98
C ARG B 766 3.92 -40.22 33.65
N VAL B 767 3.19 -39.24 34.20
CA VAL B 767 1.78 -39.11 33.86
C VAL B 767 1.62 -38.72 32.41
N GLY B 768 2.40 -37.74 31.97
CA GLY B 768 2.34 -37.36 30.57
C GLY B 768 2.68 -38.53 29.65
N ALA B 769 3.70 -39.30 30.04
CA ALA B 769 4.11 -40.42 29.21
C ALA B 769 3.01 -41.48 29.11
N ALA B 770 2.34 -41.76 30.23
CA ALA B 770 1.24 -42.71 30.21
C ALA B 770 0.10 -42.23 29.30
N LEU B 771 -0.18 -40.92 29.30
CA LEU B 771 -1.25 -40.43 28.44
C LEU B 771 -0.87 -40.54 26.97
N VAL B 772 0.35 -40.14 26.63
CA VAL B 772 0.80 -40.16 25.25
C VAL B 772 0.76 -41.58 24.69
N ALA B 773 1.19 -42.56 25.50
CA ALA B 773 1.29 -43.95 25.07
C ALA B 773 -0.05 -44.66 25.02
N ALA B 774 -1.11 -44.05 25.57
CA ALA B 774 -2.40 -44.73 25.65
C ALA B 774 -2.94 -45.04 24.25
N ALA B 775 -3.58 -46.21 24.15
CA ALA B 775 -4.02 -46.73 22.86
C ALA B 775 -4.93 -45.75 22.13
N GLU B 776 -5.83 -45.09 22.84
CA GLU B 776 -6.85 -44.26 22.20
C GLU B 776 -6.38 -42.82 21.99
N THR B 777 -5.17 -42.46 22.38
CA THR B 777 -4.70 -41.10 22.17
C THR B 777 -4.56 -40.83 20.67
N ALA B 778 -5.21 -39.75 20.22
CA ALA B 778 -5.34 -39.45 18.81
C ALA B 778 -4.56 -38.22 18.39
N GLY B 779 -3.94 -37.53 19.34
CA GLY B 779 -3.14 -36.38 19.05
C GLY B 779 -2.55 -35.88 20.35
N VAL B 780 -1.43 -35.17 20.22
CA VAL B 780 -0.74 -34.64 21.39
C VAL B 780 -0.39 -33.20 21.10
N MET B 781 -0.66 -32.33 22.06
CA MET B 781 -0.24 -30.94 22.01
C MET B 781 0.71 -30.75 23.17
N PHE B 782 1.95 -30.38 22.85
CA PHE B 782 2.99 -30.32 23.84
C PHE B 782 3.70 -28.98 23.76
N THR B 783 3.94 -28.35 24.90
CA THR B 783 4.79 -27.18 25.00
C THR B 783 5.77 -27.42 26.13
N GLY B 784 7.05 -27.33 25.84
CA GLY B 784 8.07 -27.65 26.81
C GLY B 784 9.40 -27.87 26.09
N SER B 785 10.23 -28.70 26.70
CA SER B 785 11.61 -28.86 26.24
C SER B 785 11.67 -29.64 24.92
N THR B 786 12.70 -29.35 24.14
CA THR B 786 12.91 -30.11 22.91
C THR B 786 13.12 -31.58 23.20
N GLU B 787 13.85 -31.88 24.29
CA GLU B 787 14.15 -33.27 24.62
C GLU B 787 12.87 -34.08 24.84
N VAL B 788 11.94 -33.54 25.62
CA VAL B 788 10.71 -34.26 25.89
C VAL B 788 9.86 -34.36 24.63
N ALA B 789 9.84 -33.30 23.82
CA ALA B 789 9.11 -33.36 22.55
C ALA B 789 9.59 -34.52 21.71
N ARG B 790 10.91 -34.72 21.64
CA ARG B 790 11.44 -35.86 20.88
C ARG B 790 10.99 -37.18 21.47
N LEU B 791 10.95 -37.28 22.80
CA LEU B 791 10.52 -38.53 23.41
C LEU B 791 9.06 -38.82 23.08
N ILE B 792 8.23 -37.79 23.08
CA ILE B 792 6.82 -37.95 22.74
C ILE B 792 6.68 -38.36 21.29
N GLN B 793 7.41 -37.69 20.40
CA GLN B 793 7.41 -38.03 19.00
C GLN B 793 7.77 -39.50 18.79
N ALA B 794 8.78 -39.99 19.51
CA ALA B 794 9.18 -41.38 19.36
C ALA B 794 8.09 -42.32 19.85
N GLN B 795 7.45 -41.98 20.96
CA GLN B 795 6.37 -42.82 21.45
C GLN B 795 5.21 -42.87 20.46
N LEU B 796 4.84 -41.72 19.90
CA LEU B 796 3.70 -41.66 18.98
C LEU B 796 3.99 -42.39 17.67
N ALA B 797 5.26 -42.39 17.23
CA ALA B 797 5.64 -43.04 15.98
C ALA B 797 5.44 -44.54 16.02
N ASP B 798 5.25 -45.11 17.20
CA ASP B 798 4.98 -46.54 17.30
C ASP B 798 3.55 -46.89 16.89
N ARG B 799 2.66 -45.91 16.83
CA ARG B 799 1.24 -46.14 16.61
C ARG B 799 0.73 -45.39 15.40
N LEU B 800 -0.46 -45.78 14.96
CA LEU B 800 -1.18 -45.07 13.92
C LEU B 800 -2.57 -44.74 14.41
N SER B 801 -3.17 -43.71 13.80
CA SER B 801 -4.55 -43.30 14.06
C SER B 801 -5.50 -44.42 13.69
N PRO B 802 -6.77 -44.36 14.11
CA PRO B 802 -7.75 -45.33 13.60
C PRO B 802 -7.75 -45.41 12.07
N ALA B 803 -7.55 -44.29 11.39
CA ALA B 803 -7.52 -44.24 9.94
C ALA B 803 -6.17 -44.65 9.35
N GLY B 804 -5.21 -45.10 10.17
CA GLY B 804 -3.93 -45.54 9.64
C GLY B 804 -2.97 -44.43 9.28
N ARG B 805 -3.00 -43.31 10.02
CA ARG B 805 -2.23 -42.12 9.72
C ARG B 805 -1.40 -41.73 10.94
N PRO B 806 -0.30 -41.01 10.74
CA PRO B 806 0.49 -40.58 11.89
C PRO B 806 -0.37 -39.80 12.87
N ILE B 807 -0.10 -40.02 14.16
CA ILE B 807 -0.76 -39.29 15.25
C ILE B 807 -0.19 -37.88 15.27
N PRO B 808 -1.04 -36.85 15.16
CA PRO B 808 -0.50 -35.48 15.09
C PRO B 808 0.15 -35.08 16.40
N LEU B 809 1.31 -34.43 16.28
CA LEU B 809 1.98 -33.85 17.43
C LEU B 809 2.21 -32.38 17.12
N ILE B 810 1.65 -31.51 17.95
CA ILE B 810 1.94 -30.08 17.88
C ILE B 810 2.86 -29.80 19.05
N ALA B 811 4.09 -29.40 18.75
CA ALA B 811 5.10 -29.22 19.78
C ALA B 811 5.69 -27.83 19.63
N GLU B 812 5.67 -27.05 20.71
CA GLU B 812 6.34 -25.76 20.75
C GLU B 812 7.46 -25.88 21.75
N THR B 813 8.70 -25.65 21.31
CA THR B 813 9.85 -26.07 22.09
C THR B 813 10.90 -24.98 22.25
N GLY B 814 10.50 -23.72 22.28
CA GLY B 814 11.44 -22.71 22.78
C GLY B 814 12.48 -22.27 21.75
N GLY B 815 13.45 -21.51 22.24
CA GLY B 815 14.34 -20.84 21.30
C GLY B 815 15.64 -20.40 21.95
N GLN B 816 16.55 -19.96 21.10
CA GLN B 816 17.78 -19.29 21.53
C GLN B 816 17.73 -17.90 20.92
N ASN B 817 16.90 -17.03 21.50
CA ASN B 817 16.40 -15.87 20.78
C ASN B 817 17.40 -14.72 20.86
N ALA B 818 17.64 -14.10 19.73
CA ALA B 818 18.60 -13.01 19.60
C ALA B 818 17.88 -11.72 19.30
N MET B 819 18.56 -10.63 19.64
CA MET B 819 18.18 -9.29 19.21
C MET B 819 19.45 -8.66 18.66
N ILE B 820 19.36 -8.10 17.45
CA ILE B 820 20.47 -7.38 16.83
C ILE B 820 20.16 -5.89 16.93
N VAL B 821 21.15 -5.13 17.40
CA VAL B 821 21.03 -3.69 17.60
C VAL B 821 22.16 -3.04 16.83
N ASP B 822 21.84 -2.12 15.92
CA ASP B 822 22.91 -1.46 15.20
C ASP B 822 23.12 -0.06 15.78
N SER B 823 24.04 0.69 15.17
CA SER B 823 24.43 1.98 15.73
C SER B 823 23.38 3.06 15.51
N SER B 824 22.32 2.78 14.76
CA SER B 824 21.27 3.77 14.57
C SER B 824 20.16 3.64 15.62
N ALA B 825 20.13 2.56 16.38
CA ALA B 825 19.06 2.35 17.34
C ALA B 825 19.14 3.38 18.47
N LEU B 826 17.99 3.67 19.07
CA LEU B 826 17.94 4.55 20.22
C LEU B 826 18.27 3.75 21.48
N ALA B 827 19.40 4.08 22.12
CA ALA B 827 19.89 3.29 23.24
C ALA B 827 18.84 3.10 24.34
N GLU B 828 18.15 4.19 24.71
CA GLU B 828 17.18 4.08 25.80
C GLU B 828 16.04 3.12 25.45
N GLN B 829 15.60 3.14 24.20
CA GLN B 829 14.56 2.20 23.79
C GLN B 829 15.11 0.78 23.76
N VAL B 830 16.34 0.62 23.28
CA VAL B 830 16.98 -0.70 23.32
C VAL B 830 17.01 -1.23 24.74
N VAL B 831 17.50 -0.42 25.67
CA VAL B 831 17.70 -0.91 27.04
C VAL B 831 16.36 -1.30 27.65
N GLY B 832 15.33 -0.48 27.47
CA GLY B 832 14.01 -0.85 27.95
C GLY B 832 13.56 -2.18 27.37
N ASP B 833 13.74 -2.35 26.06
CA ASP B 833 13.25 -3.56 25.41
C ASP B 833 14.10 -4.78 25.76
N VAL B 834 15.39 -4.56 26.02
CA VAL B 834 16.26 -5.67 26.41
C VAL B 834 15.94 -6.10 27.84
N ILE B 835 15.80 -5.14 28.75
CA ILE B 835 15.50 -5.49 30.15
C ILE B 835 14.20 -6.29 30.21
N THR B 836 13.18 -5.81 29.50
CA THR B 836 11.92 -6.55 29.44
C THR B 836 12.10 -7.92 28.79
N SER B 837 12.74 -7.98 27.63
CA SER B 837 12.79 -9.25 26.90
C SER B 837 13.62 -10.29 27.64
N ALA B 838 14.70 -9.88 28.28
CA ALA B 838 15.62 -10.81 28.89
C ALA B 838 15.22 -11.20 30.31
N PHE B 839 14.64 -10.28 31.08
CA PHE B 839 14.49 -10.50 32.51
C PHE B 839 13.06 -10.49 33.00
N ASP B 840 12.11 -10.03 32.21
CA ASP B 840 10.71 -10.21 32.57
C ASP B 840 10.44 -11.68 32.82
N SER B 841 9.66 -11.96 33.87
CA SER B 841 9.31 -13.32 34.25
C SER B 841 10.57 -14.13 34.54
N ALA B 842 11.59 -13.46 35.05
CA ALA B 842 12.87 -14.09 35.37
C ALA B 842 13.44 -14.81 34.16
N GLY B 843 13.19 -14.27 32.96
CA GLY B 843 13.68 -14.89 31.76
C GLY B 843 13.06 -16.24 31.45
N GLN B 844 11.92 -16.55 32.07
CA GLN B 844 11.28 -17.85 31.91
C GLN B 844 10.21 -17.84 30.83
N ARG B 845 10.39 -17.03 29.80
CA ARG B 845 9.56 -17.07 28.61
C ARG B 845 10.32 -17.82 27.53
N CYS B 846 9.61 -18.62 26.74
CA CYS B 846 10.27 -19.25 25.61
CA CYS B 846 10.25 -19.25 25.60
C CYS B 846 10.76 -18.22 24.61
N SER B 847 10.10 -17.06 24.56
CA SER B 847 10.44 -15.93 23.72
C SER B 847 11.55 -15.05 24.28
N ALA B 848 12.02 -15.32 25.50
CA ALA B 848 12.95 -14.42 26.17
C ALA B 848 14.22 -14.18 25.34
N LEU B 849 14.74 -12.96 25.45
CA LEU B 849 16.00 -12.61 24.81
C LEU B 849 17.16 -13.32 25.49
N ARG B 850 17.89 -14.12 24.74
CA ARG B 850 19.05 -14.85 25.26
C ARG B 850 20.36 -14.26 24.82
N VAL B 851 20.45 -13.73 23.60
CA VAL B 851 21.69 -13.21 23.06
C VAL B 851 21.43 -11.82 22.50
N LEU B 852 22.00 -10.81 23.13
CA LEU B 852 21.94 -9.45 22.63
C LEU B 852 23.18 -9.19 21.79
N CYS B 853 22.97 -8.80 20.54
CA CYS B 853 24.06 -8.57 19.59
C CYS B 853 24.16 -7.06 19.33
N LEU B 854 25.25 -6.45 19.79
CA LEU B 854 25.40 -5.00 19.72
C LEU B 854 26.48 -4.66 18.69
N GLN B 855 26.17 -3.73 17.80
CA GLN B 855 27.20 -3.22 16.91
C GLN B 855 28.34 -2.66 17.74
N GLU B 856 29.56 -2.99 17.34
CA GLU B 856 30.74 -2.72 18.16
C GLU B 856 30.83 -1.26 18.57
N ASP B 857 30.46 -0.34 17.68
CA ASP B 857 30.62 1.09 17.92
C ASP B 857 29.70 1.62 19.01
N VAL B 858 28.59 0.95 19.32
CA VAL B 858 27.69 1.40 20.37
C VAL B 858 27.62 0.45 21.54
N ALA B 859 28.36 -0.67 21.50
CA ALA B 859 28.18 -1.73 22.48
C ALA B 859 28.46 -1.24 23.90
N ASP B 860 29.56 -0.50 24.09
CA ASP B 860 29.94 -0.05 25.43
C ASP B 860 28.91 0.88 26.04
N ARG B 861 28.42 1.86 25.26
CA ARG B 861 27.45 2.81 25.81
C ARG B 861 26.15 2.09 26.17
N ILE B 862 25.69 1.17 25.32
CA ILE B 862 24.45 0.47 25.61
C ILE B 862 24.63 -0.46 26.82
N LEU B 863 25.77 -1.14 26.90
CA LEU B 863 26.03 -2.00 28.04
C LEU B 863 26.06 -1.21 29.35
N THR B 864 26.71 -0.05 29.33
CA THR B 864 26.74 0.80 30.53
C THR B 864 25.32 1.18 30.95
N MET B 865 24.50 1.61 29.99
CA MET B 865 23.12 1.97 30.29
C MET B 865 22.33 0.75 30.75
N LEU B 866 22.52 -0.38 30.06
CA LEU B 866 21.82 -1.60 30.43
C LEU B 866 22.16 -2.02 31.85
N LYS B 867 23.44 -1.97 32.20
CA LYS B 867 23.87 -2.31 33.55
C LYS B 867 23.29 -1.34 34.57
N GLY B 868 23.25 -0.05 34.25
CA GLY B 868 22.66 0.90 35.17
C GLY B 868 21.17 0.64 35.37
N ALA B 869 20.47 0.31 34.29
CA ALA B 869 19.05 0.00 34.39
C ALA B 869 18.83 -1.28 35.18
N LEU B 870 19.70 -2.26 35.00
CA LEU B 870 19.56 -3.53 35.72
C LEU B 870 19.61 -3.30 37.22
N HIS B 871 20.44 -2.37 37.67
CA HIS B 871 20.57 -2.21 39.11
C HIS B 871 19.38 -1.47 39.72
N GLU B 872 18.46 -0.98 38.92
CA GLU B 872 17.24 -0.37 39.44
C GLU B 872 16.10 -1.37 39.61
N LEU B 873 16.33 -2.63 39.27
CA LEU B 873 15.28 -3.63 39.33
C LEU B 873 15.11 -4.16 40.74
N HIS B 874 13.88 -4.40 41.13
CA HIS B 874 13.55 -4.96 42.44
C HIS B 874 13.20 -6.44 42.27
N ILE B 875 14.00 -7.32 42.88
CA ILE B 875 13.80 -8.76 42.80
C ILE B 875 13.25 -9.23 44.15
N GLY B 876 12.19 -10.04 44.12
CA GLY B 876 11.67 -10.56 45.36
C GLY B 876 10.35 -11.28 45.15
N ARG B 877 9.73 -11.62 46.27
CA ARG B 877 8.43 -12.29 46.22
C ARG B 877 7.42 -11.37 45.56
N THR B 878 6.64 -11.91 44.64
CA THR B 878 5.90 -11.10 43.67
C THR B 878 4.54 -10.65 44.16
N ASP B 879 4.22 -10.83 45.44
CA ASP B 879 3.00 -10.26 45.99
C ASP B 879 3.18 -8.80 46.44
N ARG B 880 4.12 -8.09 45.82
CA ARG B 880 4.29 -6.66 45.97
C ARG B 880 4.36 -6.03 44.59
N LEU B 881 3.57 -4.98 44.38
CA LEU B 881 3.56 -4.30 43.09
C LEU B 881 4.94 -3.81 42.70
N SER B 882 5.76 -3.42 43.68
CA SER B 882 7.07 -2.88 43.38
C SER B 882 8.07 -3.92 42.89
N VAL B 883 7.70 -5.20 42.88
CA VAL B 883 8.65 -6.22 42.43
C VAL B 883 8.64 -6.29 40.91
N ASP B 884 9.82 -6.19 40.33
CA ASP B 884 10.01 -6.27 38.89
C ASP B 884 10.23 -7.69 38.41
N VAL B 885 11.05 -8.44 39.14
CA VAL B 885 11.48 -9.77 38.74
C VAL B 885 11.28 -10.71 39.92
N GLY B 886 10.54 -11.79 39.68
CA GLY B 886 10.28 -12.76 40.71
C GLY B 886 11.27 -13.90 40.68
N PRO B 887 10.89 -15.02 41.30
CA PRO B 887 11.80 -16.16 41.40
C PRO B 887 11.79 -16.99 40.13
N VAL B 888 12.78 -17.87 40.03
CA VAL B 888 12.66 -18.97 39.08
C VAL B 888 11.85 -20.09 39.73
N ILE B 889 11.36 -21.00 38.88
CA ILE B 889 10.22 -21.83 39.29
C ILE B 889 10.60 -22.83 40.39
N THR B 890 11.83 -23.37 40.36
CA THR B 890 12.22 -24.42 41.29
C THR B 890 13.70 -24.30 41.65
N SER B 891 14.12 -25.02 42.70
CA SER B 891 15.53 -25.13 43.03
CA SER B 891 15.53 -25.09 43.02
C SER B 891 16.31 -25.76 41.89
N GLU B 892 15.71 -26.78 41.24
CA GLU B 892 16.40 -27.45 40.14
C GLU B 892 16.67 -26.48 39.00
N ALA B 893 15.68 -25.64 38.67
CA ALA B 893 15.90 -24.62 37.66
C ALA B 893 17.00 -23.67 38.10
N LYS B 894 16.94 -23.20 39.34
CA LYS B 894 17.96 -22.30 39.85
C LYS B 894 19.34 -22.94 39.75
N ASP B 895 19.45 -24.22 40.15
CA ASP B 895 20.75 -24.88 40.06
C ASP B 895 21.24 -24.98 38.63
N ASN B 896 20.34 -25.30 37.70
CA ASN B 896 20.71 -25.45 36.30
C ASN B 896 21.22 -24.12 35.74
N ILE B 897 20.51 -23.03 36.04
CA ILE B 897 20.92 -21.70 35.58
C ILE B 897 22.25 -21.31 36.21
N GLU B 898 22.36 -21.46 37.53
CA GLU B 898 23.59 -21.07 38.21
C GLU B 898 24.77 -21.89 37.74
N LYS B 899 24.55 -23.17 37.41
CA LYS B 899 25.62 -23.99 36.87
C LYS B 899 26.15 -23.40 35.56
N HIS B 900 25.24 -22.94 34.68
CA HIS B 900 25.66 -22.28 33.46
C HIS B 900 26.45 -21.02 33.78
N ILE B 901 25.95 -20.21 34.71
CA ILE B 901 26.60 -18.95 35.02
C ILE B 901 28.00 -19.19 35.55
N GLU B 902 28.14 -20.18 36.43
CA GLU B 902 29.46 -20.50 36.97
C GLU B 902 30.38 -21.05 35.88
N ARG B 903 29.84 -21.84 34.95
CA ARG B 903 30.64 -22.30 33.82
C ARG B 903 31.14 -21.11 33.00
N MET B 904 30.26 -20.15 32.70
CA MET B 904 30.69 -18.96 31.98
C MET B 904 31.71 -18.18 32.78
N ARG B 905 31.43 -17.93 34.06
CA ARG B 905 32.39 -17.26 34.93
C ARG B 905 33.71 -18.03 34.98
N GLY B 906 33.63 -19.36 35.10
CA GLY B 906 34.83 -20.18 35.13
C GLY B 906 35.63 -20.13 33.85
N LEU B 907 35.00 -19.77 32.74
CA LEU B 907 35.70 -19.66 31.47
C LEU B 907 36.30 -18.28 31.22
N GLY B 908 36.11 -17.33 32.15
CA GLY B 908 36.69 -16.02 32.05
C GLY B 908 35.74 -14.92 31.60
N ARG B 909 34.53 -15.25 31.17
CA ARG B 909 33.61 -14.26 30.63
C ARG B 909 33.19 -13.28 31.72
N LYS B 910 32.96 -12.03 31.32
CA LYS B 910 32.53 -11.01 32.28
C LYS B 910 31.06 -11.21 32.64
N VAL B 911 30.77 -11.25 33.94
CA VAL B 911 29.44 -11.56 34.45
C VAL B 911 29.00 -10.44 35.39
N GLU B 912 27.97 -9.70 34.98
CA GLU B 912 27.34 -8.70 35.83
C GLU B 912 26.08 -9.29 36.45
N GLN B 913 25.87 -9.05 37.74
CA GLN B 913 24.69 -9.54 38.43
C GLN B 913 24.16 -8.50 39.41
N ILE B 914 22.84 -8.39 39.50
CA ILE B 914 22.21 -7.60 40.54
C ILE B 914 22.37 -8.31 41.89
N GLY B 915 22.55 -7.52 42.95
CA GLY B 915 22.60 -8.09 44.29
C GLY B 915 21.19 -8.36 44.78
N LEU B 916 20.98 -9.54 45.36
CA LEU B 916 19.67 -9.95 45.83
C LEU B 916 19.54 -9.68 47.32
N ALA B 917 18.33 -9.28 47.75
CA ALA B 917 18.07 -9.06 49.16
C ALA B 917 18.08 -10.37 49.93
N SER B 918 18.34 -10.26 51.24
CA SER B 918 18.36 -11.44 52.11
C SER B 918 17.03 -12.18 52.08
N GLU B 919 15.93 -11.46 51.90
CA GLU B 919 14.60 -12.06 51.92
C GLU B 919 14.38 -13.05 50.78
N THR B 920 15.22 -13.01 49.74
CA THR B 920 15.10 -13.99 48.66
C THR B 920 15.52 -15.39 49.07
N GLY B 921 16.26 -15.53 50.19
CA GLY B 921 16.77 -16.84 50.59
C GLY B 921 15.70 -17.88 50.85
N VAL B 922 14.47 -17.47 51.13
CA VAL B 922 13.40 -18.45 51.37
C VAL B 922 12.77 -18.96 50.09
N GLY B 923 13.11 -18.37 48.95
CA GLY B 923 12.61 -18.83 47.68
C GLY B 923 13.76 -19.20 46.76
N THR B 924 13.51 -19.40 45.48
CA THR B 924 14.55 -19.79 44.53
C THR B 924 14.70 -18.65 43.53
N PHE B 925 15.65 -17.76 43.78
CA PHE B 925 15.87 -16.62 42.90
C PHE B 925 17.21 -16.75 42.19
N VAL B 926 17.25 -16.28 40.95
CA VAL B 926 18.48 -16.04 40.23
C VAL B 926 18.51 -14.56 39.89
N PRO B 927 19.56 -13.82 40.26
CA PRO B 927 19.61 -12.42 39.92
C PRO B 927 19.74 -12.23 38.42
N PRO B 928 19.07 -11.24 37.88
CA PRO B 928 19.32 -10.86 36.49
C PRO B 928 20.81 -10.74 36.24
N THR B 929 21.26 -11.38 35.16
CA THR B 929 22.66 -11.59 34.90
C THR B 929 22.97 -11.19 33.47
N ILE B 930 24.10 -10.54 33.27
CA ILE B 930 24.58 -10.18 31.93
C ILE B 930 25.93 -10.85 31.74
N ILE B 931 26.06 -11.64 30.69
CA ILE B 931 27.29 -12.37 30.41
C ILE B 931 27.77 -11.96 29.03
N GLU B 932 28.96 -11.36 28.97
CA GLU B 932 29.53 -10.93 27.70
C GLU B 932 30.30 -12.10 27.08
N LEU B 933 29.87 -12.53 25.90
CA LEU B 933 30.48 -13.65 25.21
C LEU B 933 31.50 -13.20 24.17
N GLU B 934 32.27 -14.17 23.67
CA GLU B 934 33.18 -13.96 22.55
C GLU B 934 32.51 -14.31 21.23
N LYS B 935 32.01 -15.54 21.10
CA LYS B 935 31.26 -15.98 19.95
C LYS B 935 29.91 -16.53 20.39
N LEU B 936 28.93 -16.49 19.50
CA LEU B 936 27.63 -17.07 19.83
C LEU B 936 27.74 -18.56 20.10
N SER B 937 28.78 -19.22 19.57
CA SER B 937 29.01 -20.63 19.84
C SER B 937 29.42 -20.90 21.28
N ASP B 938 29.71 -19.86 22.08
CA ASP B 938 29.93 -20.06 23.50
C ASP B 938 28.67 -20.52 24.22
N LEU B 939 27.50 -20.32 23.62
CA LEU B 939 26.22 -20.70 24.21
C LEU B 939 25.77 -21.98 23.54
N GLN B 940 25.91 -23.10 24.24
CA GLN B 940 25.64 -24.41 23.67
C GLN B 940 24.25 -24.96 24.01
N ARG B 941 23.52 -24.32 24.93
CA ARG B 941 22.21 -24.81 25.32
C ARG B 941 21.33 -23.64 25.72
N GLU B 942 20.02 -23.86 25.64
CA GLU B 942 19.07 -22.89 26.15
C GLU B 942 19.18 -22.82 27.67
N VAL B 943 19.39 -21.62 28.19
CA VAL B 943 19.47 -21.39 29.64
C VAL B 943 18.22 -20.60 30.02
N PHE B 944 17.31 -21.28 30.70
CA PHE B 944 15.93 -20.80 30.85
C PHE B 944 15.80 -20.00 32.15
N GLY B 945 16.38 -18.81 32.12
CA GLY B 945 16.48 -18.00 33.32
C GLY B 945 16.88 -16.60 32.95
N PRO B 946 17.05 -15.74 33.94
CA PRO B 946 17.30 -14.31 33.65
C PRO B 946 18.78 -14.06 33.33
N VAL B 947 19.24 -14.65 32.23
CA VAL B 947 20.65 -14.63 31.89
C VAL B 947 20.76 -14.11 30.46
N LEU B 948 21.17 -12.86 30.31
CA LEU B 948 21.36 -12.26 29.00
C LEU B 948 22.82 -12.42 28.57
N HIS B 949 23.01 -12.92 27.36
CA HIS B 949 24.34 -13.03 26.80
C HIS B 949 24.52 -11.90 25.79
N VAL B 950 25.69 -11.27 25.79
CA VAL B 950 25.93 -10.14 24.91
C VAL B 950 27.12 -10.45 24.02
N ILE B 951 26.96 -10.25 22.71
CA ILE B 951 28.07 -10.36 21.79
C ILE B 951 28.14 -9.06 21.00
N ARG B 952 29.34 -8.72 20.56
CA ARG B 952 29.57 -7.51 19.78
C ARG B 952 29.90 -7.91 18.36
N TYR B 953 29.44 -7.11 17.39
CA TYR B 953 29.71 -7.46 16.01
C TYR B 953 30.10 -6.21 15.24
N ARG B 954 30.92 -6.42 14.21
CA ARG B 954 31.26 -5.37 13.26
C ARG B 954 30.17 -5.28 12.21
N ARG B 955 29.80 -4.05 11.83
CA ARG B 955 28.71 -3.84 10.88
C ARG B 955 28.91 -4.69 9.62
N ASP B 956 30.15 -4.84 9.17
CA ASP B 956 30.45 -5.64 7.98
C ASP B 956 30.16 -7.10 8.19
N ASP B 957 30.04 -7.56 9.43
CA ASP B 957 29.80 -8.97 9.74
C ASP B 957 28.33 -9.25 10.00
N LEU B 958 27.43 -8.31 9.70
CA LEU B 958 26.01 -8.49 9.99
C LEU B 958 25.47 -9.76 9.36
N ASP B 959 25.76 -9.98 8.07
CA ASP B 959 25.22 -11.15 7.41
C ASP B 959 25.74 -12.44 8.04
N ARG B 960 27.03 -12.47 8.39
CA ARG B 960 27.59 -13.63 9.07
C ARG B 960 26.98 -13.78 10.46
N LEU B 961 26.69 -12.67 11.13
CA LEU B 961 26.05 -12.75 12.44
C LEU B 961 24.68 -13.39 12.33
N VAL B 962 23.90 -13.00 11.32
CA VAL B 962 22.60 -13.61 11.10
C VAL B 962 22.74 -15.11 10.87
N ASP B 963 23.76 -15.52 10.10
CA ASP B 963 24.05 -16.95 9.96
C ASP B 963 24.28 -17.60 11.31
N ASP B 964 25.06 -16.94 12.17
CA ASP B 964 25.35 -17.50 13.48
C ASP B 964 24.09 -17.65 14.32
N VAL B 965 23.17 -16.68 14.23
CA VAL B 965 21.92 -16.81 14.96
C VAL B 965 21.12 -17.99 14.40
N ASN B 966 21.02 -18.08 13.08
CA ASN B 966 20.30 -19.18 12.45
C ASN B 966 20.94 -20.52 12.75
N ALA B 967 22.25 -20.55 12.96
CA ALA B 967 22.98 -21.81 13.07
C ALA B 967 22.67 -22.60 14.34
N THR B 968 22.04 -22.00 15.35
CA THR B 968 21.63 -22.77 16.51
C THR B 968 20.57 -23.82 16.16
N GLY B 969 19.89 -23.67 15.03
CA GLY B 969 18.78 -24.53 14.68
C GLY B 969 17.45 -24.12 15.29
N TYR B 970 17.45 -23.17 16.21
CA TYR B 970 16.22 -22.60 16.74
C TYR B 970 15.73 -21.49 15.83
N GLY B 971 14.49 -21.11 16.02
CA GLY B 971 13.98 -19.99 15.25
C GLY B 971 12.64 -19.57 15.79
N LEU B 972 12.64 -19.12 17.04
CA LEU B 972 11.39 -18.73 17.69
C LEU B 972 11.19 -17.22 17.56
N THR B 973 11.73 -16.44 18.48
CA THR B 973 11.64 -14.99 18.39
C THR B 973 12.98 -14.37 18.02
N PHE B 974 12.88 -13.18 17.44
CA PHE B 974 14.05 -12.45 16.98
C PHE B 974 13.71 -10.98 16.99
N GLY B 975 14.63 -10.16 17.53
CA GLY B 975 14.43 -8.72 17.58
C GLY B 975 15.48 -8.00 16.76
N LEU B 976 15.09 -6.87 16.17
CA LEU B 976 16.02 -6.02 15.44
C LEU B 976 15.72 -4.58 15.82
N HIS B 977 16.74 -3.87 16.27
CA HIS B 977 16.62 -2.46 16.59
C HIS B 977 17.48 -1.67 15.61
N THR B 978 16.83 -0.88 14.78
CA THR B 978 17.52 -0.08 13.78
C THR B 978 16.52 0.92 13.25
N ARG B 979 17.04 2.07 12.82
CA ARG B 979 16.22 3.04 12.13
C ARG B 979 16.34 2.93 10.62
N LEU B 980 17.12 1.98 10.10
CA LEU B 980 17.49 1.96 8.68
C LEU B 980 16.72 0.88 7.94
N ASP B 981 15.93 1.28 6.94
CA ASP B 981 15.13 0.33 6.18
C ASP B 981 15.99 -0.73 5.47
N GLU B 982 17.16 -0.34 4.96
CA GLU B 982 17.99 -1.34 4.31
C GLU B 982 18.39 -2.44 5.29
N THR B 983 18.71 -2.05 6.52
CA THR B 983 19.04 -3.05 7.53
C THR B 983 17.84 -3.92 7.89
N ILE B 984 16.67 -3.31 8.01
CA ILE B 984 15.47 -4.09 8.26
C ILE B 984 15.26 -5.11 7.16
N ALA B 985 15.31 -4.66 5.91
CA ALA B 985 15.09 -5.57 4.78
C ALA B 985 16.14 -6.67 4.76
N HIS B 986 17.41 -6.30 4.92
CA HIS B 986 18.48 -7.29 4.92
C HIS B 986 18.25 -8.33 6.00
N VAL B 987 18.11 -7.89 7.25
CA VAL B 987 18.06 -8.83 8.37
C VAL B 987 16.79 -9.69 8.32
N THR B 988 15.64 -9.06 8.08
CA THR B 988 14.40 -9.84 8.06
C THR B 988 14.32 -10.78 6.86
N SER B 989 15.07 -10.51 5.79
CA SER B 989 15.12 -11.46 4.67
C SER B 989 16.02 -12.65 4.94
N ARG B 990 16.93 -12.56 5.91
CA ARG B 990 17.91 -13.61 6.12
C ARG B 990 17.71 -14.38 7.42
N ILE B 991 17.11 -13.76 8.43
CA ILE B 991 16.87 -14.46 9.70
C ILE B 991 15.81 -15.53 9.47
N LYS B 992 15.93 -16.66 10.17
CA LYS B 992 14.96 -17.73 10.05
C LYS B 992 14.29 -17.89 11.41
N ALA B 993 13.35 -17.00 11.71
CA ALA B 993 12.61 -17.08 12.97
C ALA B 993 11.12 -16.90 12.69
N GLY B 994 10.32 -17.50 13.56
CA GLY B 994 8.88 -17.46 13.35
C GLY B 994 8.23 -16.18 13.79
N ASN B 995 8.83 -15.48 14.75
CA ASN B 995 8.26 -14.26 15.31
C ASN B 995 9.34 -13.20 15.29
N LEU B 996 9.18 -12.20 14.41
CA LEU B 996 10.14 -11.12 14.28
C LEU B 996 9.57 -9.86 14.93
N TYR B 997 10.44 -9.09 15.57
CA TYR B 997 10.03 -7.87 16.23
C TYR B 997 11.01 -6.77 15.87
N ILE B 998 10.48 -5.64 15.44
CA ILE B 998 11.31 -4.55 14.96
C ILE B 998 11.08 -3.36 15.88
N ASN B 999 12.15 -2.92 16.56
CA ASN B 999 12.13 -1.70 17.37
C ASN B 999 11.15 -1.82 18.54
N ARG B 1000 11.07 -3.02 19.11
CA ARG B 1000 10.25 -3.27 20.29
C ARG B 1000 10.81 -4.50 20.99
N ASN B 1001 10.18 -4.86 22.12
CA ASN B 1001 10.65 -6.07 22.79
C ASN B 1001 10.25 -7.30 21.97
N ILE B 1002 10.74 -8.46 22.37
CA ILE B 1002 10.49 -9.67 21.59
C ILE B 1002 9.60 -10.66 22.32
N ILE B 1003 8.84 -10.19 23.32
CA ILE B 1003 8.06 -11.09 24.16
C ILE B 1003 6.57 -10.70 24.10
N GLY B 1004 5.75 -11.56 24.69
CA GLY B 1004 4.35 -11.21 24.89
C GLY B 1004 3.55 -11.19 23.60
N ALA B 1005 3.80 -12.17 22.72
CA ALA B 1005 3.04 -12.27 21.49
C ALA B 1005 1.55 -12.34 21.77
N VAL B 1006 0.80 -11.60 20.97
CA VAL B 1006 -0.63 -11.38 21.19
C VAL B 1006 -1.41 -12.30 20.26
N VAL B 1007 -2.39 -13.01 20.82
CA VAL B 1007 -3.18 -13.96 20.04
C VAL B 1007 -3.83 -13.26 18.85
N GLY B 1008 -3.67 -13.85 17.66
CA GLY B 1008 -4.27 -13.30 16.46
C GLY B 1008 -3.67 -12.00 15.97
N VAL B 1009 -2.60 -11.53 16.60
CA VAL B 1009 -1.89 -10.32 16.20
C VAL B 1009 -0.43 -10.63 15.90
N GLN B 1010 0.23 -11.34 16.82
CA GLN B 1010 1.49 -12.03 16.54
C GLN B 1010 1.25 -13.51 16.82
N PRO B 1011 0.59 -14.22 15.91
CA PRO B 1011 0.54 -15.68 16.00
C PRO B 1011 1.93 -16.22 16.31
N PHE B 1012 2.00 -17.12 17.28
CA PHE B 1012 3.26 -17.42 17.94
C PHE B 1012 3.72 -18.84 17.64
N GLY B 1013 4.96 -18.96 17.23
CA GLY B 1013 5.54 -20.28 17.02
C GLY B 1013 6.63 -20.17 15.98
N GLY B 1014 7.63 -21.02 16.12
CA GLY B 1014 8.78 -20.96 15.25
C GLY B 1014 9.02 -22.22 14.47
N ARG B 1015 10.22 -22.33 13.91
CA ARG B 1015 10.62 -23.42 13.05
C ARG B 1015 11.85 -24.10 13.62
N GLY B 1016 12.32 -25.14 12.94
CA GLY B 1016 13.54 -25.79 13.36
C GLY B 1016 13.34 -26.44 14.72
N LEU B 1017 14.32 -26.25 15.60
CA LEU B 1017 14.24 -26.78 16.96
C LEU B 1017 13.16 -26.11 17.80
N SER B 1018 12.54 -25.05 17.30
CA SER B 1018 11.54 -24.31 18.07
C SER B 1018 10.15 -24.88 17.95
N GLY B 1019 9.89 -25.77 17.00
CA GLY B 1019 8.65 -26.52 17.06
C GLY B 1019 8.22 -26.99 15.70
N THR B 1020 7.03 -27.58 15.69
CA THR B 1020 6.43 -28.12 14.48
C THR B 1020 5.54 -27.13 13.77
N GLY B 1021 5.02 -26.15 14.48
CA GLY B 1021 3.88 -25.44 14.01
C GLY B 1021 2.66 -26.35 14.05
N PRO B 1022 1.51 -25.83 13.62
CA PRO B 1022 1.28 -24.44 13.20
C PRO B 1022 1.32 -23.48 14.39
N LYS B 1023 1.34 -22.18 14.12
CA LYS B 1023 1.43 -21.20 15.19
C LYS B 1023 0.20 -21.21 16.07
N ALA B 1024 0.43 -21.16 17.39
CA ALA B 1024 -0.63 -20.85 18.34
C ALA B 1024 -1.18 -19.46 18.11
N GLY B 1025 -2.47 -19.31 18.33
CA GLY B 1025 -3.08 -18.01 18.14
C GLY B 1025 -3.04 -17.57 16.70
N GLY B 1026 -2.99 -18.52 15.77
CA GLY B 1026 -2.99 -18.21 14.36
C GLY B 1026 -3.99 -19.08 13.65
N PRO B 1027 -4.22 -18.77 12.37
CA PRO B 1027 -5.37 -19.33 11.64
C PRO B 1027 -5.19 -20.75 11.15
N LEU B 1028 -3.98 -21.31 11.20
CA LEU B 1028 -3.75 -22.70 10.79
C LEU B 1028 -3.89 -23.67 11.93
N TYR B 1029 -4.04 -23.18 13.17
CA TYR B 1029 -3.91 -24.02 14.35
C TYR B 1029 -5.00 -25.07 14.42
N LEU B 1030 -6.26 -24.65 14.28
CA LEU B 1030 -7.35 -25.61 14.46
C LEU B 1030 -7.34 -26.69 13.39
N GLY B 1031 -6.86 -26.35 12.18
CA GLY B 1031 -6.79 -27.31 11.09
C GLY B 1031 -5.96 -28.53 11.39
N ARG B 1032 -5.02 -28.42 12.33
CA ARG B 1032 -4.20 -29.55 12.69
C ARG B 1032 -4.92 -30.51 13.62
N LEU B 1033 -6.02 -30.07 14.23
CA LEU B 1033 -6.71 -30.84 15.25
C LEU B 1033 -7.96 -31.53 14.71
N VAL B 1034 -8.07 -31.62 13.38
CA VAL B 1034 -9.17 -32.30 12.70
C VAL B 1034 -8.57 -33.15 11.61
N THR B 1035 -9.33 -34.15 11.14
CA THR B 1035 -8.77 -35.06 10.17
C THR B 1035 -8.80 -34.49 8.76
N THR B 1036 -9.69 -33.55 8.49
CA THR B 1036 -9.69 -32.78 7.24
C THR B 1036 -9.63 -31.31 7.60
N ALA B 1037 -8.58 -30.64 7.17
CA ALA B 1037 -8.40 -29.26 7.59
C ALA B 1037 -9.31 -28.34 6.78
N PRO B 1038 -9.90 -27.33 7.42
CA PRO B 1038 -10.67 -26.33 6.69
C PRO B 1038 -9.75 -25.32 6.02
N VAL B 1039 -10.34 -24.48 5.18
CA VAL B 1039 -9.65 -23.33 4.62
C VAL B 1039 -9.73 -22.21 5.65
N PRO B 1040 -8.62 -21.76 6.21
CA PRO B 1040 -8.69 -20.69 7.21
C PRO B 1040 -9.18 -19.40 6.59
N PRO B 1041 -9.72 -18.49 7.39
CA PRO B 1041 -10.06 -17.16 6.88
C PRO B 1041 -8.84 -16.51 6.23
N GLN B 1042 -9.09 -15.81 5.12
CA GLN B 1042 -8.08 -15.04 4.40
C GLN B 1042 -6.91 -15.87 3.90
N HIS B 1043 -7.04 -17.19 3.89
CA HIS B 1043 -5.92 -18.08 3.57
C HIS B 1043 -5.94 -18.37 2.08
N SER B 1044 -5.25 -17.54 1.31
CA SER B 1044 -5.12 -17.78 -0.13
C SER B 1044 -3.94 -16.95 -0.61
N SER B 1045 -3.59 -17.15 -1.88
CA SER B 1045 -2.52 -16.36 -2.47
C SER B 1045 -2.71 -16.36 -3.97
N VAL B 1046 -2.46 -15.21 -4.60
CA VAL B 1046 -2.52 -15.15 -6.05
C VAL B 1046 -1.22 -15.56 -6.69
N HIS B 1047 -0.19 -15.85 -5.89
CA HIS B 1047 1.10 -16.25 -6.41
C HIS B 1047 1.06 -17.73 -6.78
N THR B 1048 1.69 -18.07 -7.90
CA THR B 1048 1.88 -19.47 -8.27
C THR B 1048 3.37 -19.74 -8.36
N ASP B 1049 3.83 -20.77 -7.66
CA ASP B 1049 5.25 -21.08 -7.68
C ASP B 1049 5.67 -21.39 -9.11
N PRO B 1050 6.72 -20.74 -9.62
CA PRO B 1050 7.07 -20.94 -11.03
C PRO B 1050 7.68 -22.31 -11.29
N VAL B 1051 8.33 -22.91 -10.30
CA VAL B 1051 8.88 -24.26 -10.48
C VAL B 1051 7.75 -25.28 -10.52
N LEU B 1052 6.74 -25.10 -9.67
CA LEU B 1052 5.52 -25.89 -9.81
C LEU B 1052 4.99 -25.81 -11.23
N LEU B 1053 4.90 -24.61 -11.79
CA LEU B 1053 4.39 -24.47 -13.16
C LEU B 1053 5.28 -25.23 -14.14
N ASP B 1054 6.59 -25.09 -14.02
CA ASP B 1054 7.52 -25.82 -14.88
C ASP B 1054 7.31 -27.32 -14.75
N PHE B 1055 7.12 -27.79 -13.52
CA PHE B 1055 6.84 -29.21 -13.29
C PHE B 1055 5.54 -29.63 -13.97
N ALA B 1056 4.49 -28.81 -13.86
CA ALA B 1056 3.22 -29.18 -14.48
C ALA B 1056 3.34 -29.30 -15.99
N LYS B 1057 4.10 -28.39 -16.61
CA LYS B 1057 4.30 -28.46 -18.05
C LYS B 1057 5.07 -29.72 -18.44
N TRP B 1058 6.10 -30.03 -17.65
CA TRP B 1058 6.85 -31.27 -17.85
C TRP B 1058 5.94 -32.49 -17.76
N LEU B 1059 5.04 -32.52 -16.77
CA LEU B 1059 4.08 -33.62 -16.67
C LEU B 1059 3.19 -33.70 -17.90
N ASP B 1060 2.75 -32.54 -18.41
CA ASP B 1060 1.87 -32.56 -19.58
C ASP B 1060 2.62 -33.04 -20.81
N GLY B 1061 3.85 -32.56 -21.02
CA GLY B 1061 4.66 -33.06 -22.12
C GLY B 1061 4.94 -34.55 -22.03
N LYS B 1062 4.79 -35.10 -20.83
CA LYS B 1062 4.99 -36.51 -20.55
C LYS B 1062 3.70 -37.33 -20.68
N GLY B 1063 2.56 -36.66 -20.86
CA GLY B 1063 1.29 -37.35 -20.96
C GLY B 1063 0.66 -37.70 -19.63
N ALA B 1064 1.26 -37.29 -18.51
CA ALA B 1064 0.70 -37.56 -17.19
C ALA B 1064 -0.34 -36.49 -16.87
N ARG B 1065 -1.47 -36.59 -17.59
CA ARG B 1065 -2.46 -35.50 -17.60
C ARG B 1065 -3.16 -35.37 -16.25
N ALA B 1066 -3.41 -36.49 -15.57
CA ALA B 1066 -4.00 -36.42 -14.24
C ALA B 1066 -3.06 -35.69 -13.27
N GLU B 1067 -1.78 -36.04 -13.30
CA GLU B 1067 -0.83 -35.41 -12.38
C GLU B 1067 -0.60 -33.95 -12.74
N ALA B 1068 -0.50 -33.64 -14.04
CA ALA B 1068 -0.36 -32.25 -14.45
C ALA B 1068 -1.54 -31.43 -13.95
N GLU B 1069 -2.75 -31.98 -14.06
CA GLU B 1069 -3.93 -31.35 -13.50
C GLU B 1069 -3.82 -31.18 -12.00
N ALA B 1070 -3.42 -32.25 -11.30
CA ALA B 1070 -3.24 -32.16 -9.86
C ALA B 1070 -2.17 -31.14 -9.50
N ALA B 1071 -1.10 -31.06 -10.30
CA ALA B 1071 -0.04 -30.11 -10.00
C ALA B 1071 -0.56 -28.67 -10.13
N ARG B 1072 -1.27 -28.38 -11.22
CA ARG B 1072 -1.84 -27.05 -11.41
CA ARG B 1072 -1.82 -27.03 -11.40
C ARG B 1072 -2.79 -26.68 -10.27
N ASN B 1073 -3.61 -27.64 -9.85
CA ASN B 1073 -4.56 -27.40 -8.76
C ASN B 1073 -3.82 -27.15 -7.44
N ALA B 1074 -2.70 -27.85 -7.23
CA ALA B 1074 -1.90 -27.56 -6.04
C ALA B 1074 -1.32 -26.15 -6.11
N GLY B 1075 -0.81 -25.76 -7.28
CA GLY B 1075 -0.26 -24.42 -7.43
C GLY B 1075 -1.29 -23.34 -7.11
N SER B 1076 -2.54 -23.59 -7.48
CA SER B 1076 -3.58 -22.61 -7.18
C SER B 1076 -3.99 -22.64 -5.72
N SER B 1077 -4.11 -23.83 -5.12
CA SER B 1077 -4.64 -23.85 -3.76
C SER B 1077 -3.58 -23.52 -2.72
N SER B 1078 -2.31 -23.59 -3.10
CA SER B 1078 -1.24 -23.15 -2.21
C SER B 1078 -1.47 -21.72 -1.77
N ALA B 1079 -1.19 -21.44 -0.50
CA ALA B 1079 -1.25 -20.09 0.02
C ALA B 1079 0.15 -19.48 0.17
N LEU B 1080 1.15 -20.11 -0.44
CA LEU B 1080 2.48 -19.52 -0.50
C LEU B 1080 2.42 -18.10 -1.03
N GLY B 1081 3.08 -17.18 -0.32
CA GLY B 1081 3.07 -15.80 -0.72
C GLY B 1081 2.00 -14.96 -0.07
N LEU B 1082 1.13 -15.57 0.73
CA LEU B 1082 0.17 -14.82 1.52
CA LEU B 1082 0.17 -14.81 1.52
C LEU B 1082 0.90 -13.74 2.32
N ASP B 1083 0.32 -12.54 2.34
CA ASP B 1083 1.00 -11.41 2.98
C ASP B 1083 -0.09 -10.48 3.52
N LEU B 1084 -0.39 -10.61 4.81
CA LEU B 1084 -1.54 -9.96 5.41
C LEU B 1084 -1.09 -9.03 6.52
N GLU B 1085 -1.85 -7.94 6.72
CA GLU B 1085 -1.68 -7.16 7.94
C GLU B 1085 -2.79 -7.54 8.90
N LEU B 1086 -2.43 -7.87 10.10
CA LEU B 1086 -3.43 -8.24 11.10
C LEU B 1086 -3.84 -7.02 11.92
N PRO B 1087 -5.11 -6.97 12.32
CA PRO B 1087 -5.56 -5.83 13.15
C PRO B 1087 -4.90 -5.86 14.51
N GLY B 1088 -4.54 -4.68 14.98
CA GLY B 1088 -3.89 -4.55 16.26
C GLY B 1088 -3.96 -3.12 16.74
N PRO B 1089 -3.06 -2.76 17.64
CA PRO B 1089 -3.06 -1.39 18.17
C PRO B 1089 -2.51 -0.41 17.15
N VAL B 1090 -2.87 0.87 17.34
CA VAL B 1090 -2.18 1.92 16.61
C VAL B 1090 -0.68 1.88 16.93
N GLY B 1091 0.12 2.47 16.05
CA GLY B 1091 1.54 2.59 16.32
C GLY B 1091 2.29 1.29 16.19
N GLU B 1092 1.68 0.30 15.55
CA GLU B 1092 2.28 -1.00 15.36
C GLU B 1092 1.74 -1.56 14.06
N ARG B 1093 2.59 -2.27 13.33
CA ARG B 1093 2.17 -2.95 12.11
C ARG B 1093 2.48 -4.42 12.32
N ASN B 1094 1.45 -5.25 12.24
CA ASN B 1094 1.60 -6.66 12.57
C ASN B 1094 1.29 -7.44 11.31
N LEU B 1095 2.32 -8.11 10.79
CA LEU B 1095 2.28 -8.74 9.48
C LEU B 1095 2.34 -10.25 9.65
N TYR B 1096 1.67 -10.95 8.74
CA TYR B 1096 1.59 -12.40 8.79
C TYR B 1096 1.78 -12.88 7.37
N THR B 1097 2.78 -13.72 7.15
CA THR B 1097 3.18 -14.12 5.81
C THR B 1097 3.42 -15.62 5.77
N LEU B 1098 3.15 -16.21 4.61
CA LEU B 1098 3.39 -17.64 4.40
C LEU B 1098 4.53 -17.82 3.40
N HIS B 1099 5.57 -18.51 3.83
CA HIS B 1099 6.77 -18.74 3.04
C HIS B 1099 6.95 -20.23 2.80
N ALA B 1100 7.93 -20.56 1.98
CA ALA B 1100 8.30 -21.95 1.82
C ALA B 1100 8.87 -22.46 3.14
N ARG B 1101 8.64 -23.74 3.41
CA ARG B 1101 9.18 -24.31 4.65
C ARG B 1101 10.66 -24.61 4.55
N GLY B 1102 11.12 -25.05 3.37
CA GLY B 1102 12.48 -25.47 3.21
C GLY B 1102 12.56 -26.70 2.32
N ARG B 1103 13.25 -27.74 2.76
CA ARG B 1103 13.36 -28.96 1.97
C ARG B 1103 12.45 -30.01 2.57
N ILE B 1104 11.55 -30.55 1.77
CA ILE B 1104 10.59 -31.54 2.25
C ILE B 1104 11.11 -32.93 1.91
N LEU B 1105 11.15 -33.80 2.90
CA LEU B 1105 11.47 -35.21 2.66
C LEU B 1105 10.28 -35.88 1.97
N LEU B 1106 10.51 -36.47 0.81
CA LEU B 1106 9.48 -37.20 0.09
C LEU B 1106 9.79 -38.67 0.21
N VAL B 1107 8.80 -39.45 0.66
CA VAL B 1107 8.97 -40.88 0.77
C VAL B 1107 7.87 -41.50 -0.08
N PRO B 1108 8.03 -41.53 -1.39
CA PRO B 1108 6.99 -42.08 -2.25
C PRO B 1108 7.07 -43.59 -2.33
N ALA B 1109 5.96 -44.19 -2.76
CA ALA B 1109 5.92 -45.61 -3.10
C ALA B 1109 5.74 -45.85 -4.59
N THR B 1110 5.05 -44.94 -5.29
CA THR B 1110 4.73 -45.12 -6.69
C THR B 1110 5.08 -43.86 -7.46
N GLU B 1111 5.21 -44.03 -8.78
CA GLU B 1111 5.54 -42.89 -9.62
C GLU B 1111 4.52 -41.78 -9.47
N SER B 1112 3.23 -42.14 -9.53
CA SER B 1112 2.18 -41.14 -9.40
C SER B 1112 2.20 -40.50 -8.02
N GLY B 1113 2.42 -41.31 -6.98
CA GLY B 1113 2.58 -40.75 -5.65
C GLY B 1113 3.68 -39.71 -5.60
N LEU B 1114 4.82 -40.02 -6.24
CA LEU B 1114 5.95 -39.09 -6.29
C LEU B 1114 5.55 -37.80 -7.00
N TYR B 1115 4.88 -37.91 -8.14
CA TYR B 1115 4.44 -36.70 -8.84
C TYR B 1115 3.51 -35.88 -7.97
N HIS B 1116 2.57 -36.52 -7.26
CA HIS B 1116 1.67 -35.78 -6.39
C HIS B 1116 2.43 -35.12 -5.23
N GLN B 1117 3.36 -35.86 -4.59
CA GLN B 1117 4.14 -35.26 -3.50
C GLN B 1117 4.99 -34.12 -4.00
N LEU B 1118 5.64 -34.30 -5.15
CA LEU B 1118 6.48 -33.24 -5.68
C LEU B 1118 5.63 -32.00 -6.00
N ALA B 1119 4.47 -32.20 -6.62
CA ALA B 1119 3.56 -31.08 -6.90
C ALA B 1119 3.21 -30.34 -5.62
N ALA B 1120 2.82 -31.07 -4.57
CA ALA B 1120 2.48 -30.45 -3.29
C ALA B 1120 3.64 -29.63 -2.76
N ALA B 1121 4.85 -30.21 -2.78
CA ALA B 1121 6.00 -29.52 -2.20
C ALA B 1121 6.43 -28.34 -3.06
N LEU B 1122 6.41 -28.50 -4.38
CA LEU B 1122 6.81 -27.41 -5.26
C LEU B 1122 5.80 -26.26 -5.20
N ALA B 1123 4.52 -26.60 -5.11
CA ALA B 1123 3.47 -25.59 -5.07
C ALA B 1123 3.61 -24.68 -3.87
N THR B 1124 4.23 -25.18 -2.81
CA THR B 1124 4.43 -24.40 -1.60
C THR B 1124 5.86 -23.87 -1.50
N GLY B 1125 6.58 -23.84 -2.61
CA GLY B 1125 7.87 -23.15 -2.66
C GLY B 1125 9.04 -23.96 -2.16
N ASN B 1126 8.83 -25.23 -1.84
CA ASN B 1126 9.87 -26.02 -1.20
C ASN B 1126 10.75 -26.71 -2.23
N SER B 1127 11.94 -27.09 -1.78
CA SER B 1127 12.75 -28.09 -2.44
C SER B 1127 12.42 -29.44 -1.81
N VAL B 1128 12.98 -30.51 -2.37
CA VAL B 1128 12.67 -31.84 -1.86
C VAL B 1128 13.94 -32.68 -1.81
N ALA B 1129 13.90 -33.66 -0.92
CA ALA B 1129 14.83 -34.79 -0.94
C ALA B 1129 13.96 -36.03 -1.05
N ILE B 1130 14.15 -36.79 -2.12
CA ILE B 1130 13.33 -37.95 -2.40
C ILE B 1130 14.06 -39.19 -1.89
N ASP B 1131 13.35 -40.01 -1.14
CA ASP B 1131 13.89 -41.26 -0.65
C ASP B 1131 14.42 -42.11 -1.79
N ALA B 1132 15.74 -42.33 -1.82
CA ALA B 1132 16.34 -43.07 -2.92
C ALA B 1132 15.93 -44.54 -2.93
N ALA B 1133 15.57 -45.10 -1.77
CA ALA B 1133 15.15 -46.50 -1.71
C ALA B 1133 13.82 -46.72 -2.41
N SER B 1134 13.07 -45.65 -2.73
CA SER B 1134 11.84 -45.78 -3.49
C SER B 1134 12.10 -46.42 -4.85
N GLY B 1135 13.31 -46.29 -5.38
CA GLY B 1135 13.65 -46.83 -6.68
C GLY B 1135 13.02 -46.09 -7.84
N LEU B 1136 12.55 -44.86 -7.63
CA LEU B 1136 11.78 -44.14 -8.63
C LEU B 1136 12.61 -43.13 -9.41
N GLN B 1137 13.93 -43.26 -9.39
CA GLN B 1137 14.80 -42.28 -10.01
C GLN B 1137 14.46 -42.09 -11.50
N ALA B 1138 14.13 -43.18 -12.19
CA ALA B 1138 13.82 -43.07 -13.61
C ALA B 1138 12.55 -42.27 -13.89
N SER B 1139 11.74 -41.98 -12.88
CA SER B 1139 10.49 -41.26 -13.08
C SER B 1139 10.70 -39.76 -13.27
N LEU B 1140 11.89 -39.26 -12.97
CA LEU B 1140 12.20 -37.84 -13.10
C LEU B 1140 13.27 -37.62 -14.15
N LYS B 1141 13.20 -38.39 -15.23
CA LYS B 1141 14.14 -38.23 -16.33
C LYS B 1141 13.79 -36.98 -17.13
N ASN B 1142 14.82 -36.23 -17.52
CA ASN B 1142 14.67 -35.05 -18.38
C ASN B 1142 13.84 -33.96 -17.69
N LEU B 1143 13.94 -33.86 -16.37
CA LEU B 1143 13.32 -32.76 -15.65
C LEU B 1143 13.85 -31.43 -16.18
N PRO B 1144 13.02 -30.39 -16.20
CA PRO B 1144 13.56 -29.05 -16.46
C PRO B 1144 14.56 -28.69 -15.37
N GLN B 1145 15.60 -27.96 -15.78
CA GLN B 1145 16.63 -27.53 -14.82
C GLN B 1145 16.03 -26.78 -13.65
N THR B 1146 14.96 -26.02 -13.88
CA THR B 1146 14.31 -25.29 -12.79
C THR B 1146 13.78 -26.25 -11.74
N VAL B 1147 13.20 -27.37 -12.17
CA VAL B 1147 12.68 -28.34 -11.21
C VAL B 1147 13.81 -29.17 -10.63
N GLY B 1148 14.73 -29.63 -11.47
CA GLY B 1148 15.84 -30.44 -10.99
C GLY B 1148 16.66 -29.74 -9.92
N LEU B 1149 16.79 -28.41 -10.00
CA LEU B 1149 17.56 -27.70 -8.99
C LEU B 1149 16.88 -27.76 -7.63
N ARG B 1150 15.59 -28.04 -7.57
CA ARG B 1150 14.90 -28.21 -6.30
C ARG B 1150 14.86 -29.66 -5.83
N VAL B 1151 15.39 -30.59 -6.60
CA VAL B 1151 15.22 -32.02 -6.34
C VAL B 1151 16.58 -32.61 -5.99
N SER B 1152 16.65 -33.28 -4.86
CA SER B 1152 17.78 -34.13 -4.54
C SER B 1152 17.25 -35.50 -4.17
N TRP B 1153 18.14 -36.49 -4.17
CA TRP B 1153 17.78 -37.84 -3.78
C TRP B 1153 18.59 -38.18 -2.54
N SER B 1154 17.96 -38.84 -1.58
CA SER B 1154 18.62 -39.12 -0.31
C SER B 1154 18.56 -40.61 -0.01
N LYS B 1155 19.73 -41.19 0.24
CA LYS B 1155 19.84 -42.53 0.81
C LYS B 1155 20.10 -42.49 2.30
N ASP B 1156 20.23 -41.30 2.88
CA ASP B 1156 20.65 -41.11 4.27
C ASP B 1156 19.92 -39.86 4.77
N TRP B 1157 18.70 -40.07 5.29
CA TRP B 1157 17.86 -38.93 5.63
C TRP B 1157 18.50 -38.08 6.72
N ALA B 1158 19.10 -38.73 7.72
CA ALA B 1158 19.66 -37.98 8.83
C ALA B 1158 20.83 -37.12 8.39
N ALA B 1159 21.64 -37.62 7.46
CA ALA B 1159 22.81 -36.86 7.01
C ALA B 1159 22.43 -35.75 6.05
N ASP B 1160 21.29 -35.89 5.39
CA ASP B 1160 20.89 -35.00 4.30
C ASP B 1160 19.92 -33.91 4.73
N GLY B 1161 19.50 -33.90 5.99
CA GLY B 1161 18.63 -32.87 6.48
C GLY B 1161 19.40 -31.65 6.93
N PRO B 1162 18.77 -30.83 7.79
CA PRO B 1162 17.43 -31.00 8.35
C PRO B 1162 16.36 -30.76 7.31
N PHE B 1163 15.27 -31.51 7.37
CA PHE B 1163 14.13 -31.23 6.52
C PHE B 1163 13.13 -30.39 7.28
N ALA B 1164 12.12 -29.92 6.55
CA ALA B 1164 11.12 -29.02 7.12
C ALA B 1164 9.74 -29.67 7.11
N GLY B 1165 9.67 -30.95 6.78
CA GLY B 1165 8.40 -31.65 6.68
C GLY B 1165 8.61 -32.93 5.91
N ALA B 1166 7.57 -33.75 5.87
CA ALA B 1166 7.72 -34.99 5.14
C ALA B 1166 6.36 -35.40 4.58
N LEU B 1167 6.41 -35.99 3.38
CA LEU B 1167 5.25 -36.56 2.72
C LEU B 1167 5.53 -38.04 2.50
N VAL B 1168 4.60 -38.89 2.90
CA VAL B 1168 4.82 -40.33 2.87
C VAL B 1168 3.66 -40.99 2.14
N GLU B 1169 3.99 -41.92 1.27
CA GLU B 1169 3.02 -42.76 0.57
C GLU B 1169 3.28 -44.22 0.95
N GLY B 1170 2.25 -44.92 1.40
CA GLY B 1170 2.40 -46.35 1.66
C GLY B 1170 1.17 -46.87 2.37
N ASP B 1171 1.19 -48.18 2.61
CA ASP B 1171 0.16 -48.76 3.45
C ASP B 1171 0.51 -48.52 4.92
N ALA B 1172 -0.36 -48.99 5.81
CA ALA B 1172 -0.20 -48.73 7.24
C ALA B 1172 1.17 -49.16 7.75
N GLU B 1173 1.61 -50.37 7.40
CA GLU B 1173 2.91 -50.85 7.88
C GLU B 1173 4.03 -49.96 7.38
N ARG B 1174 3.98 -49.56 6.11
CA ARG B 1174 5.01 -48.69 5.55
C ARG B 1174 5.00 -47.34 6.26
N ILE B 1175 3.82 -46.76 6.44
CA ILE B 1175 3.70 -45.47 7.12
C ILE B 1175 4.29 -45.55 8.52
N ARG B 1176 3.95 -46.60 9.27
CA ARG B 1176 4.50 -46.72 10.62
C ARG B 1176 6.02 -46.82 10.58
N ALA B 1177 6.56 -47.62 9.67
CA ALA B 1177 8.00 -47.78 9.59
C ALA B 1177 8.67 -46.47 9.23
N VAL B 1178 8.10 -45.72 8.29
CA VAL B 1178 8.67 -44.45 7.89
C VAL B 1178 8.54 -43.44 9.01
N ASN B 1179 7.39 -43.42 9.68
CA ASN B 1179 7.18 -42.47 10.76
C ASN B 1179 8.18 -42.70 11.88
N LYS B 1180 8.44 -43.97 12.20
CA LYS B 1180 9.45 -44.28 13.21
C LYS B 1180 10.84 -43.82 12.78
N ALA B 1181 11.17 -43.98 11.49
CA ALA B 1181 12.47 -43.54 11.02
C ALA B 1181 12.58 -42.02 11.08
N ILE B 1182 11.49 -41.33 10.76
CA ILE B 1182 11.51 -39.89 10.80
C ILE B 1182 11.65 -39.40 12.23
N ALA B 1183 10.98 -40.07 13.18
CA ALA B 1183 11.12 -39.68 14.59
C ALA B 1183 12.54 -39.85 15.10
N ALA B 1184 13.34 -40.71 14.47
CA ALA B 1184 14.74 -40.89 14.85
C ALA B 1184 15.66 -39.87 14.19
N LEU B 1185 15.14 -38.99 13.34
CA LEU B 1185 16.03 -38.03 12.70
C LEU B 1185 16.48 -37.00 13.72
N PRO B 1186 17.72 -36.53 13.63
CA PRO B 1186 18.18 -35.48 14.52
C PRO B 1186 17.61 -34.13 14.12
N GLY B 1187 17.61 -33.21 15.07
CA GLY B 1187 17.21 -31.85 14.80
C GLY B 1187 15.71 -31.67 14.93
N PRO B 1188 15.10 -31.01 13.95
CA PRO B 1188 13.69 -30.61 14.10
C PRO B 1188 12.75 -31.80 14.06
N LEU B 1189 11.64 -31.67 14.78
CA LEU B 1189 10.55 -32.64 14.70
C LEU B 1189 9.78 -32.39 13.42
N LEU B 1190 9.80 -33.36 12.50
CA LEU B 1190 9.15 -33.14 11.21
C LEU B 1190 7.64 -33.30 11.31
N LEU B 1191 6.93 -32.41 10.64
CA LEU B 1191 5.49 -32.56 10.46
C LEU B 1191 5.29 -33.54 9.32
N VAL B 1192 4.80 -34.73 9.63
CA VAL B 1192 4.65 -35.82 8.67
C VAL B 1192 3.21 -35.89 8.20
N GLN B 1193 3.03 -35.98 6.89
CA GLN B 1193 1.73 -36.28 6.30
C GLN B 1193 1.86 -37.56 5.50
N ALA B 1194 0.88 -38.45 5.65
CA ALA B 1194 0.94 -39.75 5.00
C ALA B 1194 -0.37 -40.03 4.30
N ALA B 1195 -0.27 -40.78 3.20
CA ALA B 1195 -1.43 -41.17 2.42
C ALA B 1195 -1.14 -42.51 1.75
N SER B 1196 -2.19 -43.30 1.56
CA SER B 1196 -2.04 -44.50 0.76
C SER B 1196 -2.04 -44.12 -0.72
N SER B 1197 -1.51 -45.02 -1.55
CA SER B 1197 -1.57 -44.80 -2.99
C SER B 1197 -3.01 -44.58 -3.44
N GLY B 1198 -3.95 -45.30 -2.83
CA GLY B 1198 -5.35 -45.13 -3.20
C GLY B 1198 -5.92 -43.79 -2.79
N GLU B 1199 -5.51 -43.29 -1.62
CA GLU B 1199 -5.97 -41.97 -1.18
C GLU B 1199 -5.43 -40.88 -2.11
N ILE B 1200 -4.18 -41.02 -2.53
CA ILE B 1200 -3.60 -40.04 -3.45
C ILE B 1200 -4.39 -40.02 -4.75
N ALA B 1201 -4.80 -41.19 -5.23
CA ALA B 1201 -5.53 -41.27 -6.50
C ALA B 1201 -6.94 -40.69 -6.38
N ARG B 1202 -7.58 -40.86 -5.23
CA ARG B 1202 -8.99 -40.52 -5.11
C ARG B 1202 -9.25 -39.22 -4.40
N ASN B 1203 -8.31 -38.72 -3.60
CA ASN B 1203 -8.53 -37.51 -2.80
C ASN B 1203 -7.53 -36.43 -3.18
N PRO B 1204 -7.94 -35.40 -3.90
CA PRO B 1204 -6.99 -34.32 -4.25
C PRO B 1204 -6.36 -33.64 -3.05
N ASP B 1205 -6.98 -33.71 -1.88
CA ASP B 1205 -6.42 -33.13 -0.66
C ASP B 1205 -5.75 -34.18 0.22
N ALA B 1206 -5.30 -35.29 -0.38
CA ALA B 1206 -4.62 -36.32 0.40
C ALA B 1206 -3.45 -35.74 1.19
N TYR B 1207 -2.74 -34.78 0.60
CA TYR B 1207 -1.73 -34.00 1.31
C TYR B 1207 -2.22 -32.57 1.46
N CYS B 1208 -2.15 -32.06 2.67
CA CYS B 1208 -2.65 -30.72 2.97
C CYS B 1208 -1.55 -29.69 2.80
N LEU B 1209 -1.78 -28.70 1.93
CA LEU B 1209 -0.76 -27.67 1.70
C LEU B 1209 -0.58 -26.74 2.89
N ASN B 1210 -1.50 -26.73 3.85
CA ASN B 1210 -1.33 -25.89 5.03
C ASN B 1210 -0.01 -26.15 5.72
N TRP B 1211 0.41 -27.42 5.76
CA TRP B 1211 1.55 -27.82 6.57
C TRP B 1211 2.86 -27.76 5.82
N LEU B 1212 2.82 -27.37 4.55
CA LEU B 1212 4.00 -27.26 3.69
C LEU B 1212 4.47 -25.82 3.51
N VAL B 1213 3.82 -24.86 4.16
CA VAL B 1213 4.32 -23.50 4.21
C VAL B 1213 4.72 -23.20 5.64
N GLU B 1214 5.52 -22.15 5.78
CA GLU B 1214 5.95 -21.69 7.10
C GLU B 1214 5.33 -20.33 7.37
N GLU B 1215 4.71 -20.19 8.53
CA GLU B 1215 4.16 -18.92 8.93
C GLU B 1215 5.23 -18.06 9.55
N VAL B 1216 5.22 -16.76 9.23
CA VAL B 1216 6.13 -15.81 9.83
C VAL B 1216 5.31 -14.63 10.29
N SER B 1217 5.46 -14.28 11.56
CA SER B 1217 4.84 -13.10 12.13
C SER B 1217 5.92 -12.04 12.31
N ALA B 1218 5.59 -10.80 11.94
CA ALA B 1218 6.51 -9.68 12.11
C ALA B 1218 5.73 -8.54 12.76
N SER B 1219 6.25 -8.03 13.87
CA SER B 1219 5.59 -6.93 14.57
C SER B 1219 6.54 -5.74 14.54
N ILE B 1220 6.11 -4.65 13.91
CA ILE B 1220 6.96 -3.47 13.76
C ILE B 1220 6.35 -2.35 14.57
N ASN B 1221 7.13 -1.80 15.49
CA ASN B 1221 6.76 -0.61 16.24
C ASN B 1221 6.94 0.61 15.35
N THR B 1222 5.84 1.19 14.90
CA THR B 1222 5.85 2.34 14.00
C THR B 1222 5.71 3.65 14.76
N ALA B 1223 5.75 3.59 16.09
CA ALA B 1223 5.82 4.78 16.92
C ALA B 1223 7.28 5.11 17.17
PA FAD C . -26.85 12.15 -6.53
O1A FAD C . -26.11 11.32 -5.45
O2A FAD C . -27.49 13.36 -6.13
O5B FAD C . -26.01 12.66 -7.63
C5B FAD C . -24.93 11.84 -8.07
C4B FAD C . -24.31 12.41 -9.34
O4B FAD C . -23.50 13.51 -9.05
C3B FAD C . -23.42 11.45 -10.08
O3B FAD C . -24.09 10.49 -10.82
C2B FAD C . -22.67 12.39 -10.94
O2B FAD C . -23.41 12.83 -12.03
C1B FAD C . -22.50 13.56 -10.02
N9A FAD C . -21.24 13.59 -9.35
C8A FAD C . -20.72 12.70 -8.43
N7A FAD C . -19.50 13.11 -8.05
C5A FAD C . -19.19 14.29 -8.73
C6A FAD C . -18.12 15.15 -8.76
N6A FAD C . -16.95 14.91 -7.95
N1A FAD C . -18.16 16.23 -9.56
C2A FAD C . -19.22 16.52 -10.34
N3A FAD C . -20.29 15.69 -10.34
C4A FAD C . -20.29 14.59 -9.57
N1 FAD C . -27.18 9.73 -16.92
C2 FAD C . -26.59 9.86 -18.20
O2 FAD C . -25.34 10.26 -18.25
N3 FAD C . -27.29 9.61 -19.35
C4 FAD C . -28.60 9.19 -19.27
O4 FAD C . -29.28 8.98 -20.41
C4X FAD C . -29.28 9.03 -17.95
N5 FAD C . -30.60 8.63 -17.81
C5X FAD C . -31.17 8.55 -16.53
C6 FAD C . -32.51 8.16 -16.38
C7 FAD C . -33.06 8.09 -15.11
C7M FAD C . -34.49 7.68 -14.93
C8 FAD C . -32.30 8.37 -13.98
C8M FAD C . -32.88 8.27 -12.61
C9 FAD C . -30.96 8.75 -14.12
C9A FAD C . -30.41 8.84 -15.40
N10 FAD C . -29.05 9.23 -15.52
C10 FAD C . -28.49 9.33 -16.79
C1' FAD C . -28.27 9.62 -14.32
C2' FAD C . -27.19 8.72 -13.79
O2' FAD C . -27.41 7.47 -14.25
C3' FAD C . -27.28 8.81 -12.25
O3' FAD C . -28.42 8.16 -11.82
C4' FAD C . -27.43 10.20 -11.68
O4' FAD C . -26.40 11.00 -12.11
C5' FAD C . -27.52 10.11 -10.15
O5' FAD C . -27.87 11.39 -9.69
P FAD C . -28.86 11.72 -8.46
O1P FAD C . -29.61 13.09 -8.50
O2P FAD C . -29.75 10.44 -8.44
O3P FAD C . -27.96 11.39 -7.16
C1 PGE D . 12.57 -9.50 -4.28
O1 PGE D . 12.32 -8.56 -3.26
C2 PGE D . 13.55 -8.95 -5.28
O2 PGE D . 12.92 -8.76 -6.54
C3 PGE D . 13.66 -8.02 -7.49
C4 PGE D . 12.80 -7.31 -8.52
O4 PGE D . 9.25 -5.65 -7.04
C6 PGE D . 9.55 -5.88 -8.40
C5 PGE D . 11.04 -5.72 -8.62
O3 PGE D . 11.73 -6.69 -7.86
C FMT E . -40.11 17.35 -44.89
O1 FMT E . -39.47 17.31 -43.82
O2 FMT E . -40.67 18.33 -45.42
C1 PEG F . -33.67 2.64 -41.80
O1 PEG F . -33.20 2.60 -43.13
C2 PEG F . -34.03 1.26 -41.33
O2 PEG F . -33.03 0.79 -40.46
C3 PEG F . -33.25 -0.51 -39.97
C4 PEG F . -32.24 -1.47 -40.54
O4 PEG F . -31.01 -1.41 -39.83
C1 PGE G . 7.29 28.30 -20.07
O1 PGE G . 6.84 29.39 -19.29
C2 PGE G . 8.74 28.02 -19.78
O2 PGE G . 9.45 28.05 -21.00
C3 PGE G . 10.82 27.77 -20.93
C4 PGE G . 11.45 28.05 -19.59
O4 PGE G . 13.91 31.04 -21.37
C6 PGE G . 13.92 30.13 -20.29
C5 PGE G . 13.32 28.83 -20.78
O3 PGE G . 12.85 28.08 -19.68
O1 PG4 H . 5.46 23.70 -12.95
C1 PG4 H . 5.83 23.22 -14.22
C2 PG4 H . 7.26 22.75 -14.19
O2 PG4 H . 8.09 23.72 -14.78
C3 PG4 H . 9.42 23.28 -14.92
C4 PG4 H . 10.36 24.33 -14.39
O3 PG4 H . 10.92 23.88 -13.17
C5 PG4 H . 12.21 24.38 -12.91
C6 PG4 H . 12.71 23.85 -11.59
O4 PG4 H . 12.90 22.46 -11.65
C7 PG4 H . 14.03 22.01 -10.94
C8 PG4 H . 14.01 20.51 -10.78
O5 PG4 H . 12.87 20.11 -10.06
C1 PEG I . 8.36 26.41 -43.40
O1 PEG I . 9.06 26.20 -44.60
C2 PEG I . 9.28 27.08 -42.40
O2 PEG I . 8.54 27.56 -41.30
C3 PEG I . 9.12 28.70 -40.71
C4 PEG I . 8.23 29.23 -39.61
O4 PEG I . 6.88 29.24 -40.04
C10 A1BDA J . 22.47 1.49 -41.98
C11 A1BDA J . 23.69 0.89 -41.64
C02 A1BDA J . 24.51 1.52 -40.69
C03 A1BDA J . 24.11 2.73 -40.08
C04 A1BDA J . 22.89 3.31 -40.42
C05 A1BDA J . 22.08 2.69 -41.37
C06 A1BDA J . 20.71 3.10 -41.90
C08 A1BDA J . 20.22 2.01 -42.81
C09 A1BDA J . 21.39 1.05 -42.97
O07 A1BDA J . 20.14 4.10 -41.61
CL01 A1BDA J . 26.07 0.80 -40.21
C FMT K . 0.52 14.94 -9.46
O1 FMT K . 1.70 15.25 -9.20
O2 FMT K . -0.48 15.68 -9.57
C1 PEG L . -5.72 25.22 -33.56
O1 PEG L . -6.94 24.53 -33.36
C2 PEG L . -5.56 25.52 -35.03
O2 PEG L . -5.34 26.90 -35.26
C3 PEG L . -4.06 27.36 -34.90
C4 PEG L . -3.32 27.96 -36.07
O4 PEG L . -1.92 27.85 -35.89
S SO4 M . -10.81 -23.72 -22.83
O1 SO4 M . -11.23 -24.00 -21.42
O2 SO4 M . -11.58 -24.58 -23.77
O3 SO4 M . -11.07 -22.29 -23.16
O4 SO4 M . -9.35 -24.02 -22.94
S SO4 N . 14.45 11.68 -4.95
O1 SO4 N . 14.60 10.24 -4.66
O2 SO4 N . 13.07 12.10 -4.54
O3 SO4 N . 15.44 12.50 -4.18
O4 SO4 N . 14.64 11.87 -6.41
S SO4 O . -49.33 16.41 -38.54
O1 SO4 O . -48.52 15.19 -38.27
O2 SO4 O . -50.65 16.30 -37.81
O3 SO4 O . -48.60 17.67 -38.27
O4 SO4 O . -49.65 16.40 -40.02
S SO4 P . 3.98 3.49 -29.15
O1 SO4 P . 4.13 3.25 -27.68
O2 SO4 P . 2.77 2.84 -29.69
O3 SO4 P . 3.91 4.97 -29.41
O4 SO4 P . 5.16 2.91 -29.88
S SO4 Q . 45.28 0.57 -16.14
O1 SO4 Q . 44.95 -0.89 -16.13
O2 SO4 Q . 44.06 1.39 -16.43
O3 SO4 Q . 45.82 0.94 -14.79
O4 SO4 Q . 46.30 0.84 -17.21
S SO4 R . -3.43 11.98 -27.57
O1 SO4 R . -2.11 11.32 -27.57
O2 SO4 R . -4.27 11.27 -26.54
O3 SO4 R . -3.34 13.41 -27.22
O4 SO4 R . -4.07 11.83 -28.92
S SO4 S . 33.86 -17.64 -28.03
O1 SO4 S . 34.91 -18.37 -28.81
O2 SO4 S . 32.56 -18.36 -28.13
O3 SO4 S . 34.31 -17.57 -26.60
O4 SO4 S . 33.69 -16.24 -28.55
S SO4 T . -31.05 14.70 11.89
O1 SO4 T . -30.55 13.48 11.16
O2 SO4 T . -32.52 14.55 12.15
O3 SO4 T . -30.30 14.80 13.18
O4 SO4 T . -30.79 15.93 11.07
S SO4 U . 0.27 11.62 -25.57
O1 SO4 U . -0.77 10.55 -25.37
O2 SO4 U . -0.35 12.72 -26.33
O3 SO4 U . 0.71 12.15 -24.24
O4 SO4 U . 1.44 11.08 -26.33
PA FAD V . -3.42 22.48 18.71
O1A FAD V . -3.20 22.13 17.22
O2A FAD V . -4.54 23.31 19.09
O5B FAD V . -3.71 21.33 19.63
C5B FAD V . -3.06 20.10 19.35
C4B FAD V . -3.27 19.13 20.52
O4B FAD V . -4.53 18.52 20.43
C3B FAD V . -2.31 17.97 20.55
O3B FAD V . -1.06 18.28 21.07
C2B FAD V . -3.04 17.01 21.43
O2B FAD V . -2.94 17.38 22.77
C1B FAD V . -4.44 17.25 21.01
N9A FAD V . -4.97 16.31 20.05
C8A FAD V . -4.52 16.09 18.76
N7A FAD V . -5.29 15.15 18.19
C5A FAD V . -6.26 14.74 19.09
C6A FAD V . -7.30 13.84 19.06
N6A FAD V . -7.57 13.06 17.88
N1A FAD V . -8.08 13.68 20.14
C2A FAD V . -7.88 14.38 21.29
N3A FAD V . -6.87 15.28 21.35
C4A FAD V . -6.07 15.47 20.29
N1 FAD V . 2.24 18.96 26.98
C2 FAD V . 2.41 17.99 28.01
O2 FAD V . 1.84 16.79 27.86
N3 FAD V . 3.15 18.27 29.14
C4 FAD V . 3.75 19.48 29.31
O4 FAD V . 4.47 19.76 30.44
C4X FAD V . 3.60 20.54 28.27
N5 FAD V . 4.15 21.79 28.43
C5X FAD V . 3.94 22.76 27.46
C6 FAD V . 4.50 24.04 27.62
C7 FAD V . 4.29 24.98 26.63
C7M FAD V . 4.88 26.36 26.78
C8 FAD V . 3.54 24.70 25.51
C8M FAD V . 3.33 25.76 24.46
C9 FAD V . 2.98 23.44 25.34
C9A FAD V . 3.18 22.48 26.32
N10 FAD V . 2.61 21.19 26.14
C10 FAD V . 2.80 20.22 27.13
C1' FAD V . 1.73 20.92 24.97
C2' FAD V . 2.24 20.06 23.85
O2' FAD V . 3.60 20.09 23.85
C3' FAD V . 1.68 20.68 22.57
O3' FAD V . 2.40 21.83 22.32
C4' FAD V . 0.22 21.07 22.64
O4' FAD V . -0.55 19.99 22.99
C5' FAD V . -0.25 21.70 21.32
O5' FAD V . -1.48 22.34 21.60
P FAD V . -2.01 23.68 20.88
O1P FAD V . -3.14 24.49 21.61
O2P FAD V . -0.64 24.39 20.57
O3P FAD V . -2.25 23.16 19.36
C1 PEG W . 13.86 -45.91 3.10
O1 PEG W . 12.74 -46.33 2.33
C2 PEG W . 13.96 -46.71 4.36
O2 PEG W . 12.70 -46.86 4.97
C3 PEG W . 12.73 -46.54 6.33
C4 PEG W . 11.60 -47.27 7.01
O4 PEG W . 11.97 -48.63 7.18
C1 PGE X . 7.01 -15.09 -4.18
O1 PGE X . 6.45 -13.88 -4.66
C2 PGE X . 6.23 -15.48 -2.96
O2 PGE X . 6.92 -16.45 -2.23
C3 PGE X . 7.54 -16.00 -1.06
C4 PGE X . 6.63 -15.94 0.15
O4 PGE X . 6.03 -11.51 1.21
C6 PGE X . 5.45 -12.77 1.46
C5 PGE X . 6.48 -13.86 1.21
O3 PGE X . 5.99 -14.69 0.19
C1 PEG Y . 23.22 -29.67 31.48
O1 PEG Y . 24.12 -28.75 32.06
C2 PEG Y . 21.93 -29.68 32.25
O2 PEG Y . 22.17 -29.77 33.64
C3 PEG Y . 21.71 -31.00 34.16
C4 PEG Y . 22.03 -31.10 35.64
O4 PEG Y . 23.22 -30.41 35.90
C1 PEG Z . 21.02 14.66 43.97
O1 PEG Z . 21.80 13.47 43.91
C2 PEG Z . 21.59 15.58 45.02
O2 PEG Z . 21.04 15.29 46.29
C3 PEG Z . 20.09 16.25 46.71
C4 PEG Z . 18.80 15.58 47.12
O4 PEG Z . 18.88 15.12 48.45
O1 PG4 AA . -18.54 -8.25 18.62
C1 PG4 AA . -17.63 -9.22 19.10
C2 PG4 AA . -18.39 -10.45 19.52
O2 PG4 AA . -18.10 -11.51 18.64
C3 PG4 AA . -18.39 -12.79 19.16
C4 PG4 AA . -19.70 -13.32 18.63
O3 PG4 AA . -19.69 -13.43 17.22
C5 PG4 AA . -20.69 -14.28 16.71
C6 PG4 AA . -20.74 -14.23 15.19
O4 PG4 AA . -19.66 -14.96 14.63
C7 PG4 AA . -19.66 -14.94 13.22
C8 PG4 AA . -18.34 -15.37 12.65
O5 PG4 AA . -17.57 -14.22 12.39
C FMT BA . -18.04 7.55 37.24
O1 FMT BA . -19.25 7.86 37.32
O2 FMT BA . -17.35 7.39 36.21
C1 PEG CA . -11.46 -4.02 39.14
O1 PEG CA . -11.30 -3.02 40.13
C2 PEG CA . -10.71 -5.29 39.50
O2 PEG CA . -9.92 -5.11 40.65
C3 PEG CA . -10.04 -6.16 41.59
C4 PEG CA . -11.49 -6.51 41.82
O4 PEG CA . -11.60 -7.44 42.87
C FMT DA . -13.90 -41.59 40.24
O1 FMT DA . -13.47 -42.45 41.04
O2 FMT DA . -13.32 -41.07 39.26
C FMT EA . -0.96 -13.20 -2.42
O1 FMT EA . -0.25 -12.50 -1.67
O2 FMT EA . -2.15 -12.98 -2.78
C1 PEG FA . -4.92 -47.98 -0.65
O1 PEG FA . -4.00 -47.72 -1.68
C2 PEG FA . -6.34 -47.88 -1.13
O2 PEG FA . -7.21 -47.83 -0.03
C3 PEG FA . -6.90 -46.81 0.88
C4 PEG FA . -6.82 -47.36 2.28
O4 PEG FA . -6.32 -46.36 3.14
C FMT GA . 27.54 -31.46 32.13
O1 FMT GA . 27.97 -31.20 33.27
O2 FMT GA . 26.47 -31.08 31.59
S SO4 HA . -19.00 -14.61 38.43
O1 SO4 HA . -19.66 -15.87 37.92
O2 SO4 HA . -19.30 -13.47 37.51
O3 SO4 HA . -19.53 -14.32 39.79
O4 SO4 HA . -17.52 -14.78 38.51
S SO4 IA . -12.20 -14.34 4.11
O1 SO4 IA . -11.82 -15.10 5.34
O2 SO4 IA . -13.42 -14.94 3.51
O3 SO4 IA . -12.53 -12.94 4.50
O4 SO4 IA . -11.07 -14.39 3.16
S SO4 JA . 29.64 35.92 25.96
O1 SO4 JA . 30.49 34.70 26.11
O2 SO4 JA . 28.44 35.82 26.86
O3 SO4 JA . 30.44 37.13 26.35
O4 SO4 JA . 29.20 36.03 24.54
S SO4 KA . 9.61 -35.86 35.41
O1 SO4 KA . 9.07 -37.26 35.32
O2 SO4 KA . 8.57 -34.86 34.98
O3 SO4 KA . 10.02 -35.58 36.82
O4 SO4 KA . 10.80 -35.72 34.51
S SO4 LA . -0.75 -6.75 29.47
O1 SO4 LA . 0.02 -6.67 30.77
O2 SO4 LA . -2.20 -6.54 29.75
O3 SO4 LA . -0.27 -5.65 28.57
O4 SO4 LA . -0.46 -8.03 28.78
S SO4 MA . 5.82 -14.79 25.05
O1 SO4 MA . 6.30 -16.22 25.14
O2 SO4 MA . 4.50 -14.64 25.75
O3 SO4 MA . 6.80 -13.91 25.71
O4 SO4 MA . 5.65 -14.40 23.61
S SO4 NA . -1.99 -9.46 26.41
O1 SO4 NA . -1.61 -10.88 26.67
O2 SO4 NA . -3.01 -9.41 25.31
O3 SO4 NA . -2.61 -8.85 27.63
O4 SO4 NA . -0.78 -8.65 26.05
S SO4 OA . 24.45 18.43 47.76
O1 SO4 OA . 23.54 17.73 48.73
O2 SO4 OA . 23.64 18.91 46.58
O3 SO4 OA . 25.08 19.62 48.43
O4 SO4 OA . 25.51 17.48 47.29
S SO4 PA . 31.68 -0.85 13.86
O1 SO4 PA . 31.76 -2.23 13.28
O2 SO4 PA . 30.49 -0.71 14.75
O3 SO4 PA . 32.93 -0.57 14.65
O4 SO4 PA . 31.58 0.13 12.73
S SO4 QA . -10.91 32.92 4.50
O1 SO4 QA . -9.64 32.17 4.82
O2 SO4 QA . -11.97 32.56 5.50
O3 SO4 QA . -10.64 34.38 4.60
O4 SO4 QA . -11.35 32.53 3.11
#